data_8TYC
#
_entry.id   8TYC
#
loop_
_entity.id
_entity.type
_entity.pdbx_description
1 polymer 'Glycoprotein G1'
2 polymer 'Polyclonal antibody Base-1 heavy chain'
3 polymer 'Polyclonal antibody Base-1 light chain'
4 polymer 'Glycoprotein G2, 2-dehydro-3-deoxyphosphogluconate aldolase/4-hydroxy-2-oxoglutarate aldolase fusion protein'
5 branched 2-acetamido-2-deoxy-beta-D-glucopyranose-(1-4)-2-acetamido-2-deoxy-beta-D-glucopyranose
6 branched beta-D-mannopyranose-(1-4)-2-acetamido-2-deoxy-beta-D-glucopyranose-(1-4)-2-acetamido-2-deoxy-beta-D-glucopyranose
7 branched alpha-L-fucopyranose-(1-3)-2-acetamido-2-deoxy-beta-D-glucopyranose
8 branched 2-acetamido-2-deoxy-beta-D-glucopyranose-(1-4)-[alpha-L-fucopyranose-(1-6)]2-acetamido-2-deoxy-beta-D-glucopyranose
9 branched alpha-D-mannopyranose-(1-2)-alpha-D-mannopyranose-(1-3)-[alpha-D-mannopyranose-(1-6)]beta-D-mannopyranose-(1-4)-2-acetamido-2-deoxy-beta-D-glucopyranose-(1-4)-2-acetamido-2-deoxy-beta-D-glucopyranose
10 non-polymer 2-acetamido-2-deoxy-beta-D-glucopyranose
#
loop_
_entity_poly.entity_id
_entity_poly.type
_entity_poly.pdbx_seq_one_letter_code
_entity_poly.pdbx_strand_id
1 'polypeptide(L)'
;MGQIVTFFQEVPHVIEEVMNIVLIALSVLAVLKGLYNFATCGLVGLVTFLLLCGRSCTTSLYKGVYELQTLELNMETLNM
TMPLSCTKNNSHHYIMVGNETGLELTLTNTSIINHKFCNLSDAHKKNLYDHALMSIISTFHLSIPNFNQYEAMSCDFNGG
KISVQYNLSHSYAGDAANHCGTVANGVLQTFMRMAWGGSYIALDSGCGNWDCIMTSYQYLIIQNTTWEDHCQFSRPSPIG
YLGLLSQRTRDIYISRRLL
;
A,B,C
2 'polypeptide(L)'
;(UNK)(UNK)(UNK)(UNK)(UNK)(UNK)(UNK)(UNK)(UNK)(UNK)(UNK)(UNK)(UNK)(UNK)(UNK)(UNK)
(UNK)(UNK)(UNK)(UNK)(UNK)(UNK)(UNK)(UNK)(UNK)(UNK)(UNK)(UNK)(UNK)(UNK)(UNK)(UNK)
(UNK)(UNK)(UNK)(UNK)(UNK)(UNK)(UNK)(UNK)(UNK)(UNK)(UNK)(UNK)(UNK)(UNK)(UNK)(UNK)
(UNK)(UNK)(UNK)(UNK)(UNK)(UNK)(UNK)(UNK)(UNK)(UNK)(UNK)(UNK)(UNK)(UNK)(UNK)(UNK)
(UNK)(UNK)(UNK)(UNK)(UNK)(UNK)(UNK)(UNK)(UNK)(UNK)(UNK)(UNK)(UNK)(UNK)(UNK)(UNK)
(UNK)(UNK)(UNK)(UNK)(UNK)(UNK)(UNK)(UNK)(UNK)(UNK)(UNK)(UNK)(UNK)(UNK)(UNK)(UNK)
(UNK)(UNK)(UNK)(UNK)(UNK)(UNK)(UNK)(UNK)(UNK)(UNK)(UNK)(UNK)
;
H
3 'polypeptide(L)'
;(UNK)(UNK)(UNK)(UNK)(UNK)(UNK)(UNK)(UNK)(UNK)(UNK)(UNK)(UNK)(UNK)(UNK)(UNK)(UNK)
(UNK)(UNK)(UNK)(UNK)(UNK)(UNK)(UNK)(UNK)(UNK)(UNK)(UNK)(UNK)(UNK)(UNK)(UNK)(UNK)
(UNK)(UNK)(UNK)(UNK)(UNK)(UNK)(UNK)(UNK)(UNK)(UNK)(UNK)(UNK)(UNK)(UNK)(UNK)(UNK)
(UNK)(UNK)(UNK)(UNK)(UNK)(UNK)(UNK)(UNK)(UNK)(UNK)(UNK)(UNK)(UNK)(UNK)(UNK)(UNK)
(UNK)(UNK)(UNK)(UNK)(UNK)(UNK)(UNK)(UNK)(UNK)(UNK)(UNK)(UNK)(UNK)(UNK)(UNK)(UNK)
(UNK)(UNK)(UNK)(UNK)(UNK)(UNK)(UNK)(UNK)(UNK)(UNK)(UNK)(UNK)(UNK)(UNK)(UNK)(UNK)
(UNK)(UNK)(UNK)(UNK)(UNK)(UNK)(UNK)(UNK)(UNK)(UNK)(UNK)
;
L
4 'polypeptide(L)'
;GTFTWTLSDSEGKDTPGGYCLTRWMLIEAELKCFGNTAVAKCNEKHDEEFCDMLRLFDFNKQAIQRLKAPAQMSIQLINK
AVNALINDQLIMKNHLRDIMCIPYCNYSKYWYLNHTTTGRTSLPKCWLVSNGSYLNETHFSDDIEQQADNMITEMLQKEY
MERQGGSGGSGGSGGSGGSEKAAKAEEAARKMEELFKKHKIVAVLRANSVEEAIEKAVAVFAGGVHLIEITFTVPDADTV
IKALSVLKEKGAIIGAGTVTSVEQCRKAVESGAEFIVSPHLDEEISQFCKEKGVFYMPGVMTPTELVKAMKLGHDILKLF
PGEVVGPEFVKAMKGPFPNVKFVPTGGVDLDNVCEWFDAGVLAVGVGDALVEGDPDEVREKAKEFVEKIRGCTEGSLEWS
HPQFEK
;
a,b,c
#
# COMPACT_ATOMS: atom_id res chain seq x y z
N SER A 60 16.24 28.26 26.90
CA SER A 60 16.93 27.97 25.66
C SER A 60 16.14 28.57 24.47
N LEU A 61 16.67 29.68 23.89
CA LEU A 61 16.08 30.44 22.78
C LEU A 61 16.75 30.14 21.43
N TYR A 62 15.95 29.64 20.51
CA TYR A 62 16.39 29.25 19.18
C TYR A 62 16.13 30.35 18.16
N LYS A 63 17.17 30.68 17.41
CA LYS A 63 17.18 31.70 16.34
C LYS A 63 16.84 33.10 16.85
N GLY A 64 16.78 33.28 18.16
CA GLY A 64 16.44 34.56 18.77
C GLY A 64 14.91 34.75 18.73
N VAL A 65 14.19 33.72 18.29
CA VAL A 65 12.75 33.76 18.10
C VAL A 65 11.93 32.79 18.96
N TYR A 66 12.40 31.55 19.15
CA TYR A 66 11.54 30.57 19.81
C TYR A 66 12.09 30.00 21.08
N GLU A 67 11.22 29.86 22.06
CA GLU A 67 11.62 29.25 23.30
C GLU A 67 11.31 27.77 23.26
N LEU A 68 12.26 26.97 23.71
CA LEU A 68 11.98 25.55 23.76
C LEU A 68 11.18 25.25 25.00
N GLN A 69 10.04 24.63 24.81
CA GLN A 69 9.16 24.30 25.91
C GLN A 69 8.81 22.84 25.89
N THR A 70 8.50 22.29 27.05
CA THR A 70 8.14 20.90 27.10
C THR A 70 6.72 20.67 27.54
N LEU A 71 6.27 19.48 27.20
CA LEU A 71 4.96 18.96 27.49
C LEU A 71 5.08 17.51 27.92
N GLU A 72 4.42 17.11 28.99
CA GLU A 72 4.43 15.70 29.33
C GLU A 72 3.01 15.27 29.47
N LEU A 73 2.64 14.19 28.80
CA LEU A 73 1.26 13.75 28.82
C LEU A 73 0.89 12.92 30.02
N ASN A 74 -0.29 13.18 30.55
CA ASN A 74 -0.81 12.41 31.64
C ASN A 74 -1.70 11.36 31.06
N MET A 75 -1.20 10.16 30.93
CA MET A 75 -1.95 9.16 30.23
C MET A 75 -2.92 8.48 31.14
N GLU A 76 -2.95 8.91 32.39
CA GLU A 76 -3.84 8.32 33.36
C GLU A 76 -5.28 8.61 32.99
N THR A 77 -5.57 9.69 32.26
CA THR A 77 -6.96 9.99 31.98
C THR A 77 -7.54 9.07 30.93
N LEU A 78 -6.69 8.27 30.29
CA LEU A 78 -7.12 7.33 29.28
C LEU A 78 -7.61 5.97 29.90
N ASN A 79 -7.50 5.79 31.25
CA ASN A 79 -7.83 4.60 32.04
C ASN A 79 -9.21 4.00 31.74
N MET A 80 -10.24 4.86 31.54
CA MET A 80 -11.63 4.50 31.24
C MET A 80 -11.84 3.88 29.88
N THR A 81 -10.93 4.08 28.94
CA THR A 81 -11.13 3.52 27.61
C THR A 81 -10.13 2.42 27.26
N MET A 82 -8.91 2.51 27.74
CA MET A 82 -7.90 1.54 27.30
C MET A 82 -6.95 1.14 28.43
N PRO A 83 -6.42 -0.08 28.47
CA PRO A 83 -5.47 -0.54 29.47
C PRO A 83 -4.20 0.28 29.46
N LEU A 84 -3.64 0.53 30.63
CA LEU A 84 -2.38 1.28 30.74
C LEU A 84 -1.34 0.48 31.48
N SER A 85 -0.14 0.32 30.94
CA SER A 85 0.85 -0.46 31.67
C SER A 85 2.04 0.39 32.12
N CYS A 86 2.76 -0.06 33.18
CA CYS A 86 3.94 0.62 33.74
C CYS A 86 4.86 -0.33 34.49
N THR A 87 6.02 0.19 34.85
CA THR A 87 7.03 -0.53 35.60
C THR A 87 7.15 -0.05 37.05
N LYS A 88 7.15 -1.01 37.98
CA LYS A 88 7.43 -0.72 39.39
C LYS A 88 8.94 -0.87 39.63
N ASN A 89 9.50 -2.07 39.31
CA ASN A 89 10.90 -2.46 39.47
C ASN A 89 11.22 -3.62 38.51
N ASN A 90 12.44 -4.23 38.59
CA ASN A 90 12.87 -5.30 37.67
C ASN A 90 11.99 -6.54 37.67
N SER A 91 11.45 -6.88 38.83
CA SER A 91 10.61 -8.06 38.92
C SER A 91 9.14 -7.77 38.72
N HIS A 92 8.70 -6.53 38.90
CA HIS A 92 7.26 -6.26 38.76
C HIS A 92 6.83 -5.10 37.86
N HIS A 93 5.92 -5.48 36.96
CA HIS A 93 5.30 -4.62 35.95
C HIS A 93 3.79 -4.83 36.01
N TYR A 94 3.01 -3.80 35.67
CA TYR A 94 1.55 -3.90 35.76
C TYR A 94 0.77 -3.39 34.57
N ILE A 95 -0.42 -3.96 34.35
CA ILE A 95 -1.40 -3.45 33.36
C ILE A 95 -2.67 -3.08 34.08
N MET A 96 -3.04 -1.82 34.09
CA MET A 96 -4.25 -1.40 34.79
C MET A 96 -5.43 -1.20 33.87
N VAL A 97 -6.58 -1.66 34.33
CA VAL A 97 -7.82 -1.56 33.60
C VAL A 97 -8.88 -0.75 34.36
N GLY A 98 -9.30 0.31 33.72
CA GLY A 98 -10.24 1.22 34.31
C GLY A 98 -9.53 1.75 35.55
N ASN A 99 -10.26 1.89 36.66
CA ASN A 99 -9.76 2.32 37.98
C ASN A 99 -9.96 1.24 39.06
N GLU A 100 -10.26 -0.02 38.66
CA GLU A 100 -10.56 -1.13 39.58
C GLU A 100 -9.62 -2.30 39.56
N THR A 101 -9.11 -2.67 38.39
CA THR A 101 -8.35 -3.90 38.33
C THR A 101 -7.24 -3.87 37.32
N GLY A 102 -6.73 -5.03 37.02
CA GLY A 102 -5.63 -5.14 36.11
C GLY A 102 -4.83 -6.39 36.37
N LEU A 103 -3.72 -6.49 35.68
CA LEU A 103 -2.86 -7.64 35.81
C LEU A 103 -1.50 -7.28 36.39
N GLU A 104 -0.99 -8.18 37.19
CA GLU A 104 0.35 -8.09 37.74
C GLU A 104 1.22 -9.03 36.95
N LEU A 105 2.32 -8.52 36.42
CA LEU A 105 3.24 -9.31 35.63
C LEU A 105 4.53 -9.42 36.37
N THR A 106 4.81 -10.61 36.89
CA THR A 106 5.97 -10.73 37.73
C THR A 106 7.00 -11.72 37.22
N LEU A 107 8.25 -11.30 37.29
CA LEU A 107 9.36 -12.13 36.94
C LEU A 107 9.95 -12.64 38.21
N THR A 108 9.83 -13.92 38.40
CA THR A 108 10.27 -14.52 39.63
C THR A 108 11.03 -15.81 39.44
N ASN A 109 11.59 -16.35 40.55
CA ASN A 109 12.21 -17.69 40.60
C ASN A 109 11.30 -18.70 41.35
N THR A 110 10.08 -18.28 41.77
CA THR A 110 9.09 -19.09 42.50
C THR A 110 7.91 -19.44 41.63
N SER A 111 7.65 -20.72 41.48
CA SER A 111 6.53 -21.20 40.72
C SER A 111 5.27 -21.10 41.54
N ILE A 112 4.10 -21.04 40.91
CA ILE A 112 2.89 -21.06 41.71
C ILE A 112 1.92 -22.15 41.28
N ILE A 113 1.86 -22.46 39.99
CA ILE A 113 0.86 -23.41 39.54
C ILE A 113 1.29 -24.84 39.81
N ASN A 114 2.51 -25.17 39.45
CA ASN A 114 3.09 -26.48 39.68
C ASN A 114 2.35 -27.68 39.09
N HIS A 115 1.82 -27.51 37.91
CA HIS A 115 1.17 -28.58 37.18
C HIS A 115 1.13 -28.20 35.71
N LYS A 116 0.65 -29.11 34.88
CA LYS A 116 0.62 -28.98 33.43
C LYS A 116 -0.73 -28.67 32.80
N PHE A 117 -1.73 -28.32 33.59
CA PHE A 117 -3.04 -28.08 33.02
C PHE A 117 -3.27 -26.60 32.78
N CYS A 118 -4.10 -26.27 31.77
CA CYS A 118 -4.56 -24.92 31.47
C CYS A 118 -5.98 -25.01 30.93
N ASN A 119 -6.93 -24.90 31.83
CA ASN A 119 -8.32 -25.18 31.47
C ASN A 119 -9.05 -23.94 30.95
N LEU A 120 -8.68 -23.51 29.73
CA LEU A 120 -9.31 -22.37 29.03
C LEU A 120 -10.74 -22.68 28.62
N SER A 121 -10.99 -23.91 28.17
CA SER A 121 -12.32 -24.25 27.73
C SER A 121 -13.28 -24.27 28.90
N ASP A 122 -12.78 -24.60 30.08
CA ASP A 122 -13.63 -24.65 31.24
C ASP A 122 -13.92 -23.23 31.67
N ALA A 123 -12.90 -22.37 31.60
CA ALA A 123 -13.09 -20.99 31.97
C ALA A 123 -14.11 -20.31 31.11
N HIS A 124 -14.09 -20.61 29.80
CA HIS A 124 -14.98 -19.97 28.87
C HIS A 124 -16.39 -20.42 29.09
N LYS A 125 -16.59 -21.69 29.38
CA LYS A 125 -17.92 -22.16 29.62
C LYS A 125 -18.52 -21.52 30.86
N LYS A 126 -17.75 -21.47 31.94
CA LYS A 126 -18.24 -20.91 33.20
C LYS A 126 -18.45 -19.40 33.14
N ASN A 127 -17.61 -18.70 32.40
CA ASN A 127 -17.71 -17.25 32.25
C ASN A 127 -17.70 -16.45 33.54
N LEU A 128 -16.81 -16.80 34.46
CA LEU A 128 -16.72 -16.09 35.73
C LEU A 128 -15.60 -15.05 35.76
N TYR A 129 -14.86 -14.96 34.68
CA TYR A 129 -13.71 -14.09 34.60
C TYR A 129 -14.10 -12.72 34.09
N ASP A 130 -13.30 -11.73 34.42
CA ASP A 130 -13.49 -10.40 33.89
C ASP A 130 -13.11 -10.42 32.43
N HIS A 131 -14.03 -10.04 31.56
CA HIS A 131 -13.76 -10.12 30.14
C HIS A 131 -12.64 -9.21 29.68
N ALA A 132 -12.48 -8.05 30.33
CA ALA A 132 -11.43 -7.15 29.87
C ALA A 132 -10.08 -7.78 30.11
N LEU A 133 -9.98 -8.57 31.17
CA LEU A 133 -8.71 -9.15 31.50
C LEU A 133 -8.47 -10.41 30.68
N MET A 134 -9.53 -11.17 30.35
CA MET A 134 -9.30 -12.35 29.52
C MET A 134 -8.84 -11.90 28.15
N SER A 135 -9.35 -10.77 27.69
CA SER A 135 -8.98 -10.22 26.41
C SER A 135 -7.50 -9.89 26.40
N ILE A 136 -7.01 -9.29 27.48
CA ILE A 136 -5.59 -8.95 27.58
C ILE A 136 -4.73 -10.21 27.59
N ILE A 137 -5.14 -11.24 28.33
CA ILE A 137 -4.36 -12.48 28.37
C ILE A 137 -4.31 -13.10 26.99
N SER A 138 -5.43 -13.10 26.27
CA SER A 138 -5.41 -13.67 24.94
C SER A 138 -4.51 -12.90 24.01
N THR A 139 -4.51 -11.55 24.08
CA THR A 139 -3.65 -10.76 23.23
C THR A 139 -2.20 -11.06 23.53
N PHE A 140 -1.85 -11.18 24.81
CA PHE A 140 -0.48 -11.49 25.14
C PHE A 140 -0.07 -12.84 24.57
N HIS A 141 -0.87 -13.87 24.83
CA HIS A 141 -0.48 -15.21 24.42
C HIS A 141 -0.32 -15.40 22.94
N LEU A 142 -1.22 -14.83 22.17
CA LEU A 142 -1.18 -15.00 20.73
C LEU A 142 -0.10 -14.18 20.08
N SER A 143 0.55 -13.31 20.84
CA SER A 143 1.57 -12.47 20.29
C SER A 143 2.94 -13.13 20.39
N ILE A 144 3.04 -14.30 21.05
CA ILE A 144 4.35 -14.96 21.19
C ILE A 144 4.71 -15.54 19.81
N PRO A 145 5.80 -15.08 19.17
CA PRO A 145 6.21 -15.41 17.80
C PRO A 145 6.33 -16.85 17.36
N ASN A 146 6.79 -17.72 18.21
CA ASN A 146 6.97 -19.09 17.81
C ASN A 146 6.65 -19.99 18.96
N PHE A 147 5.43 -19.96 19.41
CA PHE A 147 5.14 -20.76 20.57
C PHE A 147 4.75 -22.15 20.17
N ASN A 148 5.61 -23.13 20.46
CA ASN A 148 5.25 -24.48 20.11
C ASN A 148 5.31 -25.42 21.30
N GLN A 149 5.62 -24.89 22.49
CA GLN A 149 5.70 -25.73 23.66
C GLN A 149 4.52 -25.58 24.55
N TYR A 150 3.46 -26.35 24.30
CA TYR A 150 2.22 -26.26 25.12
C TYR A 150 2.54 -26.44 26.62
N GLU A 151 3.57 -27.23 26.95
CA GLU A 151 3.89 -27.54 28.33
C GLU A 151 4.42 -26.32 29.07
N ALA A 152 4.94 -25.35 28.31
CA ALA A 152 5.53 -24.14 28.84
C ALA A 152 4.51 -23.25 29.52
N MET A 153 3.24 -23.29 29.11
CA MET A 153 2.27 -22.41 29.74
C MET A 153 1.20 -23.19 30.48
N SER A 154 1.09 -22.96 31.76
CA SER A 154 0.06 -23.61 32.56
C SER A 154 -0.85 -22.50 33.05
N CYS A 155 -2.13 -22.79 33.42
CA CYS A 155 -3.04 -21.75 33.92
C CYS A 155 -4.09 -22.32 34.87
N ASP A 156 -4.69 -21.42 35.60
CA ASP A 156 -5.76 -21.71 36.54
C ASP A 156 -6.77 -20.59 36.56
N PHE A 157 -7.99 -20.89 36.11
CA PHE A 157 -9.03 -19.87 36.09
C PHE A 157 -10.14 -20.12 37.08
N ASN A 158 -9.85 -20.91 38.10
CA ASN A 158 -10.86 -21.26 39.06
C ASN A 158 -11.50 -20.08 39.77
N GLY A 159 -12.82 -20.06 39.72
CA GLY A 159 -13.60 -19.04 40.42
C GLY A 159 -13.63 -17.71 39.72
N GLY A 160 -13.05 -17.62 38.53
CA GLY A 160 -12.99 -16.36 37.83
C GLY A 160 -11.68 -15.66 38.08
N LYS A 161 -10.79 -16.33 38.80
CA LYS A 161 -9.46 -15.82 39.08
C LYS A 161 -8.63 -16.00 37.83
N ILE A 162 -7.64 -15.16 37.60
CA ILE A 162 -6.71 -15.38 36.51
C ILE A 162 -5.33 -15.66 37.01
N SER A 163 -4.81 -16.85 36.69
CA SER A 163 -3.44 -17.20 36.99
C SER A 163 -2.77 -17.89 35.81
N VAL A 164 -1.80 -17.21 35.21
CA VAL A 164 -1.09 -17.72 34.03
C VAL A 164 0.42 -17.80 34.26
N GLN A 165 1.02 -18.96 34.07
CA GLN A 165 2.46 -19.08 34.29
C GLN A 165 3.26 -19.60 33.13
N TYR A 166 4.27 -18.84 32.74
CA TYR A 166 5.16 -19.27 31.68
C TYR A 166 6.49 -19.72 32.28
N ASN A 167 6.98 -20.92 31.87
CA ASN A 167 8.25 -21.52 32.25
C ASN A 167 9.35 -21.10 31.27
N LEU A 168 10.32 -20.26 31.72
CA LEU A 168 11.37 -19.65 30.92
C LEU A 168 12.70 -20.40 31.07
N SER A 169 12.70 -21.57 31.74
CA SER A 169 13.96 -22.25 32.05
C SER A 169 14.84 -22.82 30.93
N HIS A 170 14.30 -23.16 29.77
CA HIS A 170 15.17 -23.71 28.73
C HIS A 170 15.90 -22.65 27.90
N SER A 171 16.88 -22.00 28.56
CA SER A 171 17.66 -20.88 28.04
C SER A 171 18.99 -20.80 28.78
N HIS A 179 20.08 -21.44 23.72
CA HIS A 179 19.36 -20.28 24.26
C HIS A 179 18.71 -19.36 23.17
N CYS A 180 19.05 -19.55 21.88
CA CYS A 180 18.58 -18.77 20.74
C CYS A 180 17.33 -19.42 20.14
N GLY A 181 16.32 -18.61 19.87
CA GLY A 181 15.11 -19.16 19.26
C GLY A 181 14.32 -20.04 20.23
N THR A 182 14.41 -19.77 21.51
CA THR A 182 13.72 -20.58 22.52
C THR A 182 12.43 -19.97 22.99
N VAL A 183 11.77 -20.68 23.91
CA VAL A 183 10.48 -20.20 24.39
C VAL A 183 10.66 -18.94 25.19
N ALA A 184 11.66 -18.94 26.06
CA ALA A 184 11.88 -17.77 26.87
C ALA A 184 12.10 -16.56 26.01
N ASN A 185 12.76 -16.73 24.89
CA ASN A 185 13.00 -15.62 24.00
C ASN A 185 11.67 -15.08 23.52
N GLY A 186 10.81 -15.95 22.99
CA GLY A 186 9.53 -15.46 22.48
C GLY A 186 8.64 -14.82 23.56
N VAL A 187 8.66 -15.39 24.76
CA VAL A 187 7.83 -14.88 25.83
C VAL A 187 8.33 -13.53 26.27
N LEU A 188 9.64 -13.41 26.44
CA LEU A 188 10.23 -12.17 26.86
C LEU A 188 10.04 -11.10 25.81
N GLN A 189 10.10 -11.45 24.52
CA GLN A 189 9.89 -10.41 23.52
C GLN A 189 8.48 -9.85 23.63
N THR A 190 7.50 -10.72 23.90
CA THR A 190 6.13 -10.25 24.03
C THR A 190 6.02 -9.35 25.25
N PHE A 191 6.66 -9.77 26.34
CA PHE A 191 6.72 -9.02 27.59
C PHE A 191 7.31 -7.65 27.33
N MET A 192 8.39 -7.63 26.55
CA MET A 192 9.06 -6.38 26.27
C MET A 192 8.12 -5.38 25.68
N ARG A 193 7.17 -5.81 24.86
CA ARG A 193 6.22 -4.86 24.33
C ARG A 193 5.04 -4.61 25.31
N MET A 194 4.53 -5.64 25.97
CA MET A 194 3.34 -5.46 26.81
C MET A 194 3.56 -4.46 27.94
N ALA A 195 4.76 -4.46 28.49
CA ALA A 195 5.11 -3.55 29.57
C ALA A 195 6.26 -2.70 29.13
N TRP A 196 6.23 -2.29 27.86
CA TRP A 196 7.32 -1.57 27.22
C TRP A 196 7.92 -0.46 28.03
N GLY A 197 7.08 0.37 28.64
CA GLY A 197 7.60 1.43 29.53
C GLY A 197 8.47 0.55 30.42
N GLY A 198 9.76 0.86 30.52
CA GLY A 198 10.68 0.08 31.36
C GLY A 198 10.85 -1.45 31.30
N SER A 199 10.33 -2.12 30.28
CA SER A 199 10.46 -3.58 30.27
C SER A 199 11.88 -4.12 30.22
N TYR A 200 12.78 -3.36 29.61
CA TYR A 200 14.17 -3.73 29.42
C TYR A 200 14.97 -3.91 30.70
N ILE A 201 14.51 -3.33 31.80
CA ILE A 201 15.33 -3.40 33.02
C ILE A 201 15.42 -4.82 33.57
N ALA A 202 14.49 -5.67 33.17
CA ALA A 202 14.45 -7.03 33.64
C ALA A 202 15.29 -8.00 32.80
N LEU A 203 15.93 -7.52 31.74
CA LEU A 203 16.68 -8.40 30.85
C LEU A 203 18.17 -8.38 31.10
N ASP A 204 18.86 -9.45 30.66
CA ASP A 204 20.31 -9.49 30.80
C ASP A 204 20.99 -8.55 29.83
N SER A 205 20.35 -8.30 28.68
CA SER A 205 20.90 -7.39 27.69
C SER A 205 19.82 -6.39 27.29
N GLY A 206 20.03 -5.13 27.67
CA GLY A 206 19.01 -4.10 27.43
C GLY A 206 18.62 -3.86 25.95
N CYS A 207 19.61 -3.91 25.03
CA CYS A 207 19.44 -3.72 23.59
C CYS A 207 20.60 -4.37 22.84
N GLY A 208 20.46 -4.48 21.52
CA GLY A 208 21.50 -5.01 20.65
C GLY A 208 21.37 -6.51 20.45
N ASN A 209 20.32 -7.08 21.04
CA ASN A 209 20.04 -8.49 20.98
C ASN A 209 18.56 -8.75 20.84
N TRP A 210 18.13 -9.16 19.66
CA TRP A 210 16.73 -9.40 19.46
C TRP A 210 16.34 -10.87 19.56
N ASP A 211 17.13 -11.73 18.93
CA ASP A 211 16.81 -13.15 18.79
C ASP A 211 17.18 -14.14 19.90
N CYS A 212 18.14 -13.77 20.79
CA CYS A 212 18.68 -14.65 21.83
C CYS A 212 18.55 -13.89 23.17
N ILE A 213 17.34 -13.45 23.51
CA ILE A 213 17.11 -12.66 24.71
C ILE A 213 17.00 -13.54 25.93
N MET A 214 17.73 -13.18 26.98
CA MET A 214 17.75 -13.96 28.18
C MET A 214 17.53 -13.11 29.41
N THR A 215 17.04 -13.77 30.46
CA THR A 215 16.88 -13.16 31.78
C THR A 215 17.19 -14.26 32.78
N SER A 216 17.56 -13.88 34.00
CA SER A 216 17.84 -14.82 35.07
C SER A 216 16.61 -15.39 35.76
N TYR A 217 15.47 -14.77 35.57
CA TYR A 217 14.25 -15.20 36.23
C TYR A 217 13.72 -16.44 35.54
N GLN A 218 13.27 -17.41 36.32
CA GLN A 218 12.72 -18.62 35.71
C GLN A 218 11.26 -18.56 35.31
N TYR A 219 10.47 -17.70 35.93
CA TYR A 219 9.06 -17.71 35.56
C TYR A 219 8.49 -16.33 35.29
N LEU A 220 7.57 -16.30 34.32
CA LEU A 220 6.75 -15.11 34.10
C LEU A 220 5.35 -15.42 34.50
N ILE A 221 4.91 -14.79 35.57
CA ILE A 221 3.60 -15.06 36.09
C ILE A 221 2.68 -13.89 35.98
N ILE A 222 1.52 -14.12 35.39
CA ILE A 222 0.55 -13.07 35.23
C ILE A 222 -0.70 -13.41 36.04
N GLN A 223 -1.07 -12.51 36.94
CA GLN A 223 -2.26 -12.74 37.77
C GLN A 223 -3.14 -11.50 37.84
N ASN A 224 -4.47 -11.68 38.08
CA ASN A 224 -5.38 -10.55 38.32
C ASN A 224 -5.09 -9.93 39.71
N THR A 225 -5.09 -8.60 39.75
CA THR A 225 -4.86 -7.77 40.93
C THR A 225 -5.84 -6.65 41.02
N THR A 226 -5.61 -5.76 41.96
CA THR A 226 -6.49 -4.62 42.12
C THR A 226 -5.77 -3.34 41.79
N TRP A 227 -6.54 -2.29 41.61
CA TRP A 227 -5.98 -0.98 41.41
C TRP A 227 -5.24 -0.54 42.65
N GLU A 228 -4.13 0.13 42.41
CA GLU A 228 -3.27 0.75 43.40
C GLU A 228 -2.20 1.46 42.59
N ASP A 229 -1.57 2.44 43.17
CA ASP A 229 -0.55 3.09 42.39
C ASP A 229 0.71 2.27 42.44
N HIS A 230 0.87 1.50 41.40
CA HIS A 230 1.95 0.56 41.24
C HIS A 230 3.09 1.03 40.30
N CYS A 231 3.13 2.33 39.93
CA CYS A 231 4.10 2.88 38.97
C CYS A 231 5.21 3.62 39.71
N GLN A 232 6.44 3.15 39.55
CA GLN A 232 7.54 3.78 40.28
C GLN A 232 8.70 4.07 39.36
N PHE A 233 8.87 3.22 38.37
CA PHE A 233 10.00 3.30 37.46
C PHE A 233 9.58 4.05 36.19
N SER A 234 8.33 3.85 35.78
CA SER A 234 7.80 4.48 34.57
C SER A 234 6.34 4.85 34.77
N ARG A 235 5.86 5.82 33.99
CA ARG A 235 4.45 6.22 34.02
C ARG A 235 3.57 5.25 33.23
N PRO A 236 2.25 5.17 33.49
CA PRO A 236 1.27 4.39 32.77
C PRO A 236 1.24 4.77 31.30
N SER A 237 1.07 3.76 30.44
CA SER A 237 0.98 4.00 29.02
C SER A 237 0.16 2.95 28.27
N PRO A 238 -0.70 3.35 27.33
CA PRO A 238 -1.53 2.48 26.53
C PRO A 238 -0.79 1.84 25.40
N ILE A 239 0.45 2.28 25.18
CA ILE A 239 1.18 1.89 24.00
C ILE A 239 1.50 0.42 23.90
N GLY A 240 1.88 -0.21 25.00
CA GLY A 240 2.24 -1.62 24.91
C GLY A 240 1.08 -2.43 24.38
N TYR A 241 -0.07 -2.33 25.04
CA TYR A 241 -1.22 -3.08 24.61
C TYR A 241 -1.63 -2.73 23.19
N LEU A 242 -1.73 -1.44 22.87
CA LEU A 242 -2.22 -1.09 21.55
C LEU A 242 -1.25 -1.58 20.48
N GLY A 243 0.04 -1.49 20.76
CA GLY A 243 1.09 -1.93 19.86
C GLY A 243 1.02 -3.41 19.55
N LEU A 244 0.59 -4.21 20.53
CA LEU A 244 0.43 -5.64 20.34
C LEU A 244 -0.81 -5.99 19.56
N LEU A 245 -1.85 -5.19 19.62
CA LEU A 245 -3.06 -5.59 18.94
C LEU A 245 -2.88 -5.77 17.44
N SER A 246 -2.11 -4.93 16.78
CA SER A 246 -2.02 -5.07 15.32
C SER A 246 -1.18 -6.26 14.89
N GLN A 247 -0.41 -6.84 15.80
CA GLN A 247 0.45 -7.95 15.46
C GLN A 247 0.04 -9.17 16.23
N ARG A 248 -1.13 -9.08 16.81
CA ARG A 248 -1.70 -10.06 17.69
C ARG A 248 -1.75 -11.45 17.14
N THR A 249 -2.04 -11.60 15.86
CA THR A 249 -2.08 -12.94 15.31
C THR A 249 -1.13 -13.14 14.15
N ARG A 250 -0.11 -12.29 14.02
CA ARG A 250 0.76 -12.38 12.85
C ARG A 250 1.88 -13.42 12.86
N ASP A 251 2.28 -13.91 14.02
CA ASP A 251 3.38 -14.86 14.06
C ASP A 251 2.99 -16.09 14.84
N ILE A 252 2.27 -16.96 14.15
CA ILE A 252 1.69 -18.17 14.69
C ILE A 252 1.99 -19.39 13.83
N TYR A 253 2.38 -20.50 14.46
CA TYR A 253 2.59 -21.72 13.70
C TYR A 253 1.28 -22.40 13.38
N ILE A 254 1.21 -23.09 12.27
CA ILE A 254 0.02 -23.89 12.04
C ILE A 254 0.04 -25.07 12.98
N SER A 255 -1.10 -25.35 13.61
CA SER A 255 -1.24 -26.46 14.54
C SER A 255 -2.26 -27.50 14.09
N ARG A 256 -2.98 -27.20 13.02
CA ARG A 256 -4.02 -28.07 12.47
C ARG A 256 -3.97 -28.02 10.97
N ARG A 257 -4.32 -29.11 10.29
CA ARG A 257 -4.41 -29.04 8.83
C ARG A 257 -5.60 -28.15 8.45
N LEU A 258 -6.69 -28.30 9.18
CA LEU A 258 -7.86 -27.49 8.90
C LEU A 258 -8.07 -26.47 10.03
N LEU A 259 -7.75 -25.18 9.75
CA LEU A 259 -7.75 -24.02 10.66
C LEU A 259 -7.14 -22.85 9.85
N SER B 60 19.61 6.50 -25.71
CA SER B 60 18.23 6.79 -25.39
C SER B 60 18.14 8.13 -24.64
N LEU B 61 18.42 9.24 -25.36
CA LEU B 61 18.41 10.62 -24.82
C LEU B 61 17.14 11.37 -25.18
N TYR B 62 16.25 11.50 -24.22
CA TYR B 62 14.94 12.04 -24.50
C TYR B 62 14.98 13.55 -24.51
N LYS B 63 14.46 14.08 -25.59
CA LYS B 63 14.40 15.51 -25.87
C LYS B 63 15.81 16.09 -25.98
N GLY B 64 16.84 15.25 -26.07
CA GLY B 64 18.19 15.75 -26.16
C GLY B 64 18.74 16.15 -24.80
N VAL B 65 17.95 15.94 -23.75
CA VAL B 65 18.32 16.35 -22.41
C VAL B 65 18.38 15.24 -21.38
N TYR B 66 17.39 14.34 -21.38
CA TYR B 66 17.28 13.37 -20.32
C TYR B 66 17.64 11.96 -20.73
N GLU B 67 18.72 11.44 -20.18
CA GLU B 67 19.15 10.12 -20.58
C GLU B 67 18.31 9.13 -19.82
N LEU B 68 17.86 8.09 -20.48
CA LEU B 68 17.14 7.07 -19.76
C LEU B 68 18.13 6.04 -19.32
N GLN B 69 18.25 5.88 -18.02
CA GLN B 69 19.21 4.96 -17.44
C GLN B 69 18.50 3.92 -16.64
N THR B 70 19.12 2.76 -16.49
CA THR B 70 18.49 1.72 -15.72
C THR B 70 19.29 1.25 -14.56
N LEU B 71 18.56 0.58 -13.67
CA LEU B 71 19.07 0.02 -12.45
C LEU B 71 18.49 -1.37 -12.19
N GLU B 72 19.32 -2.36 -11.89
CA GLU B 72 18.76 -3.66 -11.54
C GLU B 72 19.26 -4.01 -10.16
N LEU B 73 18.34 -4.39 -9.28
CA LEU B 73 18.69 -4.66 -7.89
C LEU B 73 19.20 -6.06 -7.64
N ASN B 74 20.22 -6.15 -6.79
CA ASN B 74 20.74 -7.42 -6.37
C ASN B 74 20.09 -7.78 -5.06
N MET B 75 19.06 -8.58 -5.10
CA MET B 75 18.32 -8.80 -3.89
C MET B 75 18.94 -9.89 -3.06
N GLU B 76 20.05 -10.44 -3.51
CA GLU B 76 20.70 -11.48 -2.72
C GLU B 76 21.28 -10.89 -1.48
N THR B 77 21.53 -9.58 -1.43
CA THR B 77 22.17 -9.04 -0.24
C THR B 77 21.22 -9.01 0.93
N LEU B 78 19.94 -9.26 0.67
CA LEU B 78 18.89 -9.30 1.66
C LEU B 78 18.71 -10.70 2.34
N ASN B 79 19.45 -11.76 1.87
CA ASN B 79 19.31 -13.17 2.29
C ASN B 79 19.38 -13.38 3.81
N MET B 80 20.19 -12.57 4.53
CA MET B 80 20.39 -12.66 5.97
C MET B 80 19.20 -12.20 6.81
N THR B 81 18.31 -11.37 6.27
CA THR B 81 17.19 -10.95 7.09
C THR B 81 15.83 -11.42 6.57
N MET B 82 15.73 -11.78 5.29
CA MET B 82 14.44 -12.21 4.78
C MET B 82 14.59 -13.29 3.73
N PRO B 83 13.67 -14.28 3.64
CA PRO B 83 13.67 -15.31 2.63
C PRO B 83 13.52 -14.73 1.24
N LEU B 84 14.19 -15.33 0.27
CA LEU B 84 14.10 -14.89 -1.12
C LEU B 84 13.64 -16.00 -2.03
N SER B 85 12.65 -15.77 -2.89
CA SER B 85 12.24 -16.88 -3.75
C SER B 85 12.57 -16.59 -5.20
N CYS B 86 12.75 -17.68 -6.01
CA CYS B 86 13.03 -17.62 -7.44
C CYS B 86 12.57 -18.89 -8.14
N THR B 87 12.51 -18.80 -9.44
CA THR B 87 12.17 -19.93 -10.28
C THR B 87 13.37 -20.49 -10.99
N LYS B 88 13.52 -21.81 -10.95
CA LYS B 88 14.58 -22.46 -11.72
C LYS B 88 14.05 -22.79 -13.13
N ASN B 89 12.88 -23.49 -13.18
CA ASN B 89 12.18 -23.92 -14.39
C ASN B 89 10.70 -24.10 -14.04
N ASN B 90 9.87 -24.63 -14.98
CA ASN B 90 8.43 -24.81 -14.75
C ASN B 90 8.07 -25.69 -13.55
N SER B 91 8.86 -26.71 -13.26
CA SER B 91 8.47 -27.58 -12.19
C SER B 91 9.19 -27.32 -10.87
N HIS B 92 10.38 -26.74 -10.90
CA HIS B 92 11.11 -26.48 -9.65
C HIS B 92 11.33 -25.00 -9.32
N HIS B 93 10.76 -24.60 -8.17
CA HIS B 93 10.81 -23.23 -7.67
C HIS B 93 11.40 -23.26 -6.25
N TYR B 94 12.12 -22.23 -5.84
CA TYR B 94 12.77 -22.24 -4.53
C TYR B 94 12.62 -21.01 -3.64
N ILE B 95 12.66 -21.23 -2.31
CA ILE B 95 12.71 -20.16 -1.30
C ILE B 95 13.99 -20.30 -0.49
N MET B 96 14.91 -19.36 -0.57
CA MET B 96 16.17 -19.47 0.15
C MET B 96 16.24 -18.65 1.42
N VAL B 97 16.85 -19.23 2.44
CA VAL B 97 17.05 -18.60 3.75
C VAL B 97 18.55 -18.47 4.09
N GLY B 98 19.00 -17.23 4.19
CA GLY B 98 20.40 -16.96 4.47
C GLY B 98 21.18 -17.59 3.34
N ASN B 99 22.33 -18.21 3.68
CA ASN B 99 23.21 -18.93 2.75
C ASN B 99 23.29 -20.43 3.08
N GLU B 100 22.36 -20.96 3.94
CA GLU B 100 22.37 -22.37 4.38
C GLU B 100 21.21 -23.24 3.94
N THR B 101 19.99 -22.71 3.89
CA THR B 101 18.87 -23.58 3.61
C THR B 101 17.73 -22.91 2.89
N GLY B 102 16.59 -23.58 2.87
CA GLY B 102 15.44 -23.08 2.18
C GLY B 102 14.50 -24.19 1.76
N LEU B 103 13.48 -23.82 1.02
CA LEU B 103 12.51 -24.80 0.58
C LEU B 103 12.48 -24.95 -0.92
N GLU B 104 12.28 -26.19 -1.32
CA GLU B 104 12.11 -26.57 -2.70
C GLU B 104 10.65 -26.84 -2.93
N LEU B 105 10.05 -26.13 -3.87
CA LEU B 105 8.63 -26.26 -4.18
C LEU B 105 8.49 -26.87 -5.54
N THR B 106 8.09 -28.13 -5.58
CA THR B 106 8.05 -28.83 -6.85
C THR B 106 6.67 -29.21 -7.33
N LEU B 107 6.39 -28.90 -8.57
CA LEU B 107 5.14 -29.32 -9.16
C LEU B 107 5.44 -30.58 -9.95
N THR B 108 4.88 -31.67 -9.51
CA THR B 108 5.15 -32.97 -10.11
C THR B 108 3.93 -33.85 -10.35
N ASN B 109 4.14 -34.98 -11.05
CA ASN B 109 3.16 -36.06 -11.23
C ASN B 109 3.43 -37.26 -10.29
N THR B 110 4.50 -37.19 -9.43
CA THR B 110 4.90 -38.26 -8.49
C THR B 110 4.80 -37.83 -7.03
N SER B 111 4.09 -38.62 -6.24
CA SER B 111 3.93 -38.40 -4.82
C SER B 111 5.16 -38.86 -4.06
N ILE B 112 5.34 -38.37 -2.83
CA ILE B 112 6.41 -38.90 -2.00
C ILE B 112 5.79 -39.39 -0.71
N ILE B 113 4.63 -38.84 -0.40
CA ILE B 113 3.89 -39.24 0.77
C ILE B 113 2.70 -40.02 0.29
N ASN B 114 2.53 -41.22 0.81
CA ASN B 114 1.42 -42.06 0.39
C ASN B 114 0.60 -42.59 1.55
N HIS B 115 0.12 -41.65 2.34
CA HIS B 115 -0.70 -41.86 3.51
C HIS B 115 -1.42 -40.56 3.80
N LYS B 116 -2.25 -40.54 4.84
CA LYS B 116 -3.01 -39.35 5.18
C LYS B 116 -2.72 -38.82 6.58
N PHE B 117 -1.51 -39.02 7.05
CA PHE B 117 -1.14 -38.54 8.36
C PHE B 117 -0.32 -37.28 8.19
N CYS B 118 -0.28 -36.44 9.23
CA CYS B 118 0.52 -35.23 9.25
C CYS B 118 1.25 -35.16 10.61
N ASN B 119 0.49 -35.20 11.69
CA ASN B 119 1.10 -35.17 13.02
C ASN B 119 1.96 -33.92 13.23
N LEU B 120 1.42 -32.76 12.83
CA LEU B 120 1.98 -31.43 12.95
C LEU B 120 2.22 -31.06 14.41
N SER B 121 1.32 -31.51 15.29
CA SER B 121 1.45 -31.27 16.71
C SER B 121 2.61 -32.02 17.33
N ASP B 122 3.05 -33.14 16.72
CA ASP B 122 4.17 -33.88 17.25
C ASP B 122 5.42 -33.13 16.89
N ALA B 123 5.45 -32.61 15.66
CA ALA B 123 6.60 -31.86 15.22
C ALA B 123 6.84 -30.69 16.14
N HIS B 124 5.75 -30.05 16.57
CA HIS B 124 5.86 -28.91 17.42
C HIS B 124 6.39 -29.25 18.77
N LYS B 125 5.91 -30.32 19.37
CA LYS B 125 6.43 -30.69 20.67
C LYS B 125 7.91 -31.02 20.62
N LYS B 126 8.31 -31.82 19.63
CA LYS B 126 9.70 -32.24 19.54
C LYS B 126 10.66 -31.08 19.26
N ASN B 127 10.24 -30.09 18.49
CA ASN B 127 11.04 -28.92 18.18
C ASN B 127 12.37 -29.23 17.50
N LEU B 128 12.39 -30.17 16.56
CA LEU B 128 13.62 -30.51 15.87
C LEU B 128 13.77 -29.84 14.52
N TYR B 129 12.76 -29.11 14.12
CA TYR B 129 12.73 -28.48 12.83
C TYR B 129 13.34 -27.12 12.88
N ASP B 130 13.78 -26.63 11.74
CA ASP B 130 14.30 -25.29 11.65
C ASP B 130 13.12 -24.35 11.72
N HIS B 131 13.13 -23.46 12.71
CA HIS B 131 12.02 -22.57 12.91
C HIS B 131 11.81 -21.66 11.74
N ALA B 132 12.88 -21.29 11.05
CA ALA B 132 12.72 -20.39 9.93
C ALA B 132 11.87 -21.02 8.84
N LEU B 133 12.03 -22.33 8.68
CA LEU B 133 11.31 -22.99 7.62
C LEU B 133 9.90 -23.33 8.05
N MET B 134 9.69 -23.62 9.33
CA MET B 134 8.33 -23.92 9.76
C MET B 134 7.47 -22.67 9.65
N SER B 135 8.10 -21.51 9.89
CA SER B 135 7.39 -20.24 9.79
C SER B 135 6.91 -20.03 8.36
N ILE B 136 7.78 -20.34 7.39
CA ILE B 136 7.42 -20.20 5.99
C ILE B 136 6.29 -21.15 5.63
N ILE B 137 6.34 -22.40 6.11
CA ILE B 137 5.27 -23.35 5.81
C ILE B 137 3.98 -22.85 6.39
N SER B 138 4.01 -22.33 7.60
CA SER B 138 2.79 -21.84 8.20
C SER B 138 2.20 -20.69 7.41
N THR B 139 3.04 -19.77 6.93
CA THR B 139 2.53 -18.66 6.14
C THR B 139 1.89 -19.17 4.87
N PHE B 140 2.55 -20.12 4.21
CA PHE B 140 1.99 -20.65 2.98
C PHE B 140 0.65 -21.29 3.21
N HIS B 141 0.55 -22.17 4.21
CA HIS B 141 -0.67 -22.92 4.42
C HIS B 141 -1.86 -22.04 4.77
N LEU B 142 -1.62 -21.02 5.58
CA LEU B 142 -2.69 -20.15 6.02
C LEU B 142 -3.06 -19.13 4.97
N SER B 143 -2.37 -19.13 3.84
CA SER B 143 -2.66 -18.20 2.79
C SER B 143 -3.54 -18.86 1.74
N ILE B 144 -3.89 -20.14 1.95
CA ILE B 144 -4.76 -20.86 1.01
C ILE B 144 -6.19 -20.46 1.31
N PRO B 145 -6.93 -19.85 0.39
CA PRO B 145 -8.26 -19.39 0.65
C PRO B 145 -9.17 -20.57 0.75
N ASN B 146 -10.13 -20.50 1.65
CA ASN B 146 -11.18 -21.49 1.73
C ASN B 146 -10.70 -22.93 1.75
N PHE B 147 -9.66 -23.22 2.51
CA PHE B 147 -9.21 -24.60 2.57
C PHE B 147 -10.22 -25.36 3.41
N ASN B 148 -10.66 -26.51 2.91
CA ASN B 148 -11.63 -27.35 3.58
C ASN B 148 -11.32 -28.82 3.45
N GLN B 149 -10.71 -29.18 2.36
CA GLN B 149 -10.42 -30.57 2.12
C GLN B 149 -9.16 -30.97 2.80
N TYR B 150 -9.27 -31.20 4.09
CA TYR B 150 -8.11 -31.48 4.90
C TYR B 150 -7.34 -32.71 4.44
N GLU B 151 -8.00 -33.67 3.79
CA GLU B 151 -7.30 -34.86 3.34
C GLU B 151 -6.33 -34.56 2.21
N ALA B 152 -6.50 -33.39 1.57
CA ALA B 152 -5.68 -32.94 0.47
C ALA B 152 -4.24 -32.75 0.90
N MET B 153 -4.02 -32.41 2.18
CA MET B 153 -2.67 -32.21 2.62
C MET B 153 -2.23 -33.32 3.55
N SER B 154 -1.00 -33.78 3.36
CA SER B 154 -0.40 -34.77 4.24
C SER B 154 1.02 -34.28 4.44
N CYS B 155 1.71 -34.71 5.54
CA CYS B 155 3.06 -34.22 5.82
C CYS B 155 3.86 -35.25 6.58
N ASP B 156 5.16 -35.04 6.59
CA ASP B 156 6.09 -35.86 7.33
C ASP B 156 7.24 -35.04 7.88
N PHE B 157 7.25 -34.80 9.18
CA PHE B 157 8.27 -33.97 9.79
C PHE B 157 9.33 -34.77 10.53
N ASN B 158 9.41 -36.05 10.23
CA ASN B 158 10.34 -36.91 10.93
C ASN B 158 11.79 -36.44 10.88
N GLY B 159 12.39 -36.36 12.05
CA GLY B 159 13.79 -35.99 12.17
C GLY B 159 14.04 -34.50 12.10
N GLY B 160 12.99 -33.71 11.97
CA GLY B 160 13.16 -32.27 11.85
C GLY B 160 13.10 -31.85 10.39
N LYS B 161 13.02 -32.84 9.50
CA LYS B 161 12.93 -32.54 8.08
C LYS B 161 11.57 -31.99 7.80
N ILE B 162 11.46 -31.10 6.85
CA ILE B 162 10.16 -30.62 6.43
C ILE B 162 9.75 -31.17 5.10
N SER B 163 8.58 -31.79 5.07
CA SER B 163 8.01 -32.33 3.86
C SER B 163 6.50 -32.22 3.87
N VAL B 164 5.97 -31.39 2.97
CA VAL B 164 4.55 -31.15 2.87
C VAL B 164 4.03 -31.44 1.47
N GLN B 165 3.01 -32.26 1.36
CA GLN B 165 2.47 -32.60 0.05
C GLN B 165 1.01 -32.27 -0.12
N TYR B 166 0.72 -31.39 -1.09
CA TYR B 166 -0.71 -31.11 -1.38
C TYR B 166 -1.13 -32.02 -2.53
N ASN B 167 -2.33 -32.60 -2.45
CA ASN B 167 -2.81 -33.37 -3.63
C ASN B 167 -3.69 -32.36 -4.35
N LEU B 168 -3.34 -32.03 -5.60
CA LEU B 168 -4.08 -30.97 -6.33
C LEU B 168 -4.97 -31.68 -7.33
N SER B 169 -5.21 -32.97 -7.08
CA SER B 169 -5.99 -33.77 -8.07
C SER B 169 -7.48 -33.46 -7.90
N HIS B 170 -8.21 -33.31 -9.01
CA HIS B 170 -9.64 -32.94 -8.91
C HIS B 170 -10.52 -34.13 -9.29
N SER B 171 -11.41 -34.55 -8.40
CA SER B 171 -12.33 -35.68 -8.69
C SER B 171 -13.41 -35.23 -9.68
N TYR B 172 -13.98 -36.16 -10.46
CA TYR B 172 -15.10 -35.80 -11.36
C TYR B 172 -14.66 -34.65 -12.27
N ALA B 173 -13.44 -34.72 -12.80
CA ALA B 173 -12.93 -33.59 -13.61
C ALA B 173 -13.84 -33.37 -14.82
N GLY B 174 -14.31 -34.45 -15.46
CA GLY B 174 -15.26 -34.27 -16.58
C GLY B 174 -16.69 -34.15 -16.08
N ASP B 175 -16.98 -33.12 -15.29
CA ASP B 175 -18.37 -32.85 -14.86
C ASP B 175 -18.63 -31.36 -15.12
N ALA B 176 -18.84 -30.96 -16.37
CA ALA B 176 -18.94 -29.51 -16.69
C ALA B 176 -17.52 -28.97 -16.55
N ALA B 177 -17.33 -27.66 -16.40
CA ALA B 177 -15.93 -27.23 -16.19
C ALA B 177 -15.45 -27.88 -14.89
N ASN B 178 -16.30 -27.85 -13.86
CA ASN B 178 -15.97 -28.50 -12.55
C ASN B 178 -14.52 -28.23 -12.17
N HIS B 179 -14.08 -26.97 -12.24
CA HIS B 179 -12.65 -26.67 -11.94
C HIS B 179 -12.50 -25.21 -11.48
N CYS B 180 -13.37 -24.77 -10.56
CA CYS B 180 -13.23 -23.39 -10.01
C CYS B 180 -13.44 -23.42 -8.50
N GLY B 181 -13.67 -24.61 -7.91
CA GLY B 181 -13.72 -24.68 -6.44
C GLY B 181 -12.80 -25.69 -5.81
N THR B 182 -12.06 -26.43 -6.59
CA THR B 182 -11.31 -27.53 -5.97
C THR B 182 -10.12 -26.93 -5.23
N VAL B 183 -9.44 -27.74 -4.44
CA VAL B 183 -8.32 -27.21 -3.63
C VAL B 183 -7.30 -26.63 -4.59
N ALA B 184 -7.13 -27.23 -5.74
CA ALA B 184 -6.04 -26.79 -6.58
C ALA B 184 -6.26 -25.34 -6.84
N ASN B 185 -7.50 -25.00 -7.23
CA ASN B 185 -7.86 -23.59 -7.49
C ASN B 185 -7.34 -22.71 -6.35
N GLY B 186 -7.04 -23.29 -5.17
CA GLY B 186 -6.44 -22.49 -4.12
C GLY B 186 -4.96 -22.73 -4.07
N VAL B 187 -4.62 -23.93 -3.68
CA VAL B 187 -3.21 -24.21 -3.48
C VAL B 187 -2.37 -23.54 -4.56
N LEU B 188 -2.81 -23.63 -5.82
CA LEU B 188 -2.06 -23.02 -6.90
C LEU B 188 -2.05 -21.52 -6.83
N GLN B 189 -3.13 -20.90 -6.35
CA GLN B 189 -3.15 -19.45 -6.23
C GLN B 189 -2.12 -19.01 -5.19
N THR B 190 -2.02 -19.78 -4.11
CA THR B 190 -1.08 -19.44 -3.06
C THR B 190 0.34 -19.60 -3.56
N PHE B 191 0.57 -20.69 -4.30
CA PHE B 191 1.85 -20.97 -4.93
C PHE B 191 2.22 -19.86 -5.86
N MET B 192 1.26 -19.48 -6.71
CA MET B 192 1.50 -18.45 -7.67
C MET B 192 2.07 -17.24 -6.99
N ARG B 193 1.51 -16.86 -5.84
CA ARG B 193 2.06 -15.72 -5.10
C ARG B 193 3.43 -16.01 -4.45
N MET B 194 3.63 -17.19 -3.86
CA MET B 194 4.90 -17.48 -3.15
C MET B 194 6.13 -17.42 -4.07
N ALA B 195 5.96 -17.86 -5.30
CA ALA B 195 7.03 -17.88 -6.28
C ALA B 195 6.69 -16.96 -7.44
N TRP B 196 5.96 -15.90 -7.13
CA TRP B 196 5.44 -14.92 -8.07
C TRP B 196 6.37 -14.41 -9.12
N GLY B 197 7.64 -14.23 -8.83
CA GLY B 197 8.51 -13.71 -9.88
C GLY B 197 8.48 -14.59 -11.16
N GLY B 198 8.31 -15.92 -11.02
CA GLY B 198 8.28 -16.78 -12.21
C GLY B 198 7.23 -17.88 -12.23
N SER B 199 6.39 -17.98 -11.19
CA SER B 199 5.43 -19.07 -11.05
C SER B 199 4.41 -19.26 -12.15
N TYR B 200 4.07 -18.21 -12.85
CA TYR B 200 3.07 -18.24 -13.91
C TYR B 200 3.43 -19.20 -15.05
N ILE B 201 4.71 -19.51 -15.22
CA ILE B 201 5.14 -20.37 -16.32
C ILE B 201 4.68 -21.81 -16.13
N ALA B 202 4.37 -22.16 -14.89
CA ALA B 202 3.96 -23.49 -14.54
C ALA B 202 2.46 -23.73 -14.63
N LEU B 203 1.70 -22.71 -14.98
CA LEU B 203 0.26 -22.86 -15.00
C LEU B 203 -0.22 -23.16 -16.40
N ASP B 204 -1.39 -23.80 -16.54
CA ASP B 204 -1.89 -24.07 -17.88
C ASP B 204 -2.16 -22.76 -18.60
N SER B 205 -2.56 -21.76 -17.83
CA SER B 205 -2.78 -20.42 -18.32
C SER B 205 -2.18 -19.50 -17.28
N GLY B 206 -1.14 -18.75 -17.68
CA GLY B 206 -0.41 -17.87 -16.77
C GLY B 206 -1.25 -16.71 -16.23
N CYS B 207 -2.20 -16.21 -17.04
CA CYS B 207 -3.02 -15.07 -16.64
C CYS B 207 -4.36 -15.00 -17.38
N GLY B 208 -5.28 -14.16 -16.88
CA GLY B 208 -6.61 -13.93 -17.48
C GLY B 208 -7.66 -14.83 -16.84
N ASN B 209 -7.20 -15.62 -15.92
CA ASN B 209 -7.96 -16.59 -15.18
C ASN B 209 -7.51 -16.63 -13.74
N TRP B 210 -8.31 -16.09 -12.84
CA TRP B 210 -7.93 -16.06 -11.46
C TRP B 210 -8.53 -17.18 -10.64
N ASP B 211 -9.80 -17.40 -10.85
CA ASP B 211 -10.57 -18.34 -10.06
C ASP B 211 -10.48 -19.81 -10.46
N CYS B 212 -10.27 -20.09 -11.76
CA CYS B 212 -10.27 -21.48 -12.27
C CYS B 212 -8.87 -21.87 -12.73
N ILE B 213 -7.86 -21.55 -11.94
CA ILE B 213 -6.47 -21.86 -12.25
C ILE B 213 -6.16 -23.32 -12.11
N MET B 214 -5.54 -23.90 -13.12
CA MET B 214 -5.18 -25.30 -13.08
C MET B 214 -3.80 -25.51 -13.66
N THR B 215 -3.18 -26.61 -13.29
CA THR B 215 -1.93 -27.02 -13.88
C THR B 215 -2.05 -28.50 -14.18
N SER B 216 -1.11 -29.02 -14.93
CA SER B 216 -1.03 -30.42 -15.32
C SER B 216 -0.37 -31.33 -14.27
N TYR B 217 0.25 -30.71 -13.30
CA TYR B 217 0.95 -31.41 -12.26
C TYR B 217 -0.07 -31.87 -11.25
N GLN B 218 0.19 -32.99 -10.58
CA GLN B 218 -0.78 -33.53 -9.66
C GLN B 218 -0.50 -33.23 -8.21
N TYR B 219 0.77 -32.97 -7.89
CA TYR B 219 1.11 -32.71 -6.52
C TYR B 219 2.03 -31.51 -6.37
N LEU B 220 1.78 -30.72 -5.35
CA LEU B 220 2.72 -29.68 -4.98
C LEU B 220 3.48 -30.14 -3.78
N ILE B 221 4.75 -30.40 -3.96
CA ILE B 221 5.55 -30.90 -2.87
C ILE B 221 6.55 -29.90 -2.38
N ILE B 222 6.48 -29.59 -1.10
CA ILE B 222 7.37 -28.63 -0.52
C ILE B 222 8.33 -29.31 0.42
N GLN B 223 9.62 -29.26 0.10
CA GLN B 223 10.62 -30.00 0.92
C GLN B 223 11.78 -29.08 1.30
N ASN B 224 12.42 -29.33 2.44
CA ASN B 224 13.61 -28.54 2.84
C ASN B 224 14.74 -28.83 1.84
N THR B 225 15.53 -27.81 1.50
CA THR B 225 16.66 -28.00 0.55
C THR B 225 17.86 -27.16 1.04
N THR B 226 19.08 -27.69 0.87
CA THR B 226 20.25 -26.92 1.28
C THR B 226 20.37 -25.73 0.36
N TRP B 227 21.16 -24.74 0.75
CA TRP B 227 21.32 -23.62 -0.15
C TRP B 227 22.12 -23.99 -1.38
N GLU B 228 21.65 -23.53 -2.53
CA GLU B 228 22.33 -23.70 -3.80
C GLU B 228 21.83 -22.63 -4.77
N ASP B 229 22.63 -22.30 -5.76
CA ASP B 229 22.14 -21.30 -6.70
C ASP B 229 21.28 -21.91 -7.79
N HIS B 230 19.99 -21.83 -7.57
CA HIS B 230 18.98 -22.35 -8.51
C HIS B 230 18.20 -21.27 -9.27
N CYS B 231 18.63 -19.98 -9.24
CA CYS B 231 17.85 -18.86 -9.81
C CYS B 231 18.15 -18.66 -11.29
N GLN B 232 17.74 -19.66 -12.06
CA GLN B 232 17.97 -19.71 -13.50
C GLN B 232 16.91 -19.03 -14.35
N PHE B 233 15.67 -18.99 -13.89
CA PHE B 233 14.59 -18.39 -14.67
C PHE B 233 14.31 -16.98 -14.22
N SER B 234 14.37 -16.75 -12.92
CA SER B 234 14.10 -15.43 -12.38
C SER B 234 15.09 -15.11 -11.33
N ARG B 235 15.23 -13.84 -11.02
CA ARG B 235 16.06 -13.39 -9.93
C ARG B 235 15.36 -13.77 -8.64
N PRO B 236 16.09 -13.88 -7.51
CA PRO B 236 15.56 -14.03 -6.17
C PRO B 236 14.89 -12.75 -5.75
N SER B 237 13.80 -12.89 -5.00
CA SER B 237 13.07 -11.76 -4.46
C SER B 237 12.30 -12.06 -3.18
N PRO B 238 12.28 -11.16 -2.20
CA PRO B 238 11.58 -11.30 -0.94
C PRO B 238 10.10 -11.05 -1.06
N ILE B 239 9.66 -10.59 -2.22
CA ILE B 239 8.32 -10.12 -2.41
C ILE B 239 7.24 -11.18 -2.24
N GLY B 240 7.44 -12.39 -2.73
CA GLY B 240 6.39 -13.39 -2.61
C GLY B 240 6.03 -13.61 -1.15
N TYR B 241 7.04 -13.94 -0.35
CA TYR B 241 6.85 -14.18 1.06
C TYR B 241 6.26 -12.95 1.75
N LEU B 242 6.81 -11.77 1.49
CA LEU B 242 6.32 -10.60 2.18
C LEU B 242 4.86 -10.34 1.88
N GLY B 243 4.43 -10.54 0.64
CA GLY B 243 3.04 -10.31 0.30
C GLY B 243 2.11 -11.26 1.05
N LEU B 244 2.50 -12.52 1.15
CA LEU B 244 1.66 -13.52 1.81
C LEU B 244 1.48 -13.23 3.29
N LEU B 245 2.44 -12.58 3.90
CA LEU B 245 2.29 -12.28 5.31
C LEU B 245 1.08 -11.42 5.64
N SER B 246 0.54 -10.62 4.71
CA SER B 246 -0.63 -9.83 5.07
C SER B 246 -1.93 -10.51 4.61
N GLN B 247 -1.79 -11.68 3.97
CA GLN B 247 -2.93 -12.41 3.45
C GLN B 247 -3.29 -13.61 4.33
N ARG B 248 -2.30 -14.13 5.02
CA ARG B 248 -2.52 -15.31 5.84
C ARG B 248 -3.63 -15.13 6.85
N THR B 249 -4.51 -16.14 6.92
CA THR B 249 -5.69 -16.26 7.79
C THR B 249 -6.85 -15.36 7.41
N ARG B 250 -6.66 -14.48 6.44
CA ARG B 250 -7.67 -13.49 6.08
C ARG B 250 -8.96 -14.09 5.55
N ASP B 251 -8.88 -15.23 4.88
CA ASP B 251 -10.03 -15.88 4.31
C ASP B 251 -10.09 -17.38 4.56
N ILE B 252 -10.42 -17.71 5.79
CA ILE B 252 -10.47 -19.08 6.24
C ILE B 252 -11.85 -19.44 6.71
N TYR B 253 -12.10 -20.73 6.78
CA TYR B 253 -13.36 -21.23 7.26
C TYR B 253 -13.27 -21.59 8.71
N ILE B 254 -14.40 -21.47 9.39
CA ILE B 254 -14.46 -21.89 10.76
C ILE B 254 -14.65 -23.37 10.84
N SER B 255 -13.82 -24.05 11.62
CA SER B 255 -13.94 -25.48 11.82
C SER B 255 -14.60 -25.85 13.17
N ARG B 256 -14.59 -24.94 14.14
CA ARG B 256 -15.14 -25.18 15.48
C ARG B 256 -15.90 -23.93 15.95
N ARG B 257 -16.88 -24.07 16.86
CA ARG B 257 -17.61 -22.86 17.30
C ARG B 257 -16.68 -21.85 17.97
N LEU B 258 -15.72 -22.32 18.75
CA LEU B 258 -14.72 -21.43 19.31
C LEU B 258 -13.46 -21.73 18.50
N LEU B 259 -12.92 -20.73 17.74
CA LEU B 259 -11.75 -20.91 16.82
C LEU B 259 -10.49 -21.46 17.54
N SER C 60 -29.12 24.79 -3.02
CA SER C 60 -29.30 26.09 -3.66
C SER C 60 -28.02 26.51 -4.46
N LEU C 61 -27.83 27.85 -4.65
CA LEU C 61 -26.71 28.48 -5.36
C LEU C 61 -25.72 29.07 -4.37
N TYR C 62 -24.49 28.60 -4.43
CA TYR C 62 -23.45 29.05 -3.53
C TYR C 62 -22.48 30.00 -4.20
N LYS C 63 -22.20 31.11 -3.50
CA LYS C 63 -21.28 32.18 -3.93
C LYS C 63 -21.71 32.84 -5.23
N GLY C 64 -22.93 32.55 -5.66
CA GLY C 64 -23.51 33.10 -6.88
C GLY C 64 -23.12 32.29 -8.11
N VAL C 65 -22.23 31.29 -7.95
CA VAL C 65 -21.78 30.52 -9.10
C VAL C 65 -21.86 28.99 -9.01
N TYR C 66 -22.14 28.41 -7.84
CA TYR C 66 -22.12 26.95 -7.80
C TYR C 66 -23.45 26.36 -7.47
N GLU C 67 -23.85 25.38 -8.24
CA GLU C 67 -25.10 24.72 -7.95
C GLU C 67 -24.85 23.47 -7.15
N LEU C 68 -25.63 23.27 -6.10
CA LEU C 68 -25.47 22.05 -5.32
C LEU C 68 -26.18 20.93 -6.05
N GLN C 69 -25.44 19.86 -6.32
CA GLN C 69 -25.99 18.72 -7.04
C GLN C 69 -25.70 17.44 -6.32
N THR C 70 -26.53 16.42 -6.54
CA THR C 70 -26.31 15.16 -5.87
C THR C 70 -26.19 13.94 -6.75
N LEU C 71 -25.58 12.92 -6.17
CA LEU C 71 -25.43 11.62 -6.76
C LEU C 71 -25.99 10.59 -5.83
N GLU C 72 -26.57 9.56 -6.38
CA GLU C 72 -26.92 8.40 -5.57
C GLU C 72 -26.28 7.28 -6.32
N LEU C 73 -25.51 6.46 -5.64
CA LEU C 73 -24.77 5.47 -6.41
C LEU C 73 -25.50 4.17 -6.51
N ASN C 74 -25.53 3.65 -7.71
CA ASN C 74 -26.23 2.42 -7.91
C ASN C 74 -25.31 1.30 -7.59
N MET C 75 -25.30 0.92 -6.35
CA MET C 75 -24.37 -0.07 -5.87
C MET C 75 -24.80 -1.45 -6.26
N GLU C 76 -25.93 -1.55 -6.94
CA GLU C 76 -26.42 -2.83 -7.36
C GLU C 76 -25.51 -3.40 -8.42
N THR C 77 -24.77 -2.56 -9.15
CA THR C 77 -23.94 -3.08 -10.21
C THR C 77 -22.69 -3.75 -9.69
N LEU C 78 -22.44 -3.60 -8.40
CA LEU C 78 -21.29 -4.23 -7.77
C LEU C 78 -21.53 -5.71 -7.42
N ASN C 79 -22.78 -6.24 -7.60
CA ASN C 79 -23.19 -7.61 -7.26
C ASN C 79 -22.28 -8.69 -7.89
N MET C 80 -21.70 -8.41 -9.09
CA MET C 80 -20.83 -9.30 -9.86
C MET C 80 -19.49 -9.57 -9.19
N THR C 81 -19.05 -8.66 -8.31
CA THR C 81 -17.77 -8.81 -7.63
C THR C 81 -17.86 -8.97 -6.12
N MET C 82 -18.84 -8.36 -5.48
CA MET C 82 -18.85 -8.40 -4.01
C MET C 82 -20.26 -8.51 -3.44
N PRO C 83 -20.47 -9.13 -2.26
CA PRO C 83 -21.75 -9.21 -1.59
C PRO C 83 -22.28 -7.84 -1.25
N LEU C 84 -23.58 -7.67 -1.38
CA LEU C 84 -24.22 -6.40 -1.02
C LEU C 84 -25.27 -6.65 0.04
N SER C 85 -25.34 -5.81 1.08
CA SER C 85 -26.38 -6.05 2.07
C SER C 85 -27.33 -4.86 2.19
N CYS C 86 -28.59 -5.14 2.62
CA CYS C 86 -29.68 -4.17 2.80
C CYS C 86 -30.66 -4.65 3.85
N THR C 87 -31.56 -3.75 4.22
CA THR C 87 -32.59 -4.03 5.18
C THR C 87 -33.97 -4.07 4.53
N LYS C 88 -34.77 -5.09 4.87
CA LYS C 88 -36.14 -5.20 4.39
C LYS C 88 -37.13 -4.48 5.33
N ASN C 89 -37.03 -4.78 6.65
CA ASN C 89 -37.81 -4.20 7.74
C ASN C 89 -37.11 -4.49 9.07
N ASN C 90 -37.79 -4.24 10.21
CA ASN C 90 -37.30 -4.45 11.58
C ASN C 90 -36.82 -5.89 11.87
N SER C 91 -37.43 -6.89 11.24
CA SER C 91 -37.03 -8.26 11.54
C SER C 91 -36.19 -8.88 10.45
N HIS C 92 -36.32 -8.39 9.23
CA HIS C 92 -35.57 -9.00 8.13
C HIS C 92 -34.54 -8.13 7.43
N HIS C 93 -33.36 -8.73 7.27
CA HIS C 93 -32.18 -8.12 6.65
C HIS C 93 -31.58 -9.13 5.65
N TYR C 94 -30.95 -8.66 4.57
CA TYR C 94 -30.38 -9.57 3.58
C TYR C 94 -28.96 -9.28 3.08
N ILE C 95 -28.23 -10.35 2.72
CA ILE C 95 -26.92 -10.25 2.07
C ILE C 95 -26.96 -10.96 0.73
N MET C 96 -26.85 -10.25 -0.37
CA MET C 96 -26.96 -10.91 -1.67
C MET C 96 -25.64 -11.13 -2.40
N VAL C 97 -25.55 -12.29 -3.06
CA VAL C 97 -24.41 -12.65 -3.87
C VAL C 97 -24.80 -12.79 -5.36
N GLY C 98 -24.19 -11.92 -6.15
CA GLY C 98 -24.46 -11.87 -7.57
C GLY C 98 -25.94 -11.60 -7.73
N ASN C 99 -26.58 -12.33 -8.67
CA ASN C 99 -28.01 -12.29 -8.96
C ASN C 99 -28.71 -13.64 -8.71
N GLU C 100 -28.06 -14.59 -7.95
CA GLU C 100 -28.62 -15.94 -7.68
C GLU C 100 -28.92 -16.27 -6.24
N THR C 101 -28.11 -15.83 -5.29
CA THR C 101 -28.35 -16.28 -3.92
C THR C 101 -27.94 -15.28 -2.87
N GLY C 102 -27.95 -15.72 -1.63
CA GLY C 102 -27.61 -14.85 -0.54
C GLY C 102 -28.15 -15.33 0.79
N LEU C 103 -27.88 -14.56 1.82
CA LEU C 103 -28.33 -14.93 3.14
C LEU C 103 -29.45 -14.05 3.65
N GLU C 104 -30.35 -14.69 4.35
CA GLU C 104 -31.45 -14.07 5.04
C GLU C 104 -31.14 -14.00 6.51
N LEU C 105 -31.13 -12.80 7.04
CA LEU C 105 -30.84 -12.53 8.44
C LEU C 105 -32.13 -12.15 9.17
N THR C 106 -32.62 -13.05 10.02
CA THR C 106 -33.91 -12.82 10.67
C THR C 106 -33.86 -12.67 12.17
N LEU C 107 -34.52 -11.64 12.68
CA LEU C 107 -34.64 -11.49 14.12
C LEU C 107 -36.02 -11.98 14.51
N THR C 108 -36.04 -13.03 15.29
CA THR C 108 -37.28 -13.66 15.69
C THR C 108 -37.41 -14.00 17.17
N ASN C 109 -38.64 -14.42 17.55
CA ASN C 109 -39.00 -14.97 18.86
C ASN C 109 -39.16 -16.51 18.81
N THR C 110 -38.84 -17.16 17.66
CA THR C 110 -38.98 -18.59 17.40
C THR C 110 -37.66 -19.25 17.03
N SER C 111 -37.58 -20.54 17.29
CA SER C 111 -36.41 -21.32 16.92
C SER C 111 -36.66 -22.08 15.63
N ILE C 112 -35.59 -22.52 14.99
CA ILE C 112 -35.71 -23.40 13.83
C ILE C 112 -34.92 -24.64 14.18
N ILE C 113 -33.93 -24.41 15.02
CA ILE C 113 -33.06 -25.46 15.50
C ILE C 113 -33.33 -25.65 16.97
N ASN C 114 -33.58 -26.89 17.35
CA ASN C 114 -33.90 -27.20 18.73
C ASN C 114 -32.93 -28.20 19.31
N HIS C 115 -31.67 -28.00 19.01
CA HIS C 115 -30.59 -28.81 19.49
C HIS C 115 -29.35 -27.95 19.67
N LYS C 116 -28.27 -28.55 20.15
CA LYS C 116 -27.05 -27.85 20.47
C LYS C 116 -25.84 -28.35 19.70
N PHE C 117 -26.03 -28.67 18.43
CA PHE C 117 -24.90 -29.15 17.64
C PHE C 117 -24.65 -28.23 16.46
N CYS C 118 -23.40 -28.23 15.97
CA CYS C 118 -22.97 -27.49 14.78
C CYS C 118 -21.80 -28.23 14.16
N ASN C 119 -22.16 -29.32 13.48
CA ASN C 119 -21.15 -30.15 12.83
C ASN C 119 -20.62 -29.35 11.66
N LEU C 120 -19.53 -28.57 11.77
CA LEU C 120 -18.82 -27.87 10.69
C LEU C 120 -17.85 -28.76 9.97
N SER C 121 -17.23 -29.63 10.74
CA SER C 121 -16.34 -30.63 10.15
C SER C 121 -17.13 -31.75 9.51
N ASP C 122 -18.16 -31.44 8.78
CA ASP C 122 -18.79 -32.49 8.00
C ASP C 122 -19.34 -31.64 6.89
N ALA C 123 -19.61 -30.41 7.22
CA ALA C 123 -19.86 -29.51 6.12
C ALA C 123 -18.64 -29.32 5.29
N HIS C 124 -17.48 -29.25 5.93
CA HIS C 124 -16.29 -29.02 5.14
C HIS C 124 -15.89 -30.24 4.37
N LYS C 125 -15.95 -31.40 4.98
CA LYS C 125 -15.51 -32.60 4.28
C LYS C 125 -16.32 -32.84 3.02
N LYS C 126 -17.62 -32.60 3.10
CA LYS C 126 -18.51 -32.86 2.00
C LYS C 126 -18.68 -31.75 0.98
N ASN C 127 -18.08 -30.59 1.17
CA ASN C 127 -18.38 -29.47 0.29
C ASN C 127 -19.89 -29.25 0.27
N LEU C 128 -20.54 -29.33 -0.91
CA LEU C 128 -21.98 -29.11 -1.08
C LEU C 128 -22.42 -27.67 -0.89
N TYR C 129 -22.00 -27.04 0.19
CA TYR C 129 -22.38 -25.68 0.47
C TYR C 129 -21.75 -24.75 -0.54
N ASP C 130 -22.37 -23.60 -0.73
CA ASP C 130 -21.87 -22.56 -1.61
C ASP C 130 -20.71 -21.88 -0.92
N HIS C 131 -19.55 -21.89 -1.53
CA HIS C 131 -18.37 -21.35 -0.90
C HIS C 131 -18.47 -19.86 -0.62
N ALA C 132 -19.18 -19.12 -1.48
CA ALA C 132 -19.28 -17.68 -1.23
C ALA C 132 -20.06 -17.45 0.03
N LEU C 133 -21.04 -18.30 0.28
CA LEU C 133 -21.89 -18.09 1.43
C LEU C 133 -21.22 -18.60 2.69
N MET C 134 -20.42 -19.67 2.59
CA MET C 134 -19.74 -20.14 3.77
C MET C 134 -18.71 -19.10 4.20
N SER C 135 -18.11 -18.40 3.23
CA SER C 135 -17.14 -17.38 3.57
C SER C 135 -17.81 -16.23 4.30
N ILE C 136 -19.04 -15.90 3.90
CA ILE C 136 -19.78 -14.85 4.58
C ILE C 136 -20.11 -15.28 6.01
N ILE C 137 -20.55 -16.54 6.19
CA ILE C 137 -20.86 -17.02 7.53
C ILE C 137 -19.63 -17.01 8.40
N SER C 138 -18.49 -17.45 7.86
CA SER C 138 -17.30 -17.46 8.66
C SER C 138 -16.88 -16.06 9.04
N THR C 139 -17.03 -15.10 8.13
CA THR C 139 -16.66 -13.74 8.46
C THR C 139 -17.55 -13.23 9.59
N PHE C 140 -18.86 -13.48 9.48
CA PHE C 140 -19.79 -13.00 10.48
C PHE C 140 -19.46 -13.56 11.84
N HIS C 141 -19.27 -14.86 11.92
CA HIS C 141 -19.05 -15.47 13.21
C HIS C 141 -17.73 -15.08 13.84
N LEU C 142 -16.64 -15.07 13.08
CA LEU C 142 -15.36 -14.78 13.69
C LEU C 142 -15.31 -13.36 14.24
N SER C 143 -16.05 -12.44 13.62
CA SER C 143 -16.05 -11.06 14.08
C SER C 143 -16.83 -10.81 15.38
N ILE C 144 -17.56 -11.81 15.91
CA ILE C 144 -18.30 -11.60 17.16
C ILE C 144 -17.28 -11.49 18.28
N PRO C 145 -17.20 -10.40 19.03
CA PRO C 145 -16.19 -10.24 20.03
C PRO C 145 -16.42 -11.10 21.22
N ASN C 146 -15.34 -11.62 21.78
CA ASN C 146 -15.38 -12.35 23.02
C ASN C 146 -16.43 -13.43 23.03
N PHE C 147 -16.56 -14.15 21.94
CA PHE C 147 -17.52 -15.21 21.93
C PHE C 147 -16.93 -16.34 22.73
N ASN C 148 -17.68 -16.86 23.68
CA ASN C 148 -17.22 -17.91 24.55
C ASN C 148 -18.31 -18.91 24.82
N GLN C 149 -19.54 -18.45 24.71
CA GLN C 149 -20.66 -19.33 24.98
C GLN C 149 -21.00 -20.12 23.76
N TYR C 150 -20.21 -21.12 23.53
CA TYR C 150 -20.32 -21.94 22.35
C TYR C 150 -21.66 -22.63 22.27
N GLU C 151 -22.33 -22.86 23.39
CA GLU C 151 -23.62 -23.51 23.38
C GLU C 151 -24.69 -22.61 22.77
N ALA C 152 -24.42 -21.32 22.73
CA ALA C 152 -25.35 -20.32 22.25
C ALA C 152 -25.58 -20.45 20.76
N MET C 153 -24.65 -21.07 20.03
CA MET C 153 -24.85 -21.19 18.60
C MET C 153 -25.05 -22.64 18.18
N SER C 154 -26.05 -22.86 17.35
CA SER C 154 -26.31 -24.18 16.79
C SER C 154 -26.40 -23.98 15.27
N CYS C 155 -26.17 -25.04 14.45
CA CYS C 155 -26.29 -24.92 12.99
C CYS C 155 -26.70 -26.24 12.35
N ASP C 156 -27.09 -26.16 11.09
CA ASP C 156 -27.47 -27.29 10.29
C ASP C 156 -27.09 -27.10 8.84
N PHE C 157 -26.04 -27.77 8.39
CA PHE C 157 -25.58 -27.62 7.02
C PHE C 157 -25.91 -28.82 6.15
N ASN C 158 -26.87 -29.62 6.58
CA ASN C 158 -27.20 -30.81 5.84
C ASN C 158 -27.56 -30.56 4.39
N GLY C 159 -26.88 -31.28 3.51
CA GLY C 159 -27.19 -31.21 2.10
C GLY C 159 -26.61 -30.01 1.38
N GLY C 160 -25.88 -29.16 2.08
CA GLY C 160 -25.35 -27.97 1.46
C GLY C 160 -26.18 -26.74 1.75
N LYS C 161 -27.20 -26.87 2.58
CA LYS C 161 -27.98 -25.70 2.90
C LYS C 161 -27.24 -24.99 4.01
N ILE C 162 -27.51 -23.72 4.20
CA ILE C 162 -26.92 -22.99 5.31
C ILE C 162 -27.98 -22.57 6.29
N SER C 163 -27.78 -22.95 7.53
CA SER C 163 -28.67 -22.57 8.62
C SER C 163 -27.90 -22.41 9.91
N VAL C 164 -27.85 -21.17 10.40
CA VAL C 164 -27.13 -20.86 11.63
C VAL C 164 -28.05 -20.13 12.62
N GLN C 165 -28.15 -20.62 13.84
CA GLN C 165 -29.00 -19.98 14.82
C GLN C 165 -28.29 -19.53 16.08
N TYR C 166 -28.38 -18.23 16.37
CA TYR C 166 -27.78 -17.69 17.58
C TYR C 166 -28.84 -17.39 18.65
N ASN C 167 -28.72 -17.99 19.83
CA ASN C 167 -29.62 -17.82 20.96
C ASN C 167 -29.16 -16.63 21.81
N LEU C 168 -29.94 -15.52 21.78
CA LEU C 168 -29.65 -14.25 22.44
C LEU C 168 -30.27 -14.21 23.82
N SER C 169 -31.14 -15.19 24.14
CA SER C 169 -31.80 -15.17 25.44
C SER C 169 -30.91 -15.92 26.38
N HIS C 170 -30.10 -16.79 25.81
CA HIS C 170 -29.13 -17.64 26.48
C HIS C 170 -28.34 -16.86 27.50
N SER C 171 -27.86 -15.70 27.07
CA SER C 171 -27.00 -14.86 27.89
C SER C 171 -27.67 -13.59 28.49
N TYR C 172 -29.02 -13.46 28.41
CA TYR C 172 -29.86 -12.35 28.88
C TYR C 172 -29.40 -11.05 28.20
N HIS C 179 -26.63 -7.87 31.95
CA HIS C 179 -27.40 -7.14 30.94
C HIS C 179 -26.44 -6.59 29.86
N CYS C 180 -25.41 -5.80 30.29
CA CYS C 180 -24.41 -5.18 29.42
C CYS C 180 -23.13 -6.01 29.42
N GLY C 181 -22.46 -6.07 28.28
CA GLY C 181 -21.21 -6.80 28.17
C GLY C 181 -21.44 -8.30 28.01
N THR C 182 -22.66 -8.70 27.65
CA THR C 182 -22.97 -10.12 27.51
C THR C 182 -22.83 -10.63 26.08
N VAL C 183 -23.04 -11.93 25.93
CA VAL C 183 -22.85 -12.57 24.63
C VAL C 183 -23.82 -12.10 23.60
N ALA C 184 -25.07 -11.99 23.97
CA ALA C 184 -26.06 -11.52 23.04
C ALA C 184 -25.68 -10.16 22.49
N ASN C 185 -25.06 -9.33 23.32
CA ASN C 185 -24.77 -8.01 22.86
C ASN C 185 -23.64 -8.11 21.86
N GLY C 186 -22.69 -9.01 22.10
CA GLY C 186 -21.60 -9.20 21.15
C GLY C 186 -22.10 -9.69 19.79
N VAL C 187 -23.11 -10.58 19.81
CA VAL C 187 -23.65 -11.09 18.57
C VAL C 187 -24.31 -9.96 17.81
N LEU C 188 -25.08 -9.16 18.52
CA LEU C 188 -25.73 -8.04 17.89
C LEU C 188 -24.73 -7.00 17.41
N GLN C 189 -23.64 -6.77 18.11
CA GLN C 189 -22.71 -5.78 17.61
C GLN C 189 -22.23 -6.16 16.22
N THR C 190 -22.00 -7.46 15.97
CA THR C 190 -21.61 -7.87 14.62
C THR C 190 -22.79 -7.71 13.65
N PHE C 191 -23.99 -8.10 14.09
CA PHE C 191 -25.20 -8.01 13.26
C PHE C 191 -25.40 -6.61 12.74
N MET C 192 -25.23 -5.66 13.64
CA MET C 192 -25.43 -4.26 13.41
C MET C 192 -24.47 -3.70 12.38
N ARG C 193 -23.38 -4.41 12.08
CA ARG C 193 -22.43 -3.99 11.09
C ARG C 193 -22.64 -4.76 9.79
N MET C 194 -22.99 -6.04 9.87
CA MET C 194 -23.16 -6.84 8.65
C MET C 194 -24.29 -6.28 7.80
N ALA C 195 -25.31 -5.77 8.47
CA ALA C 195 -26.47 -5.19 7.81
C ALA C 195 -26.54 -3.71 8.14
N TRP C 196 -25.38 -3.10 8.34
CA TRP C 196 -25.22 -1.71 8.77
C TRP C 196 -26.05 -0.67 8.08
N GLY C 197 -26.20 -0.76 6.78
CA GLY C 197 -26.96 0.27 6.07
C GLY C 197 -28.44 0.22 6.46
N GLY C 198 -28.78 0.86 7.59
CA GLY C 198 -30.14 0.87 8.11
C GLY C 198 -30.38 -0.10 9.29
N SER C 199 -29.30 -0.66 9.86
CA SER C 199 -29.41 -1.62 10.96
C SER C 199 -30.03 -1.06 12.23
N TYR C 200 -30.07 0.26 12.37
CA TYR C 200 -30.62 0.89 13.57
C TYR C 200 -32.04 0.44 13.87
N ILE C 201 -32.76 0.01 12.85
CA ILE C 201 -34.14 -0.40 13.01
C ILE C 201 -34.29 -1.60 13.92
N ALA C 202 -33.24 -2.39 14.02
CA ALA C 202 -33.22 -3.63 14.76
C ALA C 202 -33.17 -3.51 16.29
N LEU C 203 -32.80 -2.36 16.85
CA LEU C 203 -32.60 -2.33 18.31
C LEU C 203 -33.71 -1.74 19.15
N ASP C 204 -33.70 -2.11 20.45
CA ASP C 204 -34.66 -1.61 21.43
C ASP C 204 -34.41 -0.14 21.78
N SER C 205 -33.19 0.30 21.53
CA SER C 205 -32.69 1.64 21.79
C SER C 205 -32.32 2.27 20.45
N GLY C 206 -31.18 1.86 19.93
CA GLY C 206 -30.71 2.28 18.60
C GLY C 206 -29.46 3.17 18.51
N CYS C 207 -29.09 3.89 19.59
CA CYS C 207 -27.91 4.76 19.64
C CYS C 207 -27.51 5.05 21.09
N GLY C 208 -26.24 5.46 21.28
CA GLY C 208 -25.74 5.93 22.56
C GLY C 208 -25.32 4.79 23.45
N ASN C 209 -25.27 3.62 22.87
CA ASN C 209 -24.96 2.39 23.55
C ASN C 209 -24.06 1.54 22.68
N TRP C 210 -23.10 0.87 23.31
CA TRP C 210 -22.27 -0.07 22.58
C TRP C 210 -22.28 -1.43 23.27
N ASP C 211 -21.77 -1.53 24.48
CA ASP C 211 -21.82 -2.85 25.13
C ASP C 211 -23.19 -3.24 25.70
N CYS C 212 -24.15 -2.30 25.68
CA CYS C 212 -25.51 -2.39 26.16
C CYS C 212 -26.48 -2.50 24.98
N ILE C 213 -25.96 -2.82 23.78
CA ILE C 213 -26.87 -3.04 22.65
C ILE C 213 -27.66 -4.30 22.85
N MET C 214 -28.98 -4.20 22.76
CA MET C 214 -29.84 -5.35 22.97
C MET C 214 -31.14 -5.24 22.18
N THR C 215 -31.74 -6.41 21.92
CA THR C 215 -33.06 -6.53 21.30
C THR C 215 -33.98 -7.38 22.12
N SER C 216 -35.28 -7.15 22.00
CA SER C 216 -36.30 -7.98 22.62
C SER C 216 -36.42 -9.36 21.98
N TYR C 217 -35.87 -9.49 20.79
CA TYR C 217 -35.88 -10.73 20.00
C TYR C 217 -35.04 -11.78 20.68
N GLN C 218 -35.37 -13.04 20.43
CA GLN C 218 -34.70 -14.13 21.10
C GLN C 218 -33.63 -14.77 20.24
N TYR C 219 -33.83 -14.77 18.93
CA TYR C 219 -32.88 -15.45 18.09
C TYR C 219 -32.47 -14.65 16.86
N LEU C 220 -31.21 -14.81 16.50
CA LEU C 220 -30.73 -14.34 15.21
C LEU C 220 -30.50 -15.52 14.31
N ILE C 221 -31.29 -15.61 13.28
CA ILE C 221 -31.20 -16.74 12.38
C ILE C 221 -30.71 -16.40 11.01
N ILE C 222 -29.68 -17.10 10.57
CA ILE C 222 -29.14 -16.89 9.27
C ILE C 222 -29.33 -18.10 8.38
N GLN C 223 -30.00 -17.90 7.26
CA GLN C 223 -30.26 -18.99 6.33
C GLN C 223 -29.98 -18.60 4.89
N ASN C 224 -29.64 -19.58 4.00
CA ASN C 224 -29.50 -19.30 2.56
C ASN C 224 -30.89 -19.16 1.91
N THR C 225 -30.99 -18.24 0.95
CA THR C 225 -32.17 -17.99 0.12
C THR C 225 -31.82 -17.81 -1.33
N THR C 226 -32.82 -17.51 -2.12
CA THR C 226 -32.59 -17.28 -3.53
C THR C 226 -32.52 -15.79 -3.71
N TRP C 227 -32.02 -15.33 -4.83
CA TRP C 227 -32.05 -13.88 -5.00
C TRP C 227 -33.48 -13.41 -5.17
N GLU C 228 -33.81 -12.32 -4.50
CA GLU C 228 -35.10 -11.69 -4.59
C GLU C 228 -34.92 -10.24 -4.17
N ASP C 229 -35.63 -9.31 -4.78
CA ASP C 229 -35.36 -7.96 -4.36
C ASP C 229 -36.13 -7.59 -3.10
N HIS C 230 -35.43 -7.67 -1.99
CA HIS C 230 -35.94 -7.36 -0.66
C HIS C 230 -35.47 -6.00 -0.08
N CYS C 231 -34.81 -5.12 -0.88
CA CYS C 231 -34.20 -3.87 -0.37
C CYS C 231 -35.23 -2.73 -0.29
N GLN C 232 -36.16 -2.93 0.63
CA GLN C 232 -37.29 -2.04 0.90
C GLN C 232 -37.06 -0.98 1.98
N PHE C 233 -36.21 -1.26 2.95
CA PHE C 233 -35.98 -0.33 4.05
C PHE C 233 -34.77 0.51 3.72
N SER C 234 -33.77 -0.14 3.11
CA SER C 234 -32.52 0.52 2.73
C SER C 234 -31.99 -0.03 1.42
N ARG C 235 -31.14 0.73 0.74
CA ARG C 235 -30.51 0.30 -0.50
C ARG C 235 -29.38 -0.67 -0.20
N PRO C 236 -29.01 -1.56 -1.12
CA PRO C 236 -27.89 -2.46 -1.00
C PRO C 236 -26.59 -1.72 -1.02
N SER C 237 -25.64 -2.22 -0.25
CA SER C 237 -24.29 -1.69 -0.16
C SER C 237 -23.26 -2.74 0.23
N PRO C 238 -22.06 -2.70 -0.33
CA PRO C 238 -20.97 -3.60 -0.04
C PRO C 238 -20.27 -3.28 1.27
N ILE C 239 -20.59 -2.14 1.85
CA ILE C 239 -19.83 -1.66 2.99
C ILE C 239 -19.90 -2.54 4.22
N GLY C 240 -21.05 -3.09 4.55
CA GLY C 240 -21.13 -3.91 5.76
C GLY C 240 -20.13 -5.05 5.72
N TYR C 241 -20.21 -5.86 4.67
CA TYR C 241 -19.32 -6.98 4.52
C TYR C 241 -17.88 -6.55 4.46
N LEU C 242 -17.56 -5.54 3.65
CA LEU C 242 -16.17 -5.19 3.50
C LEU C 242 -15.60 -4.68 4.81
N GLY C 243 -16.39 -3.98 5.60
CA GLY C 243 -15.98 -3.47 6.89
C GLY C 243 -15.59 -4.62 7.82
N LEU C 244 -16.46 -5.63 7.92
CA LEU C 244 -16.23 -6.78 8.79
C LEU C 244 -15.05 -7.64 8.37
N LEU C 245 -14.67 -7.60 7.11
CA LEU C 245 -13.50 -8.36 6.75
C LEU C 245 -12.26 -7.91 7.49
N SER C 246 -12.17 -6.63 7.89
CA SER C 246 -10.96 -6.21 8.55
C SER C 246 -10.88 -6.74 9.99
N GLN C 247 -11.90 -6.49 10.81
CA GLN C 247 -11.83 -6.99 12.17
C GLN C 247 -12.44 -8.37 12.20
N ARG C 248 -11.69 -9.28 11.61
CA ARG C 248 -12.10 -10.65 11.45
C ARG C 248 -11.77 -11.50 12.65
N THR C 249 -10.55 -11.39 13.17
CA THR C 249 -10.10 -12.24 14.28
C THR C 249 -9.65 -11.46 15.50
N ARG C 250 -9.87 -10.15 15.46
CA ARG C 250 -9.37 -9.21 16.45
C ARG C 250 -9.78 -9.48 17.90
N ASP C 251 -10.98 -9.98 18.12
CA ASP C 251 -11.48 -10.22 19.46
C ASP C 251 -11.63 -11.69 19.85
N ILE C 252 -10.91 -12.58 19.21
CA ILE C 252 -11.03 -13.99 19.58
C ILE C 252 -10.20 -14.36 20.80
N TYR C 253 -10.81 -15.05 21.74
CA TYR C 253 -10.13 -15.50 22.95
C TYR C 253 -9.27 -16.71 22.70
N ILE C 254 -8.21 -16.88 23.47
CA ILE C 254 -7.48 -18.12 23.33
C ILE C 254 -8.27 -19.22 23.97
N SER C 255 -8.36 -20.36 23.28
CA SER C 255 -9.04 -21.55 23.87
C SER C 255 -8.06 -22.72 23.84
N ARG C 256 -7.20 -22.75 22.83
CA ARG C 256 -6.17 -23.83 22.70
C ARG C 256 -4.78 -23.18 22.70
N ARG C 257 -3.83 -23.71 23.49
CA ARG C 257 -2.50 -23.06 23.60
C ARG C 257 -1.84 -23.07 22.22
N LEU C 258 -1.97 -24.17 21.48
CA LEU C 258 -1.44 -24.21 20.08
C LEU C 258 -2.45 -23.49 19.19
N LEU C 259 -2.40 -22.15 19.16
CA LEU C 259 -3.37 -21.36 18.36
C LEU C 259 -2.74 -20.02 17.97
N UNK D 1 27.49 29.53 -34.09
CA UNK D 1 27.80 29.44 -35.53
C UNK D 1 28.78 28.31 -35.76
N UNK D 2 28.62 27.15 -35.10
CA UNK D 2 29.58 26.02 -35.20
C UNK D 2 29.88 25.69 -36.67
N UNK D 3 31.10 25.93 -37.16
CA UNK D 3 31.41 25.70 -38.59
C UNK D 3 31.81 24.25 -38.83
N UNK D 4 31.11 23.54 -39.72
CA UNK D 4 31.46 22.16 -40.07
C UNK D 4 32.80 22.21 -40.75
N UNK D 5 33.67 21.20 -40.58
CA UNK D 5 34.94 21.24 -41.35
C UNK D 5 35.79 19.98 -41.14
N UNK D 6 36.98 19.93 -41.76
CA UNK D 6 37.93 18.81 -41.55
C UNK D 6 37.45 17.52 -42.23
N UNK D 7 36.63 17.61 -43.28
CA UNK D 7 36.22 16.38 -44.02
C UNK D 7 37.46 15.65 -44.52
N UNK D 8 37.33 14.39 -44.97
CA UNK D 8 38.51 13.69 -45.50
C UNK D 8 38.43 13.37 -46.99
N UNK D 9 37.21 13.10 -47.48
CA UNK D 9 36.98 12.69 -48.87
C UNK D 9 37.86 11.50 -49.22
N UNK D 10 37.96 10.55 -48.29
CA UNK D 10 38.76 9.37 -48.47
C UNK D 10 38.12 8.48 -49.50
N UNK D 11 38.90 7.98 -50.44
CA UNK D 11 38.32 7.10 -51.44
C UNK D 11 37.80 5.80 -50.84
N UNK D 12 38.50 5.29 -49.83
CA UNK D 12 38.14 4.01 -49.25
C UNK D 12 38.66 3.83 -47.83
N UNK D 13 38.09 2.82 -47.18
CA UNK D 13 38.47 2.30 -45.85
C UNK D 13 38.08 3.18 -44.66
N UNK D 14 38.58 4.40 -44.60
CA UNK D 14 38.23 5.22 -43.42
C UNK D 14 38.26 6.71 -43.67
N UNK D 15 37.47 7.43 -42.88
CA UNK D 15 37.42 8.89 -42.95
C UNK D 15 37.11 9.51 -41.59
N UNK D 16 37.50 10.77 -41.42
CA UNK D 16 37.20 11.52 -40.20
C UNK D 16 37.07 12.99 -40.53
N UNK D 17 36.33 13.73 -39.70
CA UNK D 17 36.11 15.17 -39.88
C UNK D 17 35.81 15.84 -38.55
N UNK D 18 35.83 17.17 -38.52
CA UNK D 18 35.65 17.86 -37.22
C UNK D 18 35.15 19.31 -37.40
N UNK D 19 33.99 19.63 -36.84
CA UNK D 19 33.48 20.99 -36.89
C UNK D 19 34.24 21.89 -35.95
N UNK D 20 34.15 23.19 -36.18
CA UNK D 20 34.73 24.15 -35.20
C UNK D 20 33.61 24.56 -34.25
N UNK D 21 33.94 24.77 -32.98
CA UNK D 21 32.93 25.13 -31.96
C UNK D 21 32.28 26.48 -32.28
N UNK D 22 33.06 27.47 -32.74
CA UNK D 22 32.49 28.77 -33.21
C UNK D 22 32.11 29.70 -32.05
N UNK D 23 32.51 29.39 -30.82
CA UNK D 23 32.32 30.33 -29.68
C UNK D 23 30.97 30.17 -28.96
N UNK D 24 30.07 29.31 -29.43
CA UNK D 24 28.85 29.04 -28.62
C UNK D 24 29.33 28.22 -27.41
N UNK D 25 28.69 28.36 -26.25
CA UNK D 25 29.23 27.68 -25.04
C UNK D 25 29.15 26.16 -25.19
N UNK D 26 30.04 25.42 -24.52
CA UNK D 26 30.12 23.95 -24.65
C UNK D 26 28.84 23.30 -24.15
N UNK D 27 28.07 23.99 -23.31
CA UNK D 27 26.87 23.38 -22.69
C UNK D 27 25.84 22.93 -23.74
N UNK D 28 25.64 23.68 -24.82
CA UNK D 28 24.57 23.38 -25.80
C UNK D 28 24.54 21.90 -26.26
N UNK D 29 25.57 21.09 -26.07
CA UNK D 29 25.46 19.69 -26.45
C UNK D 29 25.26 19.58 -27.93
N UNK D 30 24.54 18.55 -28.38
CA UNK D 30 24.22 18.41 -29.76
C UNK D 30 25.44 18.62 -30.63
N UNK D 31 25.49 19.69 -31.44
CA UNK D 31 26.59 19.86 -32.39
C UNK D 31 26.49 18.60 -33.20
N UNK D 32 25.22 18.38 -33.55
CA UNK D 32 24.71 17.24 -34.22
C UNK D 32 25.14 17.23 -35.63
N UNK D 33 25.33 16.02 -36.12
CA UNK D 33 25.70 15.77 -37.48
C UNK D 33 24.47 15.45 -38.29
N UNK D 34 24.15 16.34 -39.24
CA UNK D 34 22.98 16.21 -40.12
C UNK D 34 23.45 15.82 -41.51
N UNK D 35 23.37 14.53 -41.79
CA UNK D 35 23.92 13.96 -43.01
C UNK D 35 22.99 14.11 -44.19
N UNK D 36 23.00 15.27 -44.84
CA UNK D 36 22.09 15.48 -45.97
C UNK D 36 22.70 15.02 -47.28
N UNK D 37 22.24 13.87 -47.72
CA UNK D 37 22.74 13.14 -48.87
C UNK D 37 22.16 13.73 -50.13
N UNK D 38 22.48 13.15 -51.28
CA UNK D 38 21.91 13.62 -52.56
C UNK D 38 20.37 13.46 -52.49
N UNK D 39 19.95 12.54 -51.65
CA UNK D 39 18.57 12.18 -51.35
C UNK D 39 18.08 12.94 -50.11
N UNK D 40 18.85 13.93 -49.67
CA UNK D 40 18.57 14.75 -48.50
C UNK D 40 18.52 13.92 -47.21
N UNK D 41 17.36 13.91 -46.54
CA UNK D 41 17.11 13.24 -45.25
C UNK D 41 17.70 14.03 -44.08
N UNK D 42 18.96 14.47 -44.21
CA UNK D 42 19.66 15.15 -43.14
C UNK D 42 19.61 14.26 -41.92
N UNK D 43 20.06 13.02 -42.11
CA UNK D 43 19.96 12.00 -41.08
C UNK D 43 20.68 12.39 -39.81
N UNK D 44 20.08 12.00 -38.67
CA UNK D 44 20.62 12.29 -37.35
C UNK D 44 21.71 11.30 -36.99
N UNK D 45 22.81 11.44 -37.73
CA UNK D 45 23.97 10.61 -37.63
C UNK D 45 24.58 10.71 -36.25
N UNK D 46 24.55 11.89 -35.65
CA UNK D 46 25.09 11.99 -34.28
C UNK D 46 24.65 13.24 -33.53
N UNK D 47 24.69 13.17 -32.19
CA UNK D 47 24.53 14.35 -31.31
C UNK D 47 25.25 14.17 -29.95
N UNK D 48 25.88 15.23 -29.44
CA UNK D 48 26.52 15.25 -28.12
C UNK D 48 25.51 15.47 -27.02
N UNK D 49 25.83 15.04 -25.80
CA UNK D 49 24.98 15.34 -24.66
C UNK D 49 25.46 16.50 -23.75
N UNK D 50 26.57 17.18 -24.10
CA UNK D 50 27.22 18.22 -23.23
C UNK D 50 27.58 17.53 -21.94
N UNK D 51 28.03 16.32 -22.10
CA UNK D 51 28.42 15.36 -21.11
C UNK D 51 29.27 14.38 -21.84
N UNK D 52 29.85 13.42 -21.14
CA UNK D 52 30.63 12.36 -21.79
C UNK D 52 29.76 11.56 -22.77
N UNK D 53 28.47 11.55 -22.52
CA UNK D 53 27.47 10.85 -23.29
C UNK D 53 27.24 11.49 -24.66
N UNK D 54 26.79 10.65 -25.60
CA UNK D 54 26.44 11.06 -26.95
C UNK D 54 25.43 10.06 -27.48
N UNK D 55 24.74 10.41 -28.54
CA UNK D 55 23.74 9.56 -29.14
C UNK D 55 23.77 9.63 -30.66
N UNK D 56 23.22 8.60 -31.30
CA UNK D 56 23.13 8.53 -32.74
C UNK D 56 21.99 7.62 -33.16
N UNK D 57 21.52 7.79 -34.39
CA UNK D 57 20.53 6.88 -34.93
C UNK D 57 21.10 5.47 -34.97
N UNK D 58 20.21 4.47 -34.89
CA UNK D 58 20.57 3.04 -34.88
C UNK D 58 21.29 2.60 -36.14
N UNK D 59 21.24 3.45 -37.16
CA UNK D 59 21.87 3.25 -38.43
C UNK D 59 23.39 3.28 -38.32
N UNK D 60 23.93 3.86 -37.24
CA UNK D 60 25.37 4.03 -37.07
C UNK D 60 26.07 2.75 -36.62
N UNK D 61 26.04 1.74 -37.50
CA UNK D 61 26.62 0.42 -37.28
C UNK D 61 28.15 0.46 -37.17
N UNK D 62 28.78 1.37 -37.92
CA UNK D 62 30.24 1.47 -37.94
C UNK D 62 30.66 2.93 -38.05
N UNK D 63 30.15 3.73 -37.13
CA UNK D 63 30.41 5.16 -37.10
C UNK D 63 30.25 5.67 -35.70
N UNK D 64 30.92 6.76 -35.34
CA UNK D 64 30.72 7.32 -34.02
C UNK D 64 31.09 8.80 -33.91
N UNK D 65 30.49 9.46 -32.93
CA UNK D 65 30.89 10.80 -32.58
C UNK D 65 32.22 10.66 -31.90
N UNK D 66 33.08 11.64 -32.00
CA UNK D 66 34.35 11.54 -31.33
C UNK D 66 34.38 12.44 -30.12
N UNK D 67 35.22 12.10 -29.16
CA UNK D 67 35.41 13.01 -28.05
C UNK D 67 36.04 14.26 -28.62
N UNK D 68 35.72 15.41 -28.06
CA UNK D 68 36.30 16.62 -28.59
C UNK D 68 36.45 17.70 -27.53
N UNK D 69 37.34 18.63 -27.85
CA UNK D 69 37.60 19.82 -27.05
C UNK D 69 36.42 20.74 -27.09
N UNK D 70 36.32 21.66 -26.15
CA UNK D 70 35.22 22.63 -26.17
C UNK D 70 35.24 23.44 -27.47
N UNK D 71 36.40 23.51 -28.08
CA UNK D 71 36.68 24.22 -29.31
C UNK D 71 36.39 23.38 -30.57
N UNK D 72 35.91 22.14 -30.43
CA UNK D 72 35.69 21.29 -31.61
C UNK D 72 34.54 20.29 -31.48
N UNK D 73 34.04 19.81 -32.63
CA UNK D 73 33.01 18.78 -32.61
C UNK D 73 33.28 17.72 -33.69
N UNK D 74 34.20 16.84 -33.32
CA UNK D 74 34.77 15.77 -34.12
C UNK D 74 33.90 14.54 -34.23
N UNK D 75 34.09 13.79 -35.33
CA UNK D 75 33.43 12.50 -35.59
C UNK D 75 34.26 11.66 -36.56
N UNK D 76 34.03 10.35 -36.57
CA UNK D 76 34.74 9.50 -37.53
C UNK D 76 33.91 8.29 -37.94
N UNK D 77 34.22 7.71 -39.10
CA UNK D 77 33.47 6.56 -39.58
C UNK D 77 34.20 5.70 -40.60
N UNK D 78 33.71 4.48 -40.77
CA UNK D 78 34.20 3.63 -41.86
C UNK D 78 33.84 4.35 -43.17
N UNK D 79 34.71 4.27 -44.17
CA UNK D 79 34.44 4.93 -45.45
C UNK D 79 33.36 4.23 -46.26
N UNK D 80 32.60 5.01 -47.04
CA UNK D 80 31.59 4.49 -47.95
C UNK D 80 31.22 5.52 -49.00
N UNK D 81 30.92 5.11 -50.24
CA UNK D 81 30.47 6.10 -51.22
C UNK D 81 29.19 6.77 -50.72
N UNK D 82 28.40 5.96 -50.05
CA UNK D 82 27.12 6.29 -49.45
C UNK D 82 27.24 7.34 -48.36
N UNK D 83 28.45 7.57 -47.87
CA UNK D 83 28.67 8.53 -46.81
C UNK D 83 28.64 9.95 -47.35
N UNK D 84 28.68 10.12 -48.66
CA UNK D 84 28.73 11.47 -49.17
C UNK D 84 27.51 12.25 -48.70
N UNK D 85 27.76 13.44 -48.16
CA UNK D 85 26.68 14.26 -47.63
C UNK D 85 27.08 15.68 -47.29
N UNK D 86 26.08 16.54 -47.27
CA UNK D 86 26.22 17.84 -46.71
C UNK D 86 26.06 17.66 -45.21
N UNK D 87 27.16 17.32 -44.57
CA UNK D 87 27.17 16.97 -43.16
C UNK D 87 27.20 18.24 -42.31
N UNK D 88 26.02 18.83 -42.10
CA UNK D 88 25.86 20.11 -41.39
C UNK D 88 25.98 19.94 -39.89
N UNK D 89 26.47 20.99 -39.22
CA UNK D 89 26.55 21.01 -37.76
C UNK D 89 25.49 21.94 -37.14
N UNK D 90 24.84 21.48 -36.06
CA UNK D 90 23.83 22.33 -35.36
C UNK D 90 23.66 22.00 -33.86
N UNK D 91 23.15 22.94 -33.05
CA UNK D 91 22.98 22.56 -31.64
C UNK D 91 21.85 23.21 -30.87
N UNK D 92 21.13 22.38 -30.11
CA UNK D 92 20.07 22.79 -29.20
C UNK D 92 19.83 21.74 -28.15
N UNK D 93 19.34 22.14 -26.99
CA UNK D 93 18.95 21.19 -25.96
C UNK D 93 17.52 20.72 -26.22
N UNK D 94 17.31 20.13 -27.39
CA UNK D 94 16.01 19.66 -27.79
C UNK D 94 16.01 18.47 -28.75
N UNK D 95 17.16 17.80 -28.94
CA UNK D 95 17.21 16.69 -29.92
C UNK D 95 16.64 17.18 -31.24
N UNK D 96 17.05 18.38 -31.59
CA UNK D 96 16.65 19.12 -32.77
C UNK D 96 17.78 20.05 -33.14
N UNK D 97 17.82 20.47 -34.39
CA UNK D 97 18.85 21.42 -34.83
C UNK D 97 18.46 22.86 -34.53
N UNK D 98 19.47 23.68 -34.30
CA UNK D 98 19.31 25.12 -34.17
C UNK D 98 20.62 25.78 -34.52
N UNK D 99 20.56 27.02 -35.00
CA UNK D 99 21.79 27.74 -35.32
C UNK D 99 22.66 26.87 -36.21
N UNK D 100 22.04 26.23 -37.19
CA UNK D 100 22.77 25.36 -38.08
C UNK D 100 23.74 26.15 -38.91
N UNK D 101 24.90 25.58 -39.10
CA UNK D 101 26.00 26.15 -39.87
C UNK D 101 26.24 25.41 -41.17
N UNK D 102 27.20 25.92 -41.94
CA UNK D 102 27.59 25.34 -43.20
C UNK D 102 28.05 23.90 -42.99
N UNK D 103 27.74 23.06 -44.00
CA UNK D 103 28.06 21.65 -44.02
C UNK D 103 29.42 21.29 -44.53
N UNK D 104 29.90 20.12 -44.07
CA UNK D 104 31.14 19.57 -44.57
C UNK D 104 30.87 18.82 -45.84
N UNK D 105 31.84 18.87 -46.75
CA UNK D 105 31.71 18.13 -48.00
C UNK D 105 32.09 16.69 -47.82
N UNK D 106 31.23 15.92 -47.15
CA UNK D 106 31.56 14.55 -46.91
C UNK D 106 31.53 13.85 -48.24
N UNK D 107 32.47 12.95 -48.43
CA UNK D 107 32.56 12.13 -49.63
C UNK D 107 33.24 10.86 -49.24
N UNK D 108 33.02 9.75 -50.00
CA UNK D 108 33.58 8.39 -49.85
C UNK D 108 34.34 8.17 -48.52
N UNK E 1 10.23 2.24 -34.59
CA UNK E 1 10.14 2.76 -33.24
C UNK E 1 10.07 4.30 -33.31
N UNK E 2 8.85 4.88 -33.17
CA UNK E 2 8.55 6.33 -33.21
C UNK E 2 9.11 7.01 -34.47
N UNK E 3 8.94 6.33 -35.59
CA UNK E 3 9.37 6.79 -36.90
C UNK E 3 8.44 7.87 -37.39
N UNK E 4 8.90 8.72 -38.30
CA UNK E 4 8.02 9.75 -38.82
C UNK E 4 8.24 9.95 -40.30
N UNK E 5 7.21 10.42 -40.96
CA UNK E 5 7.20 10.72 -42.39
C UNK E 5 6.35 11.94 -42.68
N UNK E 6 6.34 12.38 -43.93
CA UNK E 6 5.48 13.52 -44.31
C UNK E 6 4.41 13.04 -45.29
N UNK E 7 3.31 13.79 -45.43
CA UNK E 7 2.26 13.41 -46.40
C UNK E 7 2.83 13.50 -47.81
N UNK E 8 2.45 12.58 -48.70
CA UNK E 8 3.00 12.57 -50.07
C UNK E 8 2.20 13.55 -50.93
N UNK E 9 2.39 14.85 -50.70
CA UNK E 9 1.64 15.89 -51.45
C UNK E 9 2.62 16.82 -52.16
N UNK E 10 2.37 17.13 -53.44
CA UNK E 10 3.23 18.10 -54.16
C UNK E 10 2.53 19.47 -54.14
N UNK E 11 3.24 20.52 -53.72
CA UNK E 11 2.59 21.84 -53.56
C UNK E 11 3.16 22.84 -54.58
N UNK E 12 2.29 23.52 -55.31
CA UNK E 12 2.73 24.57 -56.27
C UNK E 12 1.75 25.73 -56.19
N UNK E 13 1.28 26.06 -54.98
CA UNK E 13 0.31 27.11 -54.80
C UNK E 13 0.74 28.30 -55.61
N UNK E 14 -0.23 29.04 -56.12
CA UNK E 14 0.08 30.29 -56.78
C UNK E 14 0.73 31.18 -55.75
N UNK E 15 1.58 32.12 -56.17
CA UNK E 15 2.25 32.96 -55.17
C UNK E 15 1.29 33.69 -54.23
N UNK E 16 0.10 34.03 -54.70
CA UNK E 16 -0.86 34.74 -53.87
C UNK E 16 -1.70 33.78 -53.01
N UNK E 17 -1.47 32.48 -53.14
CA UNK E 17 -2.23 31.43 -52.46
C UNK E 17 -1.44 30.73 -51.36
N UNK E 18 -2.16 30.21 -50.38
CA UNK E 18 -1.58 29.43 -49.31
C UNK E 18 -1.27 28.01 -49.74
N UNK E 19 -0.40 27.35 -48.99
CA UNK E 19 -0.07 25.94 -49.18
C UNK E 19 0.09 25.28 -47.83
N UNK E 20 -0.10 23.97 -47.81
CA UNK E 20 0.06 23.24 -46.58
C UNK E 20 0.52 21.83 -46.82
N UNK E 21 1.10 21.24 -45.79
CA UNK E 21 1.55 19.87 -45.84
C UNK E 21 1.35 19.19 -44.51
N UNK E 22 1.04 17.90 -44.55
CA UNK E 22 0.87 17.12 -43.33
C UNK E 22 2.13 16.34 -42.99
N UNK E 23 2.34 16.17 -41.69
CA UNK E 23 3.43 15.34 -41.18
C UNK E 23 2.84 14.05 -40.60
N UNK E 24 3.26 12.94 -41.18
CA UNK E 24 2.78 11.63 -40.80
C UNK E 24 3.63 11.13 -39.63
N UNK E 25 3.51 11.85 -38.53
CA UNK E 25 4.27 11.63 -37.30
C UNK E 25 3.43 10.89 -36.25
N UNK E 26 2.27 10.43 -36.69
CA UNK E 26 1.24 9.78 -35.89
C UNK E 26 1.70 8.51 -35.19
N UNK E 27 2.85 7.98 -35.60
CA UNK E 27 3.44 6.78 -35.03
C UNK E 27 3.67 6.92 -33.52
N UNK E 28 3.93 8.12 -33.03
CA UNK E 28 4.16 8.28 -31.61
C UNK E 28 3.75 9.65 -31.12
N UNK E 29 3.42 9.73 -29.84
CA UNK E 29 3.06 11.01 -29.28
C UNK E 29 4.31 11.79 -28.96
N UNK E 30 4.93 12.31 -30.01
CA UNK E 30 6.19 13.03 -29.95
C UNK E 30 6.13 14.27 -29.06
N UNK E 31 4.96 14.92 -28.96
CA UNK E 31 4.90 16.14 -28.14
C UNK E 31 5.97 17.10 -28.60
N UNK E 32 6.07 17.24 -29.92
CA UNK E 32 7.05 18.05 -30.58
C UNK E 32 6.53 18.52 -31.92
N UNK E 33 7.19 19.54 -32.44
CA UNK E 33 6.98 20.12 -33.77
C UNK E 33 8.12 21.08 -34.04
N UNK E 34 8.21 21.57 -35.25
CA UNK E 34 9.21 22.56 -35.62
C UNK E 34 8.84 23.16 -36.95
N UNK E 35 9.55 24.21 -37.34
CA UNK E 35 9.34 24.78 -38.65
C UNK E 35 10.65 25.01 -39.37
N UNK E 36 11.41 23.92 -39.56
CA UNK E 36 12.71 23.94 -40.23
C UNK E 36 12.44 23.99 -41.69
N UNK E 37 13.28 24.64 -42.49
CA UNK E 37 13.01 24.48 -43.90
C UNK E 37 14.29 24.46 -44.71
N UNK E 38 14.48 23.34 -45.42
CA UNK E 38 15.65 23.05 -46.23
C UNK E 38 15.67 23.80 -47.53
N UNK E 39 16.86 24.17 -48.01
CA UNK E 39 16.94 24.84 -49.29
C UNK E 39 18.19 24.41 -50.01
N UNK E 40 18.24 24.64 -51.33
CA UNK E 40 19.38 24.17 -52.12
C UNK E 40 20.72 24.66 -51.61
N UNK E 41 20.75 25.86 -51.06
CA UNK E 41 22.01 26.40 -50.56
C UNK E 41 21.96 26.67 -49.07
N UNK E 42 21.14 25.94 -48.32
CA UNK E 42 21.10 26.25 -46.89
C UNK E 42 20.65 25.09 -45.97
N UNK E 43 21.14 25.19 -44.74
CA UNK E 43 20.74 24.30 -43.67
C UNK E 43 19.29 24.55 -43.33
N UNK E 44 18.59 23.51 -42.91
CA UNK E 44 17.18 23.66 -42.60
C UNK E 44 16.95 24.27 -41.23
N UNK E 45 17.17 25.56 -41.14
CA UNK E 45 16.98 26.31 -39.90
C UNK E 45 15.48 26.48 -39.65
N UNK E 46 15.06 26.44 -38.38
CA UNK E 46 13.65 26.62 -38.02
C UNK E 46 13.30 27.93 -37.40
N UNK E 47 12.03 28.30 -37.62
CA UNK E 47 11.42 29.48 -37.00
C UNK E 47 10.24 29.08 -36.10
N UNK E 48 10.24 27.83 -35.66
CA UNK E 48 9.26 27.35 -34.71
C UNK E 48 9.80 26.17 -33.94
N UNK E 49 9.30 26.01 -32.72
CA UNK E 49 9.61 24.87 -31.86
C UNK E 49 8.33 24.44 -31.15
N UNK E 50 7.90 23.21 -31.39
CA UNK E 50 6.63 22.70 -30.87
C UNK E 50 5.51 23.65 -31.30
N UNK E 51 5.64 24.17 -32.52
CA UNK E 51 4.74 25.12 -33.18
C UNK E 51 4.69 26.48 -32.48
N UNK E 52 5.59 26.75 -31.52
CA UNK E 52 5.69 28.05 -30.91
C UNK E 52 6.60 28.89 -31.77
N UNK E 53 6.34 30.18 -31.86
CA UNK E 53 7.23 31.01 -32.67
C UNK E 53 8.65 30.95 -32.12
N UNK E 54 9.61 30.92 -33.04
CA UNK E 54 11.02 30.87 -32.69
C UNK E 54 11.81 31.64 -33.71
N UNK E 55 13.10 31.83 -33.44
CA UNK E 55 13.99 32.63 -34.28
C UNK E 55 13.57 34.09 -34.21
N UNK E 56 13.08 34.68 -35.29
CA UNK E 56 12.72 36.10 -35.21
C UNK E 56 11.58 36.46 -36.16
N UNK E 57 10.95 37.60 -35.83
CA UNK E 57 9.84 38.21 -36.57
C UNK E 57 8.55 37.42 -36.35
N UNK E 58 7.44 37.98 -36.80
CA UNK E 58 6.15 37.33 -36.62
C UNK E 58 6.04 36.09 -37.48
N UNK E 59 5.33 35.08 -36.95
CA UNK E 59 5.04 33.88 -37.72
C UNK E 59 3.82 34.16 -38.59
N UNK E 60 3.99 35.10 -39.50
CA UNK E 60 2.95 35.60 -40.39
C UNK E 60 2.45 34.53 -41.33
N UNK E 61 3.35 33.65 -41.75
CA UNK E 61 3.03 32.58 -42.68
C UNK E 61 3.84 31.36 -42.30
N UNK E 62 3.67 30.92 -41.07
CA UNK E 62 4.42 29.78 -40.56
C UNK E 62 3.58 29.04 -39.52
N UNK E 63 2.40 28.59 -39.93
CA UNK E 63 1.48 27.92 -39.04
C UNK E 63 1.93 26.49 -38.81
N UNK E 64 1.68 25.96 -37.63
CA UNK E 64 1.95 24.55 -37.40
C UNK E 64 1.11 23.96 -36.29
N UNK E 65 0.86 22.67 -36.42
CA UNK E 65 0.20 21.86 -35.42
C UNK E 65 1.29 21.16 -34.64
N UNK E 66 1.03 20.87 -33.37
CA UNK E 66 2.03 20.18 -32.58
C UNK E 66 1.43 19.32 -31.50
N UNK E 67 2.21 18.33 -31.09
CA UNK E 67 1.89 17.48 -29.96
C UNK E 67 0.55 16.78 -30.04
N UNK E 68 0.18 16.32 -31.23
CA UNK E 68 -1.05 15.58 -31.42
C UNK E 68 -0.74 14.27 -32.11
N UNK E 69 0.52 13.85 -31.97
CA UNK E 69 1.11 12.69 -32.63
C UNK E 69 1.26 13.08 -34.10
N UNK E 70 0.15 13.28 -34.78
CA UNK E 70 0.11 13.81 -36.12
C UNK E 70 0.42 15.29 -36.05
N UNK E 71 0.95 15.86 -37.12
CA UNK E 71 1.23 17.29 -37.15
C UNK E 71 1.11 17.78 -38.56
N UNK E 72 1.05 19.09 -38.73
CA UNK E 72 0.91 19.71 -40.05
C UNK E 72 1.44 21.13 -40.03
N UNK E 73 1.72 21.68 -41.20
CA UNK E 73 2.17 23.07 -41.27
C UNK E 73 1.63 23.77 -42.51
N UNK E 74 1.53 25.10 -42.42
CA UNK E 74 0.98 25.87 -43.53
C UNK E 74 1.51 27.30 -43.62
N UNK E 75 1.42 27.84 -44.83
CA UNK E 75 1.84 29.22 -45.01
C UNK E 75 0.99 29.93 -46.05
N UNK E 76 0.75 31.22 -45.77
CA UNK E 76 0.05 32.12 -46.67
C UNK E 76 0.99 32.53 -47.76
N UNK E 77 0.46 32.80 -48.95
CA UNK E 77 1.28 33.25 -50.06
C UNK E 77 2.49 32.34 -50.24
N UNK E 78 2.26 31.05 -50.27
CA UNK E 78 3.30 30.08 -50.41
C UNK E 78 3.89 30.21 -51.81
N UNK E 79 5.19 30.09 -51.96
CA UNK E 79 5.73 30.26 -53.29
C UNK E 79 7.10 29.63 -53.49
N UNK E 80 7.42 29.44 -54.76
CA UNK E 80 8.74 29.01 -55.23
C UNK E 80 9.80 29.99 -54.75
N UNK E 81 9.36 31.23 -54.53
CA UNK E 81 10.19 32.32 -54.05
C UNK E 81 10.73 32.01 -52.65
N UNK E 82 9.94 31.32 -51.80
CA UNK E 82 10.41 30.96 -50.47
C UNK E 82 11.48 29.90 -50.66
N UNK E 83 11.23 29.06 -51.66
CA UNK E 83 12.13 28.01 -52.10
C UNK E 83 12.62 27.08 -51.00
N UNK E 84 11.75 26.58 -50.13
CA UNK E 84 12.27 25.70 -49.11
C UNK E 84 11.28 24.63 -48.67
N UNK E 85 11.81 23.51 -48.22
CA UNK E 85 10.99 22.40 -47.77
C UNK E 85 10.90 22.29 -46.26
N UNK E 86 9.69 22.51 -45.74
CA UNK E 86 9.40 22.54 -44.31
C UNK E 86 9.64 21.19 -43.65
N UNK E 87 10.14 21.16 -42.42
CA UNK E 87 10.46 19.90 -41.75
C UNK E 87 10.47 20.01 -40.21
N UNK E 88 10.39 18.86 -39.54
CA UNK E 88 10.48 18.90 -38.08
C UNK E 88 11.06 17.66 -37.42
N UNK E 89 11.75 17.90 -36.31
CA UNK E 89 12.31 16.86 -35.46
C UNK E 89 11.25 16.30 -34.52
N UNK E 90 11.39 15.04 -34.17
CA UNK E 90 10.49 14.43 -33.20
C UNK E 90 10.86 14.83 -31.78
N UNK E 91 12.10 15.27 -31.61
CA UNK E 91 12.66 15.63 -30.32
C UNK E 91 12.40 14.51 -29.32
N UNK E 92 12.67 13.27 -29.74
CA UNK E 92 12.44 12.08 -28.93
C UNK E 92 13.44 11.01 -29.28
N UNK E 93 13.70 10.11 -28.35
CA UNK E 93 14.62 9.01 -28.59
C UNK E 93 13.86 7.74 -28.85
N UNK E 94 14.43 6.86 -29.67
CA UNK E 94 13.80 5.59 -29.95
C UNK E 94 14.78 4.59 -30.50
N UNK E 95 14.40 3.31 -30.41
CA UNK E 95 15.21 2.25 -31.05
C UNK E 95 14.90 2.28 -32.54
N UNK E 96 15.43 3.28 -33.26
CA UNK E 96 15.17 3.47 -34.68
C UNK E 96 16.39 3.98 -35.44
N UNK E 97 16.42 3.65 -36.73
CA UNK E 97 17.49 4.01 -37.66
C UNK E 97 17.30 5.36 -38.35
N UNK E 98 16.20 6.10 -38.10
CA UNK E 98 16.05 7.34 -38.90
C UNK E 98 15.24 8.44 -38.19
N UNK E 99 15.40 9.71 -38.59
CA UNK E 99 14.72 10.86 -37.93
C UNK E 99 14.70 12.10 -38.83
N UNK E 100 14.01 13.17 -38.40
CA UNK E 100 13.94 14.48 -39.11
C UNK E 100 12.70 14.66 -39.99
N UNK E 101 11.88 13.64 -40.21
CA UNK E 101 10.59 13.84 -40.91
C UNK E 101 10.67 14.18 -42.39
N UNK E 102 11.78 13.92 -43.10
CA UNK E 102 11.89 14.36 -44.52
C UNK E 102 11.68 15.88 -44.65
N UNK E 103 10.84 16.36 -45.59
CA UNK E 103 10.53 17.83 -45.64
C UNK E 103 9.65 18.18 -46.86
N UNK E 104 8.74 19.17 -46.73
CA UNK E 104 7.82 19.54 -47.82
C UNK E 104 7.82 21.02 -48.21
N UNK E 105 8.04 21.26 -49.51
CA UNK E 105 8.08 22.57 -50.19
C UNK E 105 6.85 22.86 -51.02
N UNK E 106 6.71 24.14 -51.38
CA UNK E 106 5.64 24.58 -52.27
C UNK E 106 6.18 25.58 -53.30
N UNK E 107 5.69 25.50 -54.55
CA UNK E 107 6.00 26.39 -55.67
C UNK E 107 4.91 27.46 -55.81
N GLY F 1 -6.29 -0.23 7.84
CA GLY F 1 -5.75 0.65 6.85
C GLY F 1 -4.98 1.82 7.47
N THR F 2 -5.49 3.07 7.31
CA THR F 2 -4.76 4.27 7.78
C THR F 2 -5.67 5.07 8.71
N PHE F 3 -5.12 6.02 9.48
CA PHE F 3 -5.98 6.75 10.43
C PHE F 3 -7.03 7.60 9.75
N THR F 4 -8.19 7.68 10.39
CA THR F 4 -9.31 8.49 9.92
C THR F 4 -9.95 9.39 10.97
N TRP F 5 -9.69 9.17 12.24
CA TRP F 5 -10.41 9.93 13.26
C TRP F 5 -10.10 11.40 13.20
N THR F 6 -11.15 12.19 13.26
CA THR F 6 -11.05 13.62 13.23
C THR F 6 -11.23 14.15 14.62
N LEU F 7 -10.30 14.99 15.06
CA LEU F 7 -10.39 15.52 16.40
C LEU F 7 -11.67 16.31 16.52
N SER F 8 -12.45 16.04 17.57
CA SER F 8 -13.74 16.70 17.76
C SER F 8 -13.70 17.87 18.75
N ASP F 9 -13.97 19.11 18.25
CA ASP F 9 -13.98 20.40 18.97
C ASP F 9 -14.22 21.50 17.95
N GLY F 17 -10.00 27.67 15.22
CA GLY F 17 -10.07 26.26 15.53
C GLY F 17 -8.96 25.86 16.52
N GLY F 18 -8.07 24.95 16.11
CA GLY F 18 -6.95 24.41 16.89
C GLY F 18 -7.45 23.31 17.82
N TYR F 19 -6.65 22.99 18.82
CA TYR F 19 -6.98 21.93 19.76
C TYR F 19 -6.29 22.21 21.09
N CYS F 20 -6.96 21.93 22.23
CA CYS F 20 -6.42 22.16 23.57
C CYS F 20 -6.36 20.88 24.40
N LEU F 21 -5.32 20.79 25.20
CA LEU F 21 -5.13 19.75 26.18
C LEU F 21 -5.40 20.33 27.55
N THR F 22 -6.40 19.79 28.22
CA THR F 22 -6.79 20.32 29.50
C THR F 22 -5.86 19.94 30.60
N ARG F 23 -6.09 20.49 31.76
CA ARG F 23 -5.17 20.26 32.87
C ARG F 23 -5.09 18.82 33.29
N TRP F 24 -6.15 18.07 33.12
CA TRP F 24 -6.13 16.69 33.56
C TRP F 24 -5.29 15.83 32.66
N MET F 25 -5.03 16.30 31.45
CA MET F 25 -4.29 15.54 30.47
C MET F 25 -2.81 15.81 30.55
N LEU F 26 -2.38 16.71 31.42
CA LEU F 26 -0.98 17.08 31.47
C LEU F 26 -0.36 16.87 32.84
N ILE F 27 0.92 16.53 32.85
CA ILE F 27 1.59 16.38 34.13
C ILE F 27 2.05 17.70 34.66
N GLU F 28 1.61 18.03 35.87
CA GLU F 28 1.99 19.26 36.54
C GLU F 28 1.83 20.48 35.65
N ALA F 29 0.70 20.58 34.97
CA ALA F 29 0.51 21.70 34.07
C ALA F 29 -0.93 22.06 33.88
N GLU F 30 -1.12 23.29 33.48
CA GLU F 30 -2.39 23.90 33.14
C GLU F 30 -2.69 23.70 31.67
N LEU F 31 -3.83 24.22 31.24
CA LEU F 31 -4.30 24.11 29.87
C LEU F 31 -3.30 24.66 28.84
N LYS F 32 -3.05 23.85 27.81
CA LYS F 32 -2.17 24.24 26.69
C LYS F 32 -2.95 24.12 25.39
N CYS F 33 -2.86 25.14 24.50
CA CYS F 33 -3.57 25.17 23.22
C CYS F 33 -2.63 25.39 22.05
N PHE F 34 -2.88 24.62 21.00
CA PHE F 34 -2.12 24.71 19.77
C PHE F 34 -3.05 25.18 18.66
N GLY F 35 -2.54 25.99 17.74
CA GLY F 35 -3.41 26.49 16.68
C GLY F 35 -3.57 25.53 15.52
N ASN F 36 -4.34 25.94 14.52
CA ASN F 36 -4.62 25.10 13.37
C ASN F 36 -3.42 24.78 12.52
N THR F 37 -2.45 25.66 12.44
CA THR F 37 -1.34 25.34 11.57
C THR F 37 -0.64 24.08 12.03
N ALA F 38 -0.42 23.97 13.33
CA ALA F 38 0.21 22.78 13.88
C ALA F 38 -0.76 21.61 13.93
N VAL F 39 -2.01 21.84 14.31
CA VAL F 39 -2.94 20.74 14.46
C VAL F 39 -3.21 20.06 13.13
N ALA F 40 -3.32 20.85 12.07
CA ALA F 40 -3.59 20.37 10.73
C ALA F 40 -2.57 19.36 10.25
N LYS F 41 -1.36 19.41 10.78
CA LYS F 41 -0.35 18.47 10.35
C LYS F 41 -0.71 17.02 10.72
N CYS F 42 -1.57 16.82 11.76
CA CYS F 42 -1.99 15.53 12.28
C CYS F 42 -2.95 14.88 11.30
N ASN F 43 -3.43 15.63 10.32
CA ASN F 43 -4.33 15.05 9.37
C ASN F 43 -3.60 14.55 8.14
N GLU F 44 -2.27 14.75 8.06
CA GLU F 44 -1.53 14.28 6.91
C GLU F 44 -0.30 13.43 7.21
N LYS F 45 0.42 13.71 8.30
CA LYS F 45 1.63 12.95 8.56
C LYS F 45 1.32 11.66 9.30
N HIS F 46 2.12 10.63 9.02
CA HIS F 46 1.98 9.30 9.62
C HIS F 46 3.03 8.97 10.66
N ASP F 47 3.98 9.86 10.86
CA ASP F 47 5.09 9.63 11.75
C ASP F 47 5.20 10.56 12.95
N GLU F 48 4.09 11.14 13.39
CA GLU F 48 4.11 12.05 14.53
C GLU F 48 3.50 11.43 15.78
N GLU F 49 4.35 11.08 16.76
CA GLU F 49 3.85 10.42 17.94
C GLU F 49 2.88 11.28 18.71
N PHE F 50 3.12 12.58 18.71
CA PHE F 50 2.25 13.50 19.42
C PHE F 50 0.81 13.42 18.91
N CYS F 51 0.62 13.44 17.57
CA CYS F 51 -0.67 13.39 16.89
C CYS F 51 -1.39 12.08 17.20
N ASP F 52 -0.66 10.97 17.29
CA ASP F 52 -1.37 9.75 17.63
C ASP F 52 -1.88 9.82 19.05
N MET F 53 -1.09 10.37 19.97
CA MET F 53 -1.60 10.49 21.32
C MET F 53 -2.75 11.46 21.38
N LEU F 54 -2.70 12.49 20.55
CA LEU F 54 -3.71 13.51 20.55
C LEU F 54 -5.04 12.87 20.18
N ARG F 55 -5.02 11.95 19.22
CA ARG F 55 -6.24 11.23 18.86
C ARG F 55 -6.71 10.30 19.98
N LEU F 56 -5.83 9.62 20.69
CA LEU F 56 -6.33 8.75 21.76
C LEU F 56 -7.01 9.56 22.85
N PHE F 57 -6.47 10.73 23.17
CA PHE F 57 -7.09 11.56 24.20
C PHE F 57 -8.43 12.07 23.74
N ASP F 58 -8.54 12.45 22.47
CA ASP F 58 -9.78 12.96 21.97
C ASP F 58 -10.83 11.86 21.89
N PHE F 59 -10.41 10.66 21.52
CA PHE F 59 -11.31 9.54 21.43
C PHE F 59 -11.91 9.23 22.77
N ASN F 60 -11.05 9.15 23.79
CA ASN F 60 -11.49 8.86 25.14
C ASN F 60 -12.50 9.90 25.58
N LYS F 61 -12.21 11.18 25.33
CA LYS F 61 -13.12 12.22 25.74
C LYS F 61 -14.51 12.03 25.12
N GLN F 62 -14.55 11.73 23.82
CA GLN F 62 -15.85 11.55 23.18
C GLN F 62 -16.53 10.27 23.60
N ALA F 63 -15.79 9.19 23.77
CA ALA F 63 -16.43 7.93 24.10
C ALA F 63 -17.12 8.03 25.45
N ILE F 64 -16.50 8.74 26.38
CA ILE F 64 -17.08 8.90 27.70
C ILE F 64 -18.31 9.78 27.65
N GLN F 65 -18.24 10.90 26.95
CA GLN F 65 -19.38 11.79 26.89
C GLN F 65 -20.57 11.24 26.13
N ARG F 66 -20.34 10.47 25.08
CA ARG F 66 -21.43 10.01 24.25
C ARG F 66 -21.99 8.61 24.45
N LEU F 67 -21.21 7.66 24.96
CA LEU F 67 -21.77 6.32 25.12
C LEU F 67 -22.08 6.00 26.56
N LYS F 68 -23.14 5.23 26.75
CA LYS F 68 -23.47 4.72 28.06
C LYS F 68 -22.36 3.86 28.59
N ALA F 69 -21.97 4.10 29.83
CA ALA F 69 -20.95 3.28 30.45
C ALA F 69 -21.62 2.06 31.05
N PRO F 70 -21.18 0.84 30.73
CA PRO F 70 -21.69 -0.39 31.27
C PRO F 70 -21.18 -0.49 32.70
N ALA F 71 -21.88 -1.21 33.57
CA ALA F 71 -21.36 -1.42 34.92
C ALA F 71 -20.05 -2.19 34.92
N GLN F 72 -19.93 -3.12 33.99
CA GLN F 72 -18.73 -3.92 33.84
C GLN F 72 -17.76 -3.25 32.91
N MET F 73 -16.52 -3.09 33.35
CA MET F 73 -15.53 -2.44 32.53
C MET F 73 -15.25 -3.24 31.27
N SER F 74 -15.06 -2.52 30.18
CA SER F 74 -14.82 -3.10 28.88
C SER F 74 -13.86 -2.31 28.03
N ILE F 75 -13.04 -3.05 27.31
CA ILE F 75 -12.04 -2.47 26.43
C ILE F 75 -12.33 -2.84 24.99
N GLN F 76 -13.56 -3.28 24.73
CA GLN F 76 -13.89 -3.67 23.38
C GLN F 76 -14.00 -2.52 22.44
N LEU F 77 -14.36 -1.35 22.93
CA LEU F 77 -14.49 -0.26 22.00
C LEU F 77 -13.14 0.10 21.42
N ILE F 78 -12.10 0.16 22.26
CA ILE F 78 -10.80 0.54 21.75
C ILE F 78 -10.23 -0.54 20.84
N ASN F 79 -10.54 -1.81 21.08
CA ASN F 79 -10.00 -2.80 20.16
C ASN F 79 -10.49 -2.58 18.73
N LYS F 80 -11.66 -1.96 18.56
CA LYS F 80 -12.16 -1.71 17.22
C LYS F 80 -11.73 -0.34 16.74
N ALA F 81 -11.77 0.64 17.62
CA ALA F 81 -11.47 2.01 17.26
C ALA F 81 -10.00 2.28 17.00
N VAL F 82 -9.10 1.53 17.62
CA VAL F 82 -7.67 1.81 17.56
C VAL F 82 -7.06 2.03 16.20
N ASN F 83 -7.45 1.32 15.17
CA ASN F 83 -6.72 1.51 13.94
C ASN F 83 -7.10 2.79 13.24
N ALA F 84 -8.17 3.42 13.68
CA ALA F 84 -8.59 4.67 13.09
C ALA F 84 -7.93 5.81 13.80
N LEU F 85 -7.33 5.51 14.97
CA LEU F 85 -6.82 6.52 15.85
C LEU F 85 -5.33 6.69 15.82
N ILE F 86 -4.59 5.58 15.75
CA ILE F 86 -3.14 5.66 15.80
C ILE F 86 -2.47 4.90 14.68
N ASN F 87 -1.20 5.18 14.42
CA ASN F 87 -0.44 4.41 13.47
C ASN F 87 0.32 3.32 14.22
N ASP F 88 -0.07 2.07 14.07
CA ASP F 88 0.55 1.02 14.84
C ASP F 88 1.98 0.79 14.37
N GLN F 89 2.32 1.32 13.20
CA GLN F 89 3.66 1.15 12.69
C GLN F 89 4.55 2.23 13.21
N LEU F 90 3.99 3.18 13.91
CA LEU F 90 4.82 4.18 14.49
C LEU F 90 5.25 3.58 15.80
N ILE F 91 4.35 2.80 16.40
CA ILE F 91 4.73 2.12 17.63
C ILE F 91 5.81 1.12 17.28
N MET F 92 5.62 0.37 16.18
CA MET F 92 6.63 -0.59 15.79
C MET F 92 7.95 0.09 15.48
N LYS F 93 7.93 1.27 14.85
CA LYS F 93 9.18 1.96 14.58
C LYS F 93 9.94 2.25 15.86
N ASN F 94 9.24 2.75 16.89
CA ASN F 94 9.98 3.06 18.09
C ASN F 94 10.45 1.79 18.78
N HIS F 95 9.70 0.70 18.64
CA HIS F 95 10.12 -0.56 19.20
C HIS F 95 11.40 -1.02 18.52
N LEU F 96 11.46 -0.92 17.19
CA LEU F 96 12.65 -1.35 16.49
C LEU F 96 13.85 -0.49 16.87
N ARG F 97 13.64 0.82 17.03
CA ARG F 97 14.75 1.69 17.39
C ARG F 97 15.27 1.29 18.77
N ASP F 98 14.38 0.92 19.67
CA ASP F 98 14.78 0.52 21.01
C ASP F 98 15.62 -0.75 20.97
N ILE F 99 15.20 -1.78 20.25
CA ILE F 99 15.98 -3.02 20.28
C ILE F 99 17.33 -2.86 19.60
N MET F 100 17.41 -1.95 18.64
CA MET F 100 18.67 -1.68 17.95
C MET F 100 19.63 -0.69 18.63
N CYS F 101 19.31 -0.18 19.86
CA CYS F 101 20.09 0.81 20.65
C CYS F 101 20.12 2.19 19.96
N ILE F 102 19.00 2.56 19.36
CA ILE F 102 18.82 3.83 18.68
C ILE F 102 17.85 4.66 19.53
N PRO F 103 18.11 5.95 19.83
CA PRO F 103 17.22 6.78 20.62
C PRO F 103 15.83 6.72 20.05
N TYR F 104 14.84 6.64 20.94
CA TYR F 104 13.46 6.46 20.50
C TYR F 104 12.45 7.16 21.39
N CYS F 105 11.20 7.27 20.90
CA CYS F 105 10.10 7.91 21.61
C CYS F 105 9.31 6.88 22.43
N ASN F 106 9.18 7.14 23.73
CA ASN F 106 8.32 6.29 24.55
C ASN F 106 6.93 6.93 24.82
N TYR F 107 6.60 8.03 24.07
CA TYR F 107 5.36 8.84 24.03
C TYR F 107 5.05 9.67 25.26
N SER F 108 6.03 9.90 26.10
CA SER F 108 5.89 10.65 27.33
C SER F 108 6.10 12.14 27.20
N LYS F 109 7.35 12.52 27.10
CA LYS F 109 7.76 13.91 27.01
C LYS F 109 7.89 14.34 25.56
N TYR F 110 7.38 15.51 25.27
CA TYR F 110 7.39 16.13 23.97
C TYR F 110 7.95 17.53 24.09
N TRP F 111 8.46 18.05 23.01
CA TRP F 111 8.92 19.42 23.02
C TRP F 111 8.46 20.14 21.81
N TYR F 112 8.36 21.44 21.95
CA TYR F 112 7.93 22.28 20.87
C TYR F 112 8.57 23.63 20.97
N LEU F 113 8.55 24.34 19.88
CA LEU F 113 9.03 25.69 19.92
C LEU F 113 7.86 26.66 20.01
N ASN F 114 8.01 27.68 20.88
CA ASN F 114 7.01 28.71 21.19
C ASN F 114 7.56 30.12 20.89
N HIS F 115 6.94 30.82 19.90
CA HIS F 115 7.38 32.15 19.44
C HIS F 115 7.24 33.17 20.56
N THR F 116 8.29 33.95 20.79
CA THR F 116 8.31 34.86 21.92
C THR F 116 7.40 36.07 21.88
N THR F 117 6.90 36.50 20.70
CA THR F 117 6.01 37.66 20.77
C THR F 117 4.61 37.28 20.34
N THR F 118 4.45 36.17 19.61
CA THR F 118 3.11 35.83 19.13
C THR F 118 2.44 34.67 19.87
N GLY F 119 3.20 33.83 20.55
CA GLY F 119 2.61 32.68 21.21
C GLY F 119 2.33 31.53 20.25
N ARG F 120 2.84 31.62 19.02
CA ARG F 120 2.63 30.59 18.03
C ARG F 120 3.48 29.39 18.37
N THR F 121 2.91 28.20 18.32
CA THR F 121 3.71 27.02 18.60
C THR F 121 3.74 26.02 17.48
N SER F 122 4.81 25.24 17.47
CA SER F 122 5.00 24.14 16.56
C SER F 122 4.26 22.91 17.03
N LEU F 123 4.11 21.94 16.15
CA LEU F 123 3.55 20.69 16.57
C LEU F 123 4.63 20.09 17.45
N PRO F 124 4.35 19.58 18.65
CA PRO F 124 5.31 18.92 19.47
C PRO F 124 5.91 17.70 18.83
N LYS F 125 7.20 17.56 19.03
CA LYS F 125 8.02 16.47 18.58
C LYS F 125 8.30 15.68 19.83
N CYS F 126 8.58 14.37 19.73
CA CYS F 126 8.85 13.56 20.91
C CYS F 126 10.30 13.75 21.41
N TRP F 127 10.43 13.85 22.72
CA TRP F 127 11.75 13.92 23.33
C TRP F 127 12.18 12.47 23.38
N LEU F 128 13.34 12.16 22.85
CA LEU F 128 13.75 10.77 22.79
C LEU F 128 14.47 10.33 24.03
N VAL F 129 14.46 9.03 24.26
CA VAL F 129 15.16 8.44 25.37
C VAL F 129 16.11 7.37 24.89
N SER F 130 17.09 7.10 25.74
CA SER F 130 18.06 6.04 25.51
C SER F 130 18.72 5.64 26.82
N ASN F 131 18.94 4.32 27.02
CA ASN F 131 19.66 3.75 28.17
C ASN F 131 19.05 4.20 29.53
N GLY F 132 17.69 4.29 29.60
CA GLY F 132 16.93 4.65 30.81
C GLY F 132 16.72 6.15 31.06
N SER F 133 17.17 7.03 30.18
CA SER F 133 16.96 8.45 30.44
C SER F 133 16.71 9.28 29.20
N TYR F 134 16.28 10.51 29.42
CA TYR F 134 16.03 11.37 28.30
C TYR F 134 17.33 11.82 27.72
N LEU F 135 17.35 11.99 26.41
CA LEU F 135 18.54 12.51 25.78
C LEU F 135 18.71 13.96 26.15
N ASN F 136 19.96 14.41 26.29
CA ASN F 136 20.32 15.80 26.53
C ASN F 136 19.92 16.62 25.30
N GLU F 137 19.42 17.86 25.50
CA GLU F 137 18.99 18.80 24.43
C GLU F 137 20.05 18.98 23.36
N THR F 138 21.29 19.02 23.80
CA THR F 138 22.43 19.17 22.92
C THR F 138 22.43 18.10 21.84
N HIS F 139 22.09 16.87 22.21
CA HIS F 139 22.20 15.72 21.34
C HIS F 139 21.22 15.76 20.18
N PHE F 140 20.14 16.53 20.29
CA PHE F 140 19.21 16.59 19.18
C PHE F 140 18.96 18.06 18.89
N SER F 141 19.96 18.91 19.21
CA SER F 141 19.80 20.34 19.02
C SER F 141 19.69 20.65 17.55
N ASP F 142 20.19 19.76 16.70
CA ASP F 142 20.10 19.94 15.26
C ASP F 142 18.66 19.83 14.78
N ASP F 143 17.83 19.05 15.47
CA ASP F 143 16.46 18.86 15.04
C ASP F 143 15.66 20.01 15.57
N ILE F 144 16.08 20.53 16.72
CA ILE F 144 15.39 21.67 17.28
C ILE F 144 15.67 22.85 16.36
N GLU F 145 16.93 23.00 15.94
CA GLU F 145 17.30 24.08 15.04
C GLU F 145 16.58 23.95 13.71
N GLN F 146 16.42 22.73 13.19
CA GLN F 146 15.72 22.60 11.93
C GLN F 146 14.27 22.99 12.09
N GLN F 147 13.65 22.64 13.23
CA GLN F 147 12.27 23.02 13.41
C GLN F 147 12.15 24.52 13.53
N ALA F 148 13.11 25.18 14.16
CA ALA F 148 13.02 26.63 14.27
C ALA F 148 13.02 27.25 12.87
N ASP F 149 13.82 26.69 11.95
CA ASP F 149 13.83 27.23 10.59
C ASP F 149 12.57 26.86 9.85
N ASN F 150 12.00 25.71 10.16
CA ASN F 150 10.78 25.34 9.48
C ASN F 150 9.66 26.29 9.90
N MET F 151 9.64 26.70 11.18
CA MET F 151 8.61 27.62 11.65
C MET F 151 8.77 28.97 11.01
N ILE F 152 10.01 29.42 10.87
CA ILE F 152 10.27 30.70 10.26
C ILE F 152 9.83 30.67 8.82
N THR F 153 10.15 29.58 8.13
CA THR F 153 9.80 29.44 6.74
C THR F 153 8.30 29.53 6.55
N GLU F 154 7.52 28.83 7.39
CA GLU F 154 6.07 28.91 7.23
C GLU F 154 5.54 30.31 7.49
N MET F 155 6.10 31.00 8.48
CA MET F 155 5.66 32.35 8.77
C MET F 155 5.96 33.28 7.60
N LEU F 156 7.13 33.14 7.00
CA LEU F 156 7.48 33.98 5.87
C LEU F 156 6.58 33.69 4.70
N GLN F 157 6.24 32.42 4.48
CA GLN F 157 5.40 32.11 3.36
C GLN F 157 4.04 32.76 3.53
N LYS F 158 3.50 32.76 4.76
CA LYS F 158 2.21 33.40 4.95
C LYS F 158 2.29 34.89 4.67
N GLU F 159 3.40 35.52 5.05
CA GLU F 159 3.57 36.94 4.77
C GLU F 159 3.63 37.20 3.25
N TYR F 160 4.28 36.30 2.51
CA TYR F 160 4.39 36.44 1.04
C TYR F 160 3.06 36.15 0.28
N MET F 161 2.21 35.21 0.77
CA MET F 161 0.91 34.80 0.21
C MET F 161 0.01 36.03 0.00
N GLY G 1 -0.56 -0.59 7.91
CA GLY G 1 -1.33 0.59 7.61
C GLY G 1 -0.57 1.51 6.66
N THR G 2 0.35 2.30 7.22
CA THR G 2 1.24 3.23 6.51
C THR G 2 2.64 2.92 6.94
N PHE G 3 3.62 3.36 6.16
CA PHE G 3 5.01 3.09 6.49
C PHE G 3 5.52 4.19 7.38
N THR G 4 6.50 3.86 8.20
CA THR G 4 7.13 4.81 9.08
C THR G 4 8.65 4.85 9.03
N TRP G 5 9.31 3.81 8.50
CA TRP G 5 10.76 3.72 8.55
C TRP G 5 11.46 4.85 7.83
N THR G 6 12.43 5.45 8.49
CA THR G 6 13.20 6.52 7.92
C THR G 6 14.51 5.96 7.42
N LEU G 7 14.83 6.23 6.17
CA LEU G 7 16.05 5.71 5.61
C LEU G 7 17.24 6.39 6.24
N SER G 8 18.30 5.65 6.49
CA SER G 8 19.51 6.27 7.01
C SER G 8 19.99 7.32 6.03
N ASP G 9 20.38 8.49 6.53
CA ASP G 9 20.84 9.58 5.68
C ASP G 9 22.17 9.26 4.99
N SER G 10 22.23 9.38 3.63
CA SER G 10 23.39 9.16 2.71
C SER G 10 24.71 8.77 3.41
N PRO G 16 25.37 13.53 3.23
CA PRO G 16 24.62 14.68 3.73
C PRO G 16 23.40 14.96 2.82
N GLY G 17 22.34 14.14 2.99
CA GLY G 17 21.07 14.18 2.26
C GLY G 17 21.06 13.17 1.12
N GLY G 18 19.88 12.71 0.72
CA GLY G 18 19.80 11.72 -0.34
C GLY G 18 20.10 10.35 0.20
N TYR G 19 20.34 9.45 -0.73
CA TYR G 19 20.57 8.04 -0.42
C TYR G 19 21.43 7.50 -1.54
N CYS G 20 22.32 6.51 -1.27
CA CYS G 20 23.18 5.92 -2.29
C CYS G 20 23.32 4.43 -2.08
N LEU G 21 23.28 3.71 -3.19
CA LEU G 21 23.39 2.28 -3.18
C LEU G 21 24.83 1.90 -3.47
N THR G 22 25.32 0.90 -2.76
CA THR G 22 26.69 0.48 -2.99
C THR G 22 26.79 -0.59 -4.05
N ARG G 23 28.01 -1.02 -4.32
CA ARG G 23 28.22 -1.93 -5.43
C ARG G 23 27.61 -3.29 -5.24
N TRP G 24 27.49 -3.72 -4.01
CA TRP G 24 26.98 -5.04 -3.79
C TRP G 24 25.48 -5.07 -3.92
N MET G 25 24.85 -3.92 -4.02
CA MET G 25 23.42 -3.88 -4.08
C MET G 25 22.90 -3.91 -5.50
N LEU G 26 23.80 -3.79 -6.48
CA LEU G 26 23.36 -3.70 -7.87
C LEU G 26 23.93 -4.79 -8.74
N ILE G 27 23.21 -5.10 -9.79
CA ILE G 27 23.76 -6.11 -10.66
C ILE G 27 24.76 -5.53 -11.61
N GLU G 28 26.01 -5.68 -11.21
CA GLU G 28 27.18 -5.24 -11.97
C GLU G 28 27.12 -3.80 -12.43
N ALA G 29 26.71 -2.89 -11.56
CA ALA G 29 26.63 -1.49 -11.98
C ALA G 29 27.41 -0.56 -11.09
N GLU G 30 28.32 -1.11 -10.31
CA GLU G 30 29.11 -0.33 -9.37
C GLU G 30 28.18 0.46 -8.47
N LEU G 31 28.41 1.75 -8.29
CA LEU G 31 27.58 2.51 -7.36
C LEU G 31 26.75 3.57 -8.03
N LYS G 32 25.57 3.81 -7.46
CA LYS G 32 24.67 4.85 -7.94
C LYS G 32 24.05 5.60 -6.78
N CYS G 33 24.16 6.96 -6.80
CA CYS G 33 23.66 7.84 -5.74
C CYS G 33 22.54 8.68 -6.29
N PHE G 34 21.50 8.87 -5.48
CA PHE G 34 20.36 9.66 -5.85
C PHE G 34 20.25 10.92 -5.01
N GLY G 35 19.84 12.01 -5.64
CA GLY G 35 19.71 13.28 -4.97
C GLY G 35 18.58 13.31 -3.97
N ASN G 36 18.74 14.17 -2.96
CA ASN G 36 17.77 14.31 -1.89
C ASN G 36 16.39 14.71 -2.34
N THR G 37 16.28 15.46 -3.42
CA THR G 37 14.96 15.88 -3.82
C THR G 37 14.15 14.73 -4.42
N ALA G 38 14.83 13.68 -4.87
CA ALA G 38 14.13 12.54 -5.40
C ALA G 38 13.84 11.57 -4.29
N VAL G 39 14.83 11.36 -3.43
CA VAL G 39 14.72 10.40 -2.35
C VAL G 39 13.64 10.80 -1.39
N ALA G 40 13.54 12.09 -1.11
CA ALA G 40 12.57 12.67 -0.18
C ALA G 40 11.14 12.31 -0.56
N LYS G 41 10.88 12.05 -1.83
CA LYS G 41 9.52 11.71 -2.22
C LYS G 41 9.02 10.40 -1.59
N CYS G 42 9.95 9.49 -1.15
CA CYS G 42 9.65 8.20 -0.53
C CYS G 42 9.01 8.39 0.82
N ASN G 43 9.08 9.59 1.38
CA ASN G 43 8.47 9.82 2.67
C ASN G 43 7.03 10.28 2.52
N GLU G 44 6.60 10.54 1.28
CA GLU G 44 5.25 11.01 1.02
C GLU G 44 4.41 9.98 0.27
N LYS G 45 5.03 9.27 -0.67
CA LYS G 45 4.31 8.34 -1.52
C LYS G 45 4.08 6.99 -0.90
N HIS G 46 2.88 6.43 -1.14
CA HIS G 46 2.53 5.07 -0.72
C HIS G 46 2.45 4.12 -1.91
N ASP G 47 2.83 4.59 -3.09
CA ASP G 47 2.72 3.81 -4.29
C ASP G 47 3.99 3.61 -5.13
N GLU G 48 5.17 3.76 -4.53
CA GLU G 48 6.43 3.61 -5.26
C GLU G 48 7.18 2.32 -4.94
N GLU G 49 7.23 1.38 -5.88
CA GLU G 49 7.91 0.12 -5.63
C GLU G 49 9.39 0.32 -5.31
N PHE G 50 10.00 1.31 -5.95
CA PHE G 50 11.42 1.59 -5.72
C PHE G 50 11.72 1.94 -4.26
N CYS G 51 10.89 2.82 -3.65
CA CYS G 51 11.00 3.30 -2.28
C CYS G 51 10.83 2.15 -1.32
N ASP G 52 9.93 1.23 -1.63
CA ASP G 52 9.79 0.11 -0.73
C ASP G 52 11.03 -0.75 -0.76
N MET G 53 11.66 -0.90 -1.93
CA MET G 53 12.88 -1.68 -1.92
C MET G 53 13.97 -0.95 -1.16
N LEU G 54 14.01 0.39 -1.22
CA LEU G 54 15.06 1.08 -0.47
C LEU G 54 14.90 0.80 0.99
N ARG G 55 13.67 0.78 1.48
CA ARG G 55 13.46 0.50 2.87
C ARG G 55 13.85 -0.93 3.24
N LEU G 56 13.57 -1.93 2.41
CA LEU G 56 14.00 -3.29 2.79
C LEU G 56 15.51 -3.39 2.84
N PHE G 57 16.20 -2.75 1.91
CA PHE G 57 17.64 -2.81 1.92
C PHE G 57 18.24 -2.04 3.06
N ASP G 58 17.68 -0.88 3.38
CA ASP G 58 18.23 -0.07 4.46
C ASP G 58 18.02 -0.80 5.76
N PHE G 59 16.89 -1.47 5.91
CA PHE G 59 16.60 -2.23 7.09
C PHE G 59 17.60 -3.35 7.24
N ASN G 60 17.82 -4.09 6.15
CA ASN G 60 18.73 -5.20 6.18
C ASN G 60 20.08 -4.74 6.68
N LYS G 61 20.57 -3.62 6.14
CA LYS G 61 21.84 -3.08 6.55
C LYS G 61 21.87 -2.75 8.02
N GLN G 62 20.84 -2.07 8.53
CA GLN G 62 20.86 -1.70 9.93
C GLN G 62 20.75 -2.90 10.82
N ALA G 63 19.95 -3.89 10.45
CA ALA G 63 19.81 -5.03 11.30
C ALA G 63 21.15 -5.76 11.41
N ILE G 64 21.87 -5.83 10.31
CA ILE G 64 23.16 -6.49 10.30
C ILE G 64 24.20 -5.73 11.09
N GLN G 65 24.28 -4.42 10.92
CA GLN G 65 25.27 -3.64 11.64
C GLN G 65 24.96 -3.40 13.12
N ARG G 66 23.69 -3.33 13.51
CA ARG G 66 23.37 -3.01 14.89
C ARG G 66 22.95 -4.16 15.80
N LEU G 67 22.45 -5.27 15.27
CA LEU G 67 22.04 -6.34 16.16
C LEU G 67 23.06 -7.45 16.18
N LYS G 68 23.22 -8.06 17.34
CA LYS G 68 24.08 -9.21 17.50
C LYS G 68 23.57 -10.32 16.61
N ALA G 69 24.47 -10.94 15.86
CA ALA G 69 24.05 -12.02 15.00
C ALA G 69 23.54 -13.17 15.86
N PRO G 70 22.44 -13.83 15.47
CA PRO G 70 21.86 -14.98 16.12
C PRO G 70 22.69 -16.19 15.78
N ALA G 71 22.55 -17.26 16.54
CA ALA G 71 23.20 -18.51 16.18
C ALA G 71 22.75 -19.04 14.81
N GLN G 72 21.47 -18.86 14.50
CA GLN G 72 20.87 -19.28 13.23
C GLN G 72 20.00 -18.16 12.69
N MET G 73 19.81 -18.11 11.38
CA MET G 73 18.98 -17.05 10.86
C MET G 73 17.57 -17.08 11.40
N SER G 74 17.08 -15.90 11.72
CA SER G 74 15.75 -15.69 12.24
C SER G 74 14.94 -14.82 11.33
N ILE G 75 13.66 -15.13 11.22
CA ILE G 75 12.74 -14.38 10.41
C ILE G 75 11.85 -13.49 11.27
N GLN G 76 11.99 -13.58 12.59
CA GLN G 76 11.09 -12.83 13.43
C GLN G 76 11.24 -11.34 13.22
N LEU G 77 12.47 -10.90 13.03
CA LEU G 77 12.70 -9.49 12.89
C LEU G 77 12.07 -8.95 11.62
N ILE G 78 12.22 -9.65 10.51
CA ILE G 78 11.61 -9.08 9.34
C ILE G 78 10.13 -9.13 9.43
N ASN G 79 9.55 -10.17 10.02
CA ASN G 79 8.10 -10.15 10.03
C ASN G 79 7.60 -8.94 10.82
N LYS G 80 8.24 -8.63 11.95
CA LYS G 80 7.77 -7.52 12.76
C LYS G 80 7.86 -6.21 12.01
N ALA G 81 8.90 -6.06 11.24
CA ALA G 81 9.16 -4.84 10.52
C ALA G 81 8.47 -4.71 9.17
N VAL G 82 7.71 -5.68 8.71
CA VAL G 82 7.27 -5.54 7.33
C VAL G 82 6.41 -4.33 7.07
N ASN G 83 5.45 -4.08 7.91
CA ASN G 83 4.55 -3.00 7.64
C ASN G 83 5.21 -1.65 7.86
N ALA G 84 6.19 -1.59 8.74
CA ALA G 84 6.91 -0.36 8.98
C ALA G 84 7.70 0.03 7.74
N LEU G 85 8.20 -0.99 7.02
CA LEU G 85 9.05 -0.79 5.87
C LEU G 85 8.40 -0.66 4.49
N ILE G 86 7.38 -1.45 4.19
CA ILE G 86 6.81 -1.42 2.84
C ILE G 86 5.29 -1.27 2.79
N ASN G 87 4.73 -0.90 1.65
CA ASN G 87 3.28 -0.91 1.52
C ASN G 87 2.91 -2.25 0.92
N ASP G 88 2.32 -3.15 1.70
CA ASP G 88 2.07 -4.49 1.22
C ASP G 88 1.03 -4.49 0.12
N GLN G 89 0.33 -3.38 -0.05
CA GLN G 89 -0.69 -3.30 -1.06
C GLN G 89 -0.10 -3.08 -2.43
N LEU G 90 1.21 -2.86 -2.50
CA LEU G 90 1.84 -2.81 -3.79
C LEU G 90 2.20 -4.18 -4.24
N ILE G 91 2.15 -5.15 -3.35
CA ILE G 91 2.43 -6.47 -3.78
C ILE G 91 1.10 -6.93 -4.29
N MET G 92 0.05 -6.60 -3.56
CA MET G 92 -1.27 -6.98 -3.99
C MET G 92 -1.59 -6.33 -5.33
N LYS G 93 -1.20 -5.06 -5.53
CA LYS G 93 -1.45 -4.42 -6.80
C LYS G 93 -0.79 -5.10 -7.94
N ASN G 94 0.49 -5.43 -7.79
CA ASN G 94 1.15 -6.04 -8.92
C ASN G 94 0.63 -7.44 -9.13
N HIS G 95 0.18 -8.10 -8.06
CA HIS G 95 -0.43 -9.39 -8.21
C HIS G 95 -1.69 -9.26 -9.05
N LEU G 96 -2.55 -8.29 -8.72
CA LEU G 96 -3.79 -8.13 -9.46
C LEU G 96 -3.51 -7.83 -10.92
N ARG G 97 -2.49 -7.01 -11.18
CA ARG G 97 -2.19 -6.67 -12.56
C ARG G 97 -1.71 -7.90 -13.32
N ASP G 98 -0.95 -8.77 -12.66
CA ASP G 98 -0.49 -9.96 -13.35
C ASP G 98 -1.65 -10.86 -13.71
N ILE G 99 -2.57 -11.09 -12.77
CA ILE G 99 -3.65 -12.02 -13.07
C ILE G 99 -4.63 -11.48 -14.10
N MET G 100 -4.77 -10.16 -14.17
CA MET G 100 -5.67 -9.53 -15.13
C MET G 100 -5.06 -9.30 -16.51
N CYS G 101 -3.82 -9.76 -16.73
CA CYS G 101 -3.10 -9.62 -17.99
C CYS G 101 -2.76 -8.18 -18.37
N ILE G 102 -2.33 -7.37 -17.44
CA ILE G 102 -1.95 -6.01 -17.76
C ILE G 102 -0.51 -5.85 -17.27
N PRO G 103 0.39 -5.07 -17.91
CA PRO G 103 1.78 -4.90 -17.49
C PRO G 103 1.93 -4.51 -16.04
N TYR G 104 2.94 -5.09 -15.40
CA TYR G 104 3.15 -4.88 -13.97
C TYR G 104 4.62 -4.92 -13.56
N CYS G 105 4.92 -4.45 -12.34
CA CYS G 105 6.24 -4.41 -11.76
C CYS G 105 6.59 -5.71 -11.05
N ASN G 106 7.69 -6.34 -11.44
CA ASN G 106 8.13 -7.53 -10.71
C ASN G 106 9.25 -7.22 -9.69
N TYR G 107 9.58 -5.91 -9.49
CA TYR G 107 10.55 -5.28 -8.60
C TYR G 107 12.04 -5.41 -8.90
N SER G 108 12.45 -6.09 -9.98
CA SER G 108 13.91 -6.17 -10.16
C SER G 108 14.53 -5.04 -10.94
N LYS G 109 13.78 -4.40 -11.83
CA LYS G 109 14.40 -3.40 -12.68
C LYS G 109 13.66 -2.11 -12.64
N TYR G 110 14.42 -1.04 -12.58
CA TYR G 110 13.92 0.32 -12.49
C TYR G 110 14.57 1.23 -13.52
N TRP G 111 13.90 2.30 -13.82
CA TRP G 111 14.47 3.29 -14.71
C TRP G 111 14.20 4.69 -14.26
N TYR G 112 15.07 5.57 -14.68
CA TYR G 112 14.96 6.96 -14.32
C TYR G 112 15.54 7.83 -15.36
N LEU G 113 15.16 9.09 -15.30
CA LEU G 113 15.77 10.02 -16.19
C LEU G 113 16.86 10.79 -15.47
N ASN G 114 17.97 11.05 -16.19
CA ASN G 114 19.15 11.78 -15.73
C ASN G 114 19.45 12.96 -16.67
N HIS G 115 19.36 14.22 -16.14
CA HIS G 115 19.59 15.43 -16.95
C HIS G 115 21.09 15.49 -17.23
N THR G 116 21.48 15.63 -18.49
CA THR G 116 22.90 15.52 -18.77
C THR G 116 23.76 16.70 -18.33
N THR G 117 23.19 17.87 -18.03
CA THR G 117 24.09 18.94 -17.62
C THR G 117 24.04 19.20 -16.12
N THR G 118 23.07 18.63 -15.40
CA THR G 118 23.02 18.90 -13.97
C THR G 118 23.37 17.66 -13.16
N GLY G 119 23.20 16.46 -13.75
CA GLY G 119 23.48 15.21 -13.05
C GLY G 119 22.35 14.79 -12.12
N ARG G 120 21.26 15.54 -12.14
CA ARG G 120 20.13 15.26 -11.29
C ARG G 120 19.22 14.23 -11.91
N THR G 121 18.72 13.33 -11.09
CA THR G 121 17.82 12.30 -11.58
C THR G 121 16.48 12.33 -10.90
N SER G 122 15.53 11.74 -11.59
CA SER G 122 14.20 11.52 -11.08
C SER G 122 14.24 10.34 -10.14
N LEU G 123 13.18 10.15 -9.38
CA LEU G 123 13.10 8.96 -8.57
C LEU G 123 12.84 7.87 -9.59
N PRO G 124 13.50 6.71 -9.53
CA PRO G 124 13.25 5.58 -10.39
C PRO G 124 11.86 4.99 -10.28
N LYS G 125 11.36 4.63 -11.44
CA LYS G 125 10.09 3.96 -11.64
C LYS G 125 10.41 2.53 -12.00
N CYS G 126 9.49 1.60 -11.79
CA CYS G 126 9.71 0.20 -12.12
C CYS G 126 9.52 -0.05 -13.62
N TRP G 127 10.42 -0.84 -14.18
CA TRP G 127 10.30 -1.24 -15.57
C TRP G 127 9.31 -2.38 -15.51
N LEU G 128 8.27 -2.32 -16.30
CA LEU G 128 7.21 -3.31 -16.24
C LEU G 128 7.44 -4.46 -17.17
N VAL G 129 6.79 -5.56 -16.87
CA VAL G 129 6.82 -6.73 -17.72
C VAL G 129 5.43 -7.09 -18.16
N SER G 130 5.34 -7.84 -19.25
CA SER G 130 4.06 -8.29 -19.78
C SER G 130 4.07 -9.82 -20.02
N ASN G 131 4.38 -10.31 -21.26
CA ASN G 131 4.33 -11.72 -21.63
C ASN G 131 5.63 -12.43 -21.24
N GLY G 132 5.98 -12.34 -19.94
CA GLY G 132 7.17 -12.93 -19.32
C GLY G 132 8.45 -12.11 -19.51
N SER G 133 8.35 -10.96 -20.16
CA SER G 133 9.51 -10.12 -20.43
C SER G 133 9.18 -8.64 -20.35
N TYR G 134 10.21 -7.83 -20.42
CA TYR G 134 10.08 -6.39 -20.26
C TYR G 134 9.44 -5.69 -21.42
N LEU G 135 8.67 -4.63 -21.12
CA LEU G 135 8.01 -3.84 -22.18
C LEU G 135 9.04 -2.94 -22.87
N ASN G 136 8.62 -2.26 -23.95
CA ASN G 136 9.52 -1.31 -24.66
C ASN G 136 9.40 0.17 -24.33
N GLU G 137 10.47 0.94 -24.50
CA GLU G 137 10.39 2.41 -24.31
C GLU G 137 9.25 2.96 -25.18
N THR G 138 8.82 2.20 -26.18
CA THR G 138 7.74 2.63 -27.03
C THR G 138 6.39 2.15 -26.48
N HIS G 139 6.40 1.30 -25.44
CA HIS G 139 5.18 0.78 -24.83
C HIS G 139 4.82 1.63 -23.62
N PHE G 140 5.84 2.12 -22.91
CA PHE G 140 5.59 2.93 -21.72
C PHE G 140 6.19 4.31 -21.93
N SER G 141 6.15 4.74 -23.18
CA SER G 141 6.68 6.03 -23.59
C SER G 141 5.96 7.16 -22.90
N ASP G 142 4.71 6.93 -22.53
CA ASP G 142 3.93 7.93 -21.84
C ASP G 142 4.49 8.20 -20.46
N ASP G 143 5.08 7.19 -19.81
CA ASP G 143 5.56 7.37 -18.47
C ASP G 143 6.90 8.01 -18.53
N ILE G 144 7.63 7.70 -19.59
CA ILE G 144 8.94 8.31 -19.75
C ILE G 144 8.75 9.78 -19.97
N GLU G 145 7.80 10.14 -20.84
CA GLU G 145 7.56 11.53 -21.09
C GLU G 145 6.99 12.22 -19.86
N GLN G 146 6.17 11.53 -19.05
CA GLN G 146 5.66 12.19 -17.86
C GLN G 146 6.81 12.50 -16.92
N GLN G 147 7.78 11.59 -16.81
CA GLN G 147 8.91 11.86 -15.93
C GLN G 147 9.71 13.03 -16.44
N ALA G 148 9.85 13.15 -17.76
CA ALA G 148 10.59 14.28 -18.28
C ALA G 148 9.88 15.57 -17.94
N ASP G 149 8.55 15.58 -18.04
CA ASP G 149 7.81 16.80 -17.73
C ASP G 149 7.90 17.14 -16.27
N ASN G 150 7.92 16.12 -15.43
CA ASN G 150 7.99 16.37 -14.02
C ASN G 150 9.34 16.97 -13.69
N MET G 151 10.41 16.46 -14.32
CA MET G 151 11.72 17.01 -14.04
C MET G 151 11.83 18.42 -14.52
N ILE G 152 11.22 18.73 -15.67
CA ILE G 152 11.30 20.07 -16.21
C ILE G 152 10.65 21.03 -15.25
N THR G 153 9.49 20.67 -14.72
CA THR G 153 8.82 21.54 -13.80
C THR G 153 9.70 21.80 -12.60
N GLU G 154 10.32 20.74 -12.08
CA GLU G 154 11.19 20.89 -10.93
C GLU G 154 12.43 21.72 -11.22
N MET G 155 13.03 21.58 -12.41
CA MET G 155 14.22 22.35 -12.72
C MET G 155 13.85 23.83 -12.78
N LEU G 156 12.66 24.13 -13.33
CA LEU G 156 12.23 25.51 -13.43
C LEU G 156 11.96 26.10 -12.05
N GLN G 157 11.40 25.29 -11.14
CA GLN G 157 11.15 25.76 -9.79
C GLN G 157 12.48 26.01 -9.08
N LYS G 158 13.47 25.15 -9.31
CA LYS G 158 14.79 25.34 -8.72
C LYS G 158 15.40 26.65 -9.16
N GLU G 159 15.29 26.97 -10.46
CA GLU G 159 15.84 28.22 -10.98
C GLU G 159 15.12 29.41 -10.37
N TYR G 160 13.80 29.31 -10.23
CA TYR G 160 12.99 30.36 -9.60
C TYR G 160 13.41 30.66 -8.14
N MET G 161 13.52 29.60 -7.30
CA MET G 161 13.88 29.67 -5.88
C MET G 161 15.33 30.12 -5.72
N GLY H 1 -2.18 -2.42 3.97
CA GLY H 1 -1.97 -1.13 4.58
C GLY H 1 -2.73 -0.01 3.87
N THR H 2 -2.14 0.56 2.79
CA THR H 2 -2.72 1.74 2.10
C THR H 2 -3.09 1.42 0.68
N PHE H 3 -4.30 1.80 0.29
CA PHE H 3 -4.80 1.51 -1.05
C PHE H 3 -3.85 1.97 -2.14
N THR H 4 -3.73 1.13 -3.16
CA THR H 4 -2.84 1.31 -4.29
C THR H 4 -3.48 1.33 -5.68
N TRP H 5 -4.73 0.90 -5.79
CA TRP H 5 -5.37 0.83 -7.10
C TRP H 5 -5.64 2.22 -7.63
N THR H 6 -5.36 2.44 -8.89
CA THR H 6 -5.67 3.72 -9.49
C THR H 6 -6.77 3.52 -10.47
N LEU H 7 -7.50 4.58 -10.75
CA LEU H 7 -8.61 4.48 -11.65
C LEU H 7 -8.18 4.29 -13.09
N SER H 8 -8.93 3.46 -13.81
CA SER H 8 -8.71 3.20 -15.22
C SER H 8 -9.07 4.41 -16.06
N ASP H 9 -8.68 4.41 -17.33
CA ASP H 9 -8.98 5.54 -18.20
C ASP H 9 -10.45 5.51 -18.57
N SER H 10 -11.17 6.47 -18.02
CA SER H 10 -12.61 6.62 -18.06
C SER H 10 -13.29 6.87 -19.39
N GLU H 11 -12.77 7.78 -20.20
CA GLU H 11 -13.41 8.13 -21.46
C GLU H 11 -12.39 8.70 -22.43
N GLY H 12 -12.65 8.60 -23.73
CA GLY H 12 -11.72 9.12 -24.75
C GLY H 12 -11.92 10.60 -25.09
N LYS H 13 -12.92 11.21 -24.50
CA LYS H 13 -13.25 12.61 -24.75
C LYS H 13 -13.02 13.46 -23.50
N ASP H 14 -13.26 12.88 -22.34
CA ASP H 14 -13.15 13.57 -21.08
C ASP H 14 -11.66 13.65 -20.72
N THR H 15 -11.26 14.61 -19.91
CA THR H 15 -9.86 14.69 -19.52
C THR H 15 -9.46 13.34 -18.93
N PRO H 16 -8.36 12.69 -19.40
CA PRO H 16 -7.86 11.40 -18.95
C PRO H 16 -7.63 11.28 -17.45
N GLY H 17 -7.41 12.40 -16.77
CA GLY H 17 -7.18 12.37 -15.33
C GLY H 17 -8.47 12.44 -14.51
N GLY H 18 -9.61 12.54 -15.20
CA GLY H 18 -10.92 12.65 -14.58
C GLY H 18 -11.56 11.30 -14.47
N TYR H 19 -12.87 11.27 -14.24
CA TYR H 19 -13.55 9.98 -14.14
C TYR H 19 -15.05 10.15 -14.36
N CYS H 20 -15.66 9.28 -15.19
CA CYS H 20 -17.09 9.31 -15.51
C CYS H 20 -17.87 8.19 -14.85
N LEU H 21 -19.00 8.56 -14.32
CA LEU H 21 -19.95 7.61 -13.80
C LEU H 21 -21.03 7.45 -14.83
N THR H 22 -21.10 6.27 -15.40
CA THR H 22 -22.05 6.03 -16.44
C THR H 22 -23.42 5.86 -15.91
N ARG H 23 -24.37 5.75 -16.82
CA ARG H 23 -25.76 5.70 -16.40
C ARG H 23 -26.08 4.49 -15.54
N TRP H 24 -25.34 3.42 -15.71
CA TRP H 24 -25.65 2.22 -14.97
C TRP H 24 -25.13 2.30 -13.55
N MET H 25 -24.31 3.29 -13.26
CA MET H 25 -23.74 3.44 -11.94
C MET H 25 -24.55 4.42 -11.11
N LEU H 26 -25.60 5.00 -11.68
CA LEU H 26 -26.34 6.02 -10.95
C LEU H 26 -27.81 5.71 -10.83
N ILE H 27 -28.40 6.15 -9.74
CA ILE H 27 -29.83 5.97 -9.60
C ILE H 27 -30.59 7.08 -10.27
N GLU H 28 -31.47 6.70 -11.19
CA GLU H 28 -32.31 7.66 -11.91
C GLU H 28 -31.52 8.82 -12.48
N ALA H 29 -30.41 8.54 -13.13
CA ALA H 29 -29.60 9.60 -13.67
C ALA H 29 -28.79 9.16 -14.87
N GLU H 30 -28.41 10.17 -15.64
CA GLU H 30 -27.57 10.08 -16.81
C GLU H 30 -26.10 10.18 -16.46
N LEU H 31 -25.25 10.10 -17.47
CA LEU H 31 -23.80 10.17 -17.31
C LEU H 31 -23.31 11.45 -16.63
N LYS H 32 -22.47 11.28 -15.61
CA LYS H 32 -21.88 12.40 -14.88
C LYS H 32 -20.34 12.28 -14.88
N CYS H 33 -19.61 13.25 -15.46
CA CYS H 33 -18.15 13.24 -15.55
C CYS H 33 -17.53 14.29 -14.66
N PHE H 34 -16.61 13.84 -13.84
CA PHE H 34 -15.90 14.69 -12.91
C PHE H 34 -14.53 14.99 -13.48
N GLY H 35 -14.09 16.24 -13.37
CA GLY H 35 -12.80 16.57 -13.93
C GLY H 35 -11.64 16.06 -13.10
N ASN H 36 -10.45 16.20 -13.67
CA ASN H 36 -9.23 15.71 -13.09
C ASN H 36 -8.80 16.44 -11.85
N THR H 37 -9.28 17.66 -11.66
CA THR H 37 -8.89 18.39 -10.50
C THR H 37 -9.68 17.92 -9.30
N ALA H 38 -10.75 17.16 -9.54
CA ALA H 38 -11.55 16.61 -8.48
C ALA H 38 -11.02 15.23 -8.19
N VAL H 39 -10.89 14.44 -9.25
CA VAL H 39 -10.50 13.05 -9.18
C VAL H 39 -9.10 12.85 -8.65
N ALA H 40 -8.17 13.73 -9.00
CA ALA H 40 -6.80 13.60 -8.55
C ALA H 40 -6.71 13.50 -7.04
N LYS H 41 -7.65 14.09 -6.31
CA LYS H 41 -7.61 14.01 -4.85
C LYS H 41 -7.67 12.56 -4.33
N CYS H 42 -8.21 11.61 -5.13
CA CYS H 42 -8.40 10.21 -4.80
C CYS H 42 -7.06 9.49 -4.76
N ASN H 43 -6.02 10.14 -5.24
CA ASN H 43 -4.70 9.55 -5.18
C ASN H 43 -3.91 10.14 -4.02
N GLU H 44 -4.52 11.04 -3.23
CA GLU H 44 -3.80 11.67 -2.12
C GLU H 44 -4.45 11.52 -0.75
N LYS H 45 -5.77 11.58 -0.66
CA LYS H 45 -6.41 11.58 0.65
C LYS H 45 -6.92 10.20 1.04
N HIS H 46 -6.94 9.93 2.34
CA HIS H 46 -7.39 8.66 2.88
C HIS H 46 -8.71 8.79 3.64
N ASP H 47 -9.37 9.92 3.43
CA ASP H 47 -10.61 10.25 4.14
C ASP H 47 -11.76 10.67 3.22
N GLU H 48 -11.83 10.12 2.01
CA GLU H 48 -12.89 10.50 1.09
C GLU H 48 -13.76 9.32 0.70
N GLU H 49 -14.98 9.25 1.23
CA GLU H 49 -15.85 8.13 0.97
C GLU H 49 -16.17 7.95 -0.50
N PHE H 50 -16.31 9.07 -1.20
CA PHE H 50 -16.62 9.02 -2.62
C PHE H 50 -15.54 8.29 -3.42
N CYS H 51 -14.24 8.60 -3.18
CA CYS H 51 -13.07 8.01 -3.84
C CYS H 51 -13.01 6.52 -3.56
N ASP H 52 -13.32 6.10 -2.33
CA ASP H 52 -13.31 4.67 -2.08
C ASP H 52 -14.37 3.99 -2.92
N MET H 53 -15.54 4.64 -3.06
CA MET H 53 -16.53 4.02 -3.91
C MET H 53 -16.11 4.03 -5.36
N LEU H 54 -15.41 5.08 -5.83
CA LEU H 54 -15.02 5.06 -7.23
C LEU H 54 -14.12 3.90 -7.50
N ARG H 55 -13.21 3.61 -6.57
CA ARG H 55 -12.33 2.49 -6.80
C ARG H 55 -13.10 1.18 -6.77
N LEU H 56 -14.10 1.01 -5.89
CA LEU H 56 -14.83 -0.26 -5.95
C LEU H 56 -15.58 -0.42 -7.26
N PHE H 57 -16.16 0.67 -7.77
CA PHE H 57 -16.88 0.59 -9.04
C PHE H 57 -15.92 0.33 -10.20
N ASP H 58 -14.76 0.96 -10.18
CA ASP H 58 -13.78 0.80 -11.25
C ASP H 58 -13.19 -0.60 -11.21
N PHE H 59 -12.97 -1.10 -10.00
CA PHE H 59 -12.43 -2.43 -9.84
C PHE H 59 -13.36 -3.44 -10.41
N ASN H 60 -14.65 -3.33 -10.05
CA ASN H 60 -15.66 -4.24 -10.54
C ASN H 60 -15.69 -4.19 -12.05
N LYS H 61 -15.70 -2.98 -12.62
CA LYS H 61 -15.72 -2.85 -14.06
C LYS H 61 -14.57 -3.58 -14.72
N GLN H 62 -13.36 -3.43 -14.18
CA GLN H 62 -12.24 -4.12 -14.79
C GLN H 62 -12.28 -5.62 -14.56
N ALA H 63 -12.65 -6.05 -13.36
CA ALA H 63 -12.63 -7.47 -13.07
C ALA H 63 -13.54 -8.27 -13.99
N ILE H 64 -14.70 -7.70 -14.32
CA ILE H 64 -15.63 -8.43 -15.18
C ILE H 64 -15.26 -8.36 -16.66
N GLN H 65 -14.26 -7.56 -17.02
CA GLN H 65 -13.82 -7.44 -18.40
C GLN H 65 -12.54 -8.21 -18.65
N ARG H 66 -11.67 -8.27 -17.65
CA ARG H 66 -10.38 -8.91 -17.83
C ARG H 66 -10.27 -10.34 -17.31
N LEU H 67 -11.12 -10.76 -16.38
CA LEU H 67 -10.98 -12.11 -15.87
C LEU H 67 -12.08 -13.06 -16.33
N LYS H 68 -11.68 -14.30 -16.58
CA LYS H 68 -12.59 -15.40 -16.89
C LYS H 68 -13.60 -15.61 -15.78
N ALA H 69 -14.86 -15.75 -16.14
CA ALA H 69 -15.85 -15.99 -15.10
C ALA H 69 -15.96 -17.49 -14.78
N PRO H 70 -16.11 -17.88 -13.50
CA PRO H 70 -16.37 -19.20 -12.99
C PRO H 70 -17.84 -19.53 -13.23
N ALA H 71 -18.23 -20.81 -13.17
CA ALA H 71 -19.65 -21.15 -13.26
C ALA H 71 -20.47 -20.57 -12.10
N GLN H 72 -19.88 -20.48 -10.91
CA GLN H 72 -20.58 -19.94 -9.76
C GLN H 72 -19.81 -18.74 -9.28
N MET H 73 -20.50 -17.74 -8.76
CA MET H 73 -19.77 -16.58 -8.31
C MET H 73 -18.91 -16.84 -7.10
N SER H 74 -17.72 -16.25 -7.13
CA SER H 74 -16.77 -16.30 -6.06
C SER H 74 -16.46 -14.91 -5.57
N ILE H 75 -16.19 -14.81 -4.28
CA ILE H 75 -15.86 -13.55 -3.67
C ILE H 75 -14.43 -13.55 -3.17
N GLN H 76 -13.66 -14.53 -3.64
CA GLN H 76 -12.26 -14.62 -3.25
C GLN H 76 -11.47 -13.45 -3.76
N LEU H 77 -11.83 -12.93 -4.93
CA LEU H 77 -11.08 -11.82 -5.45
C LEU H 77 -11.25 -10.59 -4.60
N ILE H 78 -12.48 -10.26 -4.23
CA ILE H 78 -12.67 -9.05 -3.45
C ILE H 78 -12.08 -9.19 -2.07
N ASN H 79 -12.09 -10.39 -1.52
CA ASN H 79 -11.54 -10.56 -0.20
C ASN H 79 -10.06 -10.21 -0.17
N LYS H 80 -9.37 -10.28 -1.31
CA LYS H 80 -7.96 -9.94 -1.38
C LYS H 80 -7.75 -8.53 -1.89
N ALA H 81 -8.55 -8.15 -2.88
CA ALA H 81 -8.42 -6.86 -3.53
C ALA H 81 -8.87 -5.69 -2.70
N VAL H 82 -9.82 -5.88 -1.80
CA VAL H 82 -10.38 -4.77 -1.04
C VAL H 82 -9.38 -3.90 -0.33
N ASN H 83 -8.31 -4.47 0.17
CA ASN H 83 -7.37 -3.67 0.91
C ASN H 83 -6.66 -2.68 0.01
N ALA H 84 -6.59 -2.99 -1.28
CA ALA H 84 -5.90 -2.15 -2.22
C ALA H 84 -6.82 -1.05 -2.72
N LEU H 85 -8.12 -1.17 -2.41
CA LEU H 85 -9.13 -0.30 -2.95
C LEU H 85 -9.70 0.72 -1.97
N ILE H 86 -9.96 0.31 -0.74
CA ILE H 86 -10.63 1.21 0.20
C ILE H 86 -9.92 1.35 1.53
N ASN H 87 -10.24 2.39 2.29
CA ASN H 87 -9.69 2.51 3.64
C ASN H 87 -10.70 1.91 4.62
N ASP H 88 -10.41 0.76 5.21
CA ASP H 88 -11.39 0.13 6.07
C ASP H 88 -11.61 0.94 7.33
N GLN H 89 -10.71 1.88 7.60
CA GLN H 89 -10.84 2.69 8.78
C GLN H 89 -11.75 3.85 8.51
N LEU H 90 -12.12 4.04 7.25
CA LEU H 90 -13.03 5.08 6.91
C LEU H 90 -14.37 4.49 7.23
N ILE H 91 -14.49 3.19 6.97
CA ILE H 91 -15.74 2.51 7.29
C ILE H 91 -15.89 2.57 8.80
N MET H 92 -14.80 2.28 9.53
CA MET H 92 -14.88 2.33 10.97
C MET H 92 -15.21 3.72 11.47
N LYS H 93 -14.67 4.77 10.87
CA LYS H 93 -15.03 6.10 11.33
C LYS H 93 -16.53 6.30 11.26
N ASN H 94 -17.15 5.91 10.14
CA ASN H 94 -18.59 6.08 10.02
C ASN H 94 -19.35 5.17 10.96
N HIS H 95 -18.79 4.00 11.24
CA HIS H 95 -19.41 3.13 12.21
C HIS H 95 -19.44 3.77 13.59
N LEU H 96 -18.31 4.31 14.02
CA LEU H 96 -18.23 4.91 15.33
C LEU H 96 -19.12 6.13 15.44
N ARG H 97 -19.21 6.92 14.38
CA ARG H 97 -20.05 8.10 14.45
C ARG H 97 -21.50 7.67 14.65
N ASP H 98 -21.91 6.57 14.01
CA ASP H 98 -23.28 6.11 14.18
C ASP H 98 -23.57 5.69 15.62
N ILE H 99 -22.68 4.91 16.24
CA ILE H 99 -23.03 4.43 17.58
C ILE H 99 -23.03 5.56 18.61
N MET H 100 -22.19 6.57 18.37
CA MET H 100 -22.08 7.74 19.24
C MET H 100 -23.07 8.90 19.01
N CYS H 101 -24.05 8.73 18.07
CA CYS H 101 -25.13 9.66 17.69
C CYS H 101 -24.56 10.92 17.03
N ILE H 102 -23.59 10.70 16.17
CA ILE H 102 -22.94 11.73 15.41
C ILE H 102 -23.35 11.50 13.95
N PRO H 103 -23.79 12.51 13.18
CA PRO H 103 -24.15 12.35 11.79
C PRO H 103 -23.03 11.68 11.05
N TYR H 104 -23.37 10.78 10.15
CA TYR H 104 -22.34 10.01 9.47
C TYR H 104 -22.70 9.65 8.05
N CYS H 105 -21.70 9.17 7.27
CA CYS H 105 -21.89 8.76 5.89
C CYS H 105 -22.28 7.30 5.81
N ASN H 106 -23.40 7.01 5.16
CA ASN H 106 -23.75 5.60 4.94
C ASN H 106 -23.39 5.13 3.51
N TYR H 107 -22.67 5.98 2.73
CA TYR H 107 -22.14 5.82 1.37
C TYR H 107 -23.15 5.78 0.24
N SER H 108 -24.43 6.02 0.50
CA SER H 108 -25.37 5.97 -0.60
C SER H 108 -25.57 7.26 -1.38
N LYS H 109 -25.34 8.39 -0.74
CA LYS H 109 -25.63 9.67 -1.38
C LYS H 109 -24.48 10.63 -1.18
N TYR H 110 -24.19 11.38 -2.22
CA TYR H 110 -23.10 12.35 -2.26
C TYR H 110 -23.56 13.66 -2.82
N TRP H 111 -22.86 14.72 -2.48
CA TRP H 111 -23.15 16.02 -3.05
C TRP H 111 -21.90 16.73 -3.47
N TYR H 112 -22.05 17.60 -4.44
CA TYR H 112 -20.94 18.34 -4.97
C TYR H 112 -21.36 19.66 -5.47
N LEU H 113 -20.39 20.54 -5.61
CA LEU H 113 -20.70 21.81 -6.23
C LEU H 113 -20.28 21.76 -7.67
N ASN H 114 -21.14 22.31 -8.56
CA ASN H 114 -20.96 22.40 -10.02
C ASN H 114 -21.07 23.85 -10.47
N HIS H 115 -19.97 24.41 -11.04
CA HIS H 115 -19.90 25.81 -11.49
C HIS H 115 -20.81 25.99 -12.68
N THR H 116 -21.63 27.04 -12.62
CA THR H 116 -22.66 27.25 -13.61
C THR H 116 -22.22 27.71 -14.99
N THR H 117 -21.00 28.23 -15.17
CA THR H 117 -20.65 28.61 -16.52
C THR H 117 -19.54 27.71 -17.03
N THR H 118 -18.79 27.07 -16.13
CA THR H 118 -17.68 26.24 -16.63
C THR H 118 -17.91 24.74 -16.57
N GLY H 119 -18.84 24.26 -15.75
CA GLY H 119 -19.04 22.81 -15.62
C GLY H 119 -18.01 22.16 -14.70
N ARG H 120 -17.20 22.97 -14.04
CA ARG H 120 -16.20 22.46 -13.13
C ARG H 120 -16.85 22.00 -11.85
N THR H 121 -16.45 20.84 -11.35
CA THR H 121 -17.05 20.38 -10.10
C THR H 121 -16.02 20.06 -9.06
N SER H 122 -16.50 20.01 -7.82
CA SER H 122 -15.72 19.57 -6.69
C SER H 122 -15.74 18.07 -6.65
N LEU H 123 -14.88 17.49 -5.84
CA LEU H 123 -15.02 16.08 -5.62
C LEU H 123 -16.28 16.03 -4.77
N PRO H 124 -17.22 15.10 -4.98
CA PRO H 124 -18.34 14.90 -4.12
C PRO H 124 -17.99 14.51 -2.72
N LYS H 125 -18.73 15.06 -1.78
CA LYS H 125 -18.63 14.79 -0.37
C LYS H 125 -19.83 13.93 -0.06
N CYS H 126 -19.81 13.14 1.02
CA CYS H 126 -20.94 12.30 1.39
C CYS H 126 -22.06 13.11 2.07
N TRP H 127 -23.29 12.80 1.71
CA TRP H 127 -24.44 13.40 2.35
C TRP H 127 -24.61 12.60 3.62
N LEU H 128 -24.66 13.26 4.76
CA LEU H 128 -24.73 12.57 6.03
C LEU H 128 -26.14 12.24 6.45
N VAL H 129 -26.26 11.22 7.28
CA VAL H 129 -27.54 10.83 7.85
C VAL H 129 -27.49 10.86 9.36
N SER H 130 -28.67 10.99 9.94
CA SER H 130 -28.89 10.98 11.39
C SER H 130 -30.35 10.70 11.70
N ASN H 131 -30.63 9.94 12.80
CA ASN H 131 -31.99 9.66 13.31
C ASN H 131 -32.90 9.03 12.22
N GLY H 132 -32.33 8.13 11.38
CA GLY H 132 -33.02 7.38 10.32
C GLY H 132 -33.15 8.09 8.97
N SER H 133 -32.67 9.33 8.85
CA SER H 133 -32.81 10.01 7.56
C SER H 133 -31.66 10.93 7.21
N TYR H 134 -31.81 11.63 6.11
CA TYR H 134 -30.75 12.51 5.65
C TYR H 134 -30.78 13.83 6.38
N LEU H 135 -29.61 14.40 6.58
CA LEU H 135 -29.51 15.73 7.15
C LEU H 135 -30.01 16.75 6.15
N ASN H 136 -30.51 17.90 6.66
CA ASN H 136 -30.97 19.01 5.82
C ASN H 136 -29.75 19.76 5.26
N GLU H 137 -29.95 20.55 4.19
CA GLU H 137 -28.91 21.37 3.56
C GLU H 137 -28.33 22.37 4.55
N THR H 138 -29.22 22.93 5.36
CA THR H 138 -28.89 23.91 6.37
C THR H 138 -27.88 23.32 7.34
N HIS H 139 -28.10 22.09 7.71
CA HIS H 139 -27.35 21.39 8.72
C HIS H 139 -25.88 21.20 8.37
N PHE H 140 -25.54 21.24 7.07
CA PHE H 140 -24.16 21.08 6.70
C PHE H 140 -23.82 22.20 5.74
N SER H 141 -24.52 23.33 5.88
CA SER H 141 -24.29 24.44 4.98
C SER H 141 -22.90 24.99 5.18
N ASP H 142 -22.32 24.73 6.35
CA ASP H 142 -20.96 25.15 6.63
C ASP H 142 -19.96 24.39 5.77
N ASP H 143 -20.28 23.13 5.42
CA ASP H 143 -19.36 22.33 4.65
C ASP H 143 -19.56 22.66 3.19
N ILE H 144 -20.78 23.04 2.83
CA ILE H 144 -21.03 23.40 1.45
C ILE H 144 -20.29 24.71 1.20
N GLU H 145 -20.42 25.65 2.12
CA GLU H 145 -19.75 26.92 1.96
C GLU H 145 -18.24 26.72 1.98
N GLN H 146 -17.72 25.82 2.83
CA GLN H 146 -16.28 25.65 2.82
C GLN H 146 -15.82 25.09 1.49
N GLN H 147 -16.57 24.17 0.91
CA GLN H 147 -16.13 23.64 -0.36
C GLN H 147 -16.22 24.70 -1.44
N ALA H 148 -17.22 25.58 -1.37
CA ALA H 148 -17.32 26.63 -2.37
C ALA H 148 -16.10 27.54 -2.32
N ASP H 149 -15.58 27.80 -1.11
CA ASP H 149 -14.40 28.65 -1.00
C ASP H 149 -13.15 27.89 -1.38
N ASN H 150 -13.15 26.59 -1.17
CA ASN H 150 -11.98 25.83 -1.56
C ASN H 150 -11.91 25.83 -3.09
N MET H 151 -13.06 25.74 -3.78
CA MET H 151 -13.07 25.75 -5.24
C MET H 151 -12.63 27.09 -5.78
N ILE H 152 -13.04 28.17 -5.11
CA ILE H 152 -12.64 29.49 -5.56
C ILE H 152 -11.16 29.64 -5.41
N THR H 153 -10.63 29.20 -4.28
CA THR H 153 -9.21 29.31 -4.02
C THR H 153 -8.42 28.59 -5.09
N GLU H 154 -8.84 27.37 -5.44
CA GLU H 154 -8.12 26.61 -6.45
C GLU H 154 -8.16 27.28 -7.81
N MET H 155 -9.31 27.84 -8.19
CA MET H 155 -9.38 28.51 -9.47
C MET H 155 -8.54 29.77 -9.50
N LEU H 156 -8.48 30.52 -8.40
CA LEU H 156 -7.68 31.72 -8.37
C LEU H 156 -6.21 31.37 -8.50
N GLN H 157 -5.79 30.27 -7.86
CA GLN H 157 -4.41 29.86 -7.94
C GLN H 157 -4.05 29.46 -9.36
N LYS H 158 -4.97 28.77 -10.05
CA LYS H 158 -4.73 28.39 -11.43
C LYS H 158 -4.61 29.63 -12.32
N GLU H 159 -5.48 30.62 -12.12
CA GLU H 159 -5.42 31.83 -12.92
C GLU H 159 -4.12 32.58 -12.68
N TYR H 160 -3.69 32.63 -11.42
CA TYR H 160 -2.42 33.26 -11.05
C TYR H 160 -1.22 32.57 -11.75
N MET H 161 -1.15 31.22 -11.66
CA MET H 161 -0.14 30.33 -12.24
C MET H 161 1.28 30.78 -11.85
#